data_8HWS
#
_entry.id   8HWS
#
_cell.length_a   1.00
_cell.length_b   1.00
_cell.length_c   1.00
_cell.angle_alpha   90.00
_cell.angle_beta   90.00
_cell.angle_gamma   90.00
#
_symmetry.space_group_name_H-M   'P 1'
#
loop_
_entity.id
_entity.type
_entity.pdbx_description
1 polymer "Spike protein S2'"
2 polymer 'BD-604 Fab Heavy chain'
3 polymer 'BD-604 Fab Light chain'
4 polymer 'S304 Fab Heavy Chain'
5 polymer 'S304 Fab Light Chain'
6 polymer 'S309 Fab Heavy Chain'
7 polymer 'S309 Fab Light Chain'
8 branched 2-acetamido-2-deoxy-beta-D-glucopyranose-(1-4)-[alpha-L-fucopyranose-(1-6)]2-acetamido-2-deoxy-beta-D-glucopyranose
#
loop_
_entity_poly.entity_id
_entity_poly.type
_entity_poly.pdbx_seq_one_letter_code
_entity_poly.pdbx_strand_id
1 'polypeptide(L)'
;TNLCPFDEVFNATRFASVYAWNRKRISNCVADYSVLYNFAPFFAFKCYGVSPTKLNDLCFTNVYADSFVIRGNEVSQIAP
GQTGNIADYNYKLPDDFTGCVIAWNSNKLDSKVGGNYNYRYRLFRKSNLKPFERDISTEIYQAGNKPCNGVAGVNCYFPL
QSYGFRPTYGVGHQPYRVVVLSFELLHAPATVCGPK
;
A
2 'polypeptide(L)'
;EVQLVESGGGLIQPGGSLRLSCAASGIIVSSNYMTWVRQAPGKGLEWVSVIYSGGSTFYADSVKGRFTISRDNSKNTLYL
QMSSLRAEDTAVYYCARDLGPYGMDVWGQGTTVTVSSASTKGPSVFPLAPSSKSTSGGTAALGCLVKDYFPEPVTVSWNS
GALTSGVHTFPAVLQSSGLYSLSSVVTVPSSSLGTQTYICNVNHKPSNTKVDKRVEPKSCDKTHTCPPC
;
H
3 'polypeptide(L)'
;DIQLTQSPSFLSASVGDRVTITCRASQGISSDLAWYQQKPGKAPNLLIYAASTLQSGVPSRFSGSGSGTEFTLTISSLQP
EDFATYYCQQLNSDLYTFGQGTKLEIKRTVAAPSVFIFPPSDEQLKSGTASVVCLLNNFYPREAKVQWKVDNALQSGNSQ
ESVTEQDSKDSTYSLSSTLTLSKADYEKHKVYACEVTHQGLSSPVTKSFNRGECS
;
L
4 'polypeptide(L)'
;VQLVESGGGLVQPGGSLRLSCAASGFTFSSYDMHWVRQTTGKGLEWVSTIGTAGDTYYPDSVKGRFTISREDAKNSLYLQ
MNSLRAGDTAVYYCARGDSSGYYYYFDYWGQGTLLTVSSASTKGPSVFPLAPSSKSTSGGTAALGCLVKDYFPEPVTVSW
NSGALTSGVHTFPAVLQSSGLYSLSSVVTVPSSSLGTQTYICNVNHKPSNTKVDKRVEPKSCDKTHTCPPC
;
D
5 'polypeptide(L)'
;DIEMTQSPSSLSAAVGDRVTITCRASQSIGSYLNWYQQKPGKAPKLLIYAASSLQSGVPSRFSGSGSGTDFTLTISSLQP
EDFAIYYCQQSYVSPTYTFGPGTKVDIKRTVAAPSVFIFPPSDEQLKSGTASVVCLLNNFYPREAKVQWKVDNALQSGNS
QESVTEQDSKDSTYSLSSTLTLSKADYEKHKVYACEVTHQGLSSPVTKSFNRGECS
;
E
6 'polypeptide(L)'
;QVQLVQSGAEVKKPGASVKVSCKASGYPFTSYGISWVRQAPGQGLEWMGWISTYNGNTNYAQKFQGRVTMTTDTSTTTGY
MELRRLRSDDTAVYYCARDYTRGAWFGESLIGGFDNWGQGTLVTVSSASTKGPSVFPLAPSSKSTSGGTAALGCLVKDYF
PEPVTVSWNSGALTSGVHTFPAVLQSSGLYSLSSVVTVPSSSLGTQTYICNVNHKPSNTKVDKRVEPKSCDKTHTCPPC
;
I
7 'polypeptide(L)'
;EIVLTQSPGTLSLSPGERATLSCRASQTVSSTSLAWYQQKPGQAPRLLIYGASSRATGIPDRFSGSGSGTDFTLTISRLE
PEDFAVYYCQQHDTSLTFGGGTKVEIKRTVAAPSVFIFPPSDEQLKSGTASVVCLLNNFYPREAKVQWKVDNALQSGNSQ
ESVTEQDSKDSTYSLSSTLTLSKADYEKHKVYACEVTHQGLSSPVTKSFNRGECS
;
J
#
loop_
_chem_comp.id
_chem_comp.type
_chem_comp.name
_chem_comp.formula
FUC L-saccharide, alpha linking alpha-L-fucopyranose 'C6 H12 O5'
NAG D-saccharide, beta linking 2-acetamido-2-deoxy-beta-D-glucopyranose 'C8 H15 N O6'
#
# COMPACT_ATOMS: atom_id res chain seq x y z
N THR A 1 -36.70 -16.47 9.78
CA THR A 1 -35.85 -15.30 9.59
C THR A 1 -34.39 -15.63 9.86
N ASN A 2 -33.60 -15.69 8.80
CA ASN A 2 -32.19 -16.03 8.89
C ASN A 2 -31.35 -14.87 8.39
N LEU A 3 -30.32 -14.51 9.14
CA LEU A 3 -29.35 -13.53 8.69
C LEU A 3 -28.43 -14.14 7.65
N CYS A 4 -27.87 -13.28 6.81
CA CYS A 4 -26.96 -13.76 5.79
C CYS A 4 -25.58 -14.06 6.39
N PRO A 5 -24.89 -15.07 5.88
CA PRO A 5 -23.60 -15.49 6.45
C PRO A 5 -22.39 -14.77 5.86
N PHE A 6 -22.32 -13.45 6.08
CA PHE A 6 -21.18 -12.70 5.58
C PHE A 6 -19.95 -12.91 6.46
N ASP A 7 -20.15 -13.23 7.74
CA ASP A 7 -19.01 -13.52 8.61
C ASP A 7 -18.25 -14.75 8.14
N GLU A 8 -18.96 -15.79 7.71
CA GLU A 8 -18.29 -17.00 7.25
C GLU A 8 -17.52 -16.78 5.96
N VAL A 9 -17.80 -15.70 5.24
CA VAL A 9 -17.04 -15.37 4.04
C VAL A 9 -15.85 -14.47 4.37
N PHE A 10 -16.08 -13.44 5.17
CA PHE A 10 -15.00 -12.51 5.49
C PHE A 10 -14.04 -13.08 6.53
N ASN A 11 -14.53 -13.89 7.46
CA ASN A 11 -13.74 -14.36 8.61
C ASN A 11 -13.30 -15.80 8.45
N ALA A 12 -12.97 -16.23 7.24
CA ALA A 12 -12.57 -17.61 7.02
C ALA A 12 -11.09 -17.82 7.36
N THR A 13 -10.69 -19.08 7.41
CA THR A 13 -9.32 -19.45 7.75
C THR A 13 -8.41 -19.58 6.54
N ARG A 14 -8.89 -20.20 5.47
CA ARG A 14 -8.09 -20.44 4.28
C ARG A 14 -8.79 -19.83 3.07
N PHE A 15 -8.03 -19.12 2.24
CA PHE A 15 -8.56 -18.48 1.04
C PHE A 15 -7.98 -19.14 -0.20
N ALA A 16 -8.81 -19.31 -1.21
CA ALA A 16 -8.43 -20.03 -2.40
C ALA A 16 -7.44 -19.24 -3.24
N SER A 17 -6.77 -19.94 -4.14
CA SER A 17 -5.85 -19.30 -5.08
C SER A 17 -6.62 -18.55 -6.16
N VAL A 18 -5.93 -17.63 -6.83
CA VAL A 18 -6.58 -16.74 -7.77
C VAL A 18 -7.07 -17.51 -9.00
N TYR A 19 -6.33 -18.52 -9.43
CA TYR A 19 -6.72 -19.28 -10.61
C TYR A 19 -7.84 -20.28 -10.33
N ALA A 20 -8.18 -20.50 -9.07
CA ALA A 20 -9.24 -21.42 -8.67
C ALA A 20 -10.14 -20.77 -7.62
N TRP A 21 -10.57 -19.54 -7.91
CA TRP A 21 -11.28 -18.73 -6.92
C TRP A 21 -12.53 -19.42 -6.42
N ASN A 22 -12.92 -19.09 -5.19
CA ASN A 22 -14.03 -19.78 -4.54
C ASN A 22 -15.31 -18.96 -4.69
N ARG A 23 -16.40 -19.64 -5.03
CA ARG A 23 -17.69 -18.99 -5.24
C ARG A 23 -18.73 -19.58 -4.29
N LYS A 24 -19.46 -18.71 -3.61
CA LYS A 24 -20.51 -19.10 -2.68
C LYS A 24 -21.78 -18.35 -3.03
N ARG A 25 -22.91 -19.01 -2.83
CA ARG A 25 -24.21 -18.46 -3.18
C ARG A 25 -24.99 -18.13 -1.92
N ILE A 26 -25.50 -16.92 -1.84
CA ILE A 26 -26.23 -16.42 -0.68
C ILE A 26 -27.64 -16.08 -1.14
N SER A 27 -28.62 -16.72 -0.51
CA SER A 27 -30.02 -16.54 -0.85
C SER A 27 -30.87 -16.90 0.35
N ASN A 28 -32.11 -16.40 0.34
CA ASN A 28 -33.07 -16.66 1.40
C ASN A 28 -32.56 -16.20 2.76
N CYS A 29 -32.10 -14.95 2.82
CA CYS A 29 -31.57 -14.41 4.07
C CYS A 29 -31.76 -12.90 4.08
N VAL A 30 -31.71 -12.34 5.30
CA VAL A 30 -31.84 -10.90 5.50
C VAL A 30 -30.45 -10.31 5.55
N ALA A 31 -30.16 -9.36 4.65
CA ALA A 31 -28.80 -8.85 4.45
C ALA A 31 -28.59 -7.65 5.35
N ASP A 32 -27.83 -7.84 6.42
CA ASP A 32 -27.44 -6.76 7.32
C ASP A 32 -26.03 -6.33 6.95
N TYR A 33 -25.92 -5.17 6.30
CA TYR A 33 -24.63 -4.69 5.79
C TYR A 33 -23.86 -3.87 6.79
N SER A 34 -24.32 -3.79 8.04
CA SER A 34 -23.58 -3.03 9.05
C SER A 34 -22.19 -3.62 9.26
N VAL A 35 -22.05 -4.94 9.11
CA VAL A 35 -20.74 -5.58 9.22
C VAL A 35 -19.77 -5.04 8.18
N LEU A 36 -20.29 -4.48 7.09
CA LEU A 36 -19.46 -3.81 6.10
C LEU A 36 -19.35 -2.31 6.36
N TYR A 37 -20.31 -1.72 7.06
CA TYR A 37 -20.24 -0.29 7.37
C TYR A 37 -19.23 0.02 8.45
N ASN A 38 -18.98 -0.91 9.36
CA ASN A 38 -18.04 -0.69 10.46
C ASN A 38 -16.61 -1.00 10.02
N PHE A 39 -16.36 -2.26 9.63
CA PHE A 39 -15.07 -2.70 9.14
C PHE A 39 -13.91 -2.28 10.03
N ALA A 40 -12.84 -1.85 9.39
CA ALA A 40 -11.56 -1.46 9.95
C ALA A 40 -10.83 -0.75 8.82
N PRO A 41 -9.61 -0.24 9.02
CA PRO A 41 -8.82 0.18 7.85
C PRO A 41 -8.77 -0.92 6.80
N PHE A 42 -9.41 -0.67 5.66
CA PHE A 42 -9.54 -1.64 4.58
C PHE A 42 -9.02 -1.03 3.29
N PHE A 43 -8.29 -1.84 2.52
CA PHE A 43 -7.60 -1.31 1.34
C PHE A 43 -8.59 -0.82 0.29
N ALA A 44 -9.66 -1.57 0.05
CA ALA A 44 -10.59 -1.20 -1.02
C ALA A 44 -12.02 -1.59 -0.66
N PHE A 45 -12.94 -0.66 -0.86
CA PHE A 45 -14.38 -0.87 -0.69
C PHE A 45 -15.13 -0.25 -1.87
N LYS A 46 -14.75 -0.61 -3.09
CA LYS A 46 -15.29 0.07 -4.27
C LYS A 46 -16.52 -0.65 -4.80
N CYS A 47 -17.60 0.10 -5.02
CA CYS A 47 -18.84 -0.45 -5.54
C CYS A 47 -19.15 0.11 -6.93
N TYR A 48 -19.80 -0.70 -7.75
CA TYR A 48 -20.09 -0.38 -9.14
C TYR A 48 -21.55 -0.65 -9.43
N GLY A 49 -22.24 0.33 -10.00
CA GLY A 49 -23.62 0.20 -10.39
C GLY A 49 -24.62 0.55 -9.31
N VAL A 50 -24.18 0.72 -8.06
CA VAL A 50 -25.08 1.04 -6.97
C VAL A 50 -24.25 1.70 -5.87
N SER A 51 -24.89 2.57 -5.10
CA SER A 51 -24.21 3.27 -4.03
C SER A 51 -24.10 2.37 -2.80
N PRO A 52 -23.02 2.48 -2.03
CA PRO A 52 -22.92 1.70 -0.78
C PRO A 52 -24.02 2.02 0.23
N THR A 53 -24.50 3.26 0.24
CA THR A 53 -25.43 3.69 1.27
C THR A 53 -26.83 3.13 1.06
N LYS A 54 -27.19 2.83 -0.19
CA LYS A 54 -28.55 2.39 -0.49
C LYS A 54 -28.71 0.88 -0.43
N LEU A 55 -27.67 0.15 -0.03
CA LEU A 55 -27.72 -1.32 -0.06
C LEU A 55 -28.79 -1.86 0.88
N ASN A 56 -29.01 -1.21 2.01
CA ASN A 56 -30.01 -1.67 2.96
C ASN A 56 -31.44 -1.48 2.46
N ASP A 57 -31.63 -1.02 1.23
CA ASP A 57 -32.97 -0.73 0.71
C ASP A 57 -33.22 -1.39 -0.64
N LEU A 58 -32.40 -2.36 -1.04
CA LEU A 58 -32.57 -3.03 -2.32
C LEU A 58 -32.63 -4.53 -2.12
N CYS A 59 -33.51 -5.18 -2.89
CA CYS A 59 -33.71 -6.62 -2.82
C CYS A 59 -33.13 -7.27 -4.07
N PHE A 60 -32.29 -8.28 -3.88
CA PHE A 60 -31.63 -8.98 -4.97
C PHE A 60 -32.07 -10.43 -5.01
N THR A 61 -32.09 -11.01 -6.22
CA THR A 61 -32.48 -12.40 -6.37
C THR A 61 -31.52 -13.34 -5.65
N ASN A 62 -30.22 -13.12 -5.86
CA ASN A 62 -29.19 -13.90 -5.18
C ASN A 62 -27.90 -13.11 -5.18
N VAL A 63 -26.99 -13.49 -4.28
CA VAL A 63 -25.71 -12.81 -4.14
C VAL A 63 -24.59 -13.83 -4.28
N TYR A 64 -23.55 -13.48 -5.02
CA TYR A 64 -22.39 -14.34 -5.20
C TYR A 64 -21.20 -13.75 -4.49
N ALA A 65 -20.59 -14.52 -3.60
CA ALA A 65 -19.38 -14.12 -2.90
C ALA A 65 -18.22 -14.90 -3.47
N ASP A 66 -17.27 -14.19 -4.08
CA ASP A 66 -16.10 -14.80 -4.69
C ASP A 66 -14.87 -14.38 -3.89
N SER A 67 -14.11 -15.35 -3.40
CA SER A 67 -12.98 -15.12 -2.53
C SER A 67 -11.71 -15.67 -3.14
N PHE A 68 -10.64 -14.87 -3.05
CA PHE A 68 -9.31 -15.31 -3.47
C PHE A 68 -8.26 -14.40 -2.86
N VAL A 69 -7.00 -14.65 -3.21
CA VAL A 69 -5.85 -13.93 -2.65
C VAL A 69 -4.92 -13.56 -3.79
N ILE A 70 -4.51 -12.29 -3.84
CA ILE A 70 -3.59 -11.80 -4.86
C ILE A 70 -2.54 -10.94 -4.17
N ARG A 71 -1.68 -10.28 -4.94
CA ARG A 71 -0.77 -9.30 -4.36
C ARG A 71 -1.31 -7.89 -4.60
N GLY A 72 -0.66 -6.92 -3.94
CA GLY A 72 -1.25 -5.59 -3.83
C GLY A 72 -1.45 -4.91 -5.17
N ASN A 73 -0.40 -4.90 -6.00
CA ASN A 73 -0.47 -4.13 -7.24
C ASN A 73 -1.47 -4.70 -8.23
N GLU A 74 -1.99 -5.90 -7.99
CA GLU A 74 -3.01 -6.49 -8.85
C GLU A 74 -4.42 -6.20 -8.38
N VAL A 75 -4.60 -5.57 -7.22
CA VAL A 75 -5.94 -5.31 -6.71
C VAL A 75 -6.70 -4.39 -7.64
N SER A 76 -5.99 -3.48 -8.32
CA SER A 76 -6.60 -2.58 -9.27
C SER A 76 -7.15 -3.30 -10.49
N GLN A 77 -6.78 -4.57 -10.71
CA GLN A 77 -7.27 -5.32 -11.85
C GLN A 77 -8.64 -5.93 -11.61
N ILE A 78 -9.14 -5.93 -10.39
CA ILE A 78 -10.47 -6.48 -10.09
C ILE A 78 -11.44 -5.31 -10.24
N ALA A 79 -11.82 -5.06 -11.49
CA ALA A 79 -12.69 -3.96 -11.89
C ALA A 79 -13.05 -4.14 -13.35
N PRO A 80 -14.22 -3.68 -13.78
CA PRO A 80 -14.59 -3.82 -15.19
C PRO A 80 -13.65 -3.04 -16.10
N GLY A 81 -13.44 -3.57 -17.28
CA GLY A 81 -12.61 -2.91 -18.28
C GLY A 81 -11.14 -2.79 -17.93
N GLN A 82 -10.54 -3.86 -17.43
CA GLN A 82 -9.14 -3.87 -17.05
C GLN A 82 -8.40 -4.97 -17.80
N THR A 83 -7.11 -4.75 -18.03
CA THR A 83 -6.26 -5.70 -18.73
C THR A 83 -5.00 -5.96 -17.92
N GLY A 84 -4.46 -7.15 -18.07
CA GLY A 84 -3.30 -7.57 -17.31
C GLY A 84 -3.29 -9.07 -17.16
N ASN A 85 -2.35 -9.56 -16.36
CA ASN A 85 -2.23 -11.01 -16.16
C ASN A 85 -3.47 -11.57 -15.46
N ILE A 86 -3.84 -10.97 -14.33
CA ILE A 86 -4.97 -11.48 -13.57
C ILE A 86 -6.28 -11.24 -14.32
N ALA A 87 -6.40 -10.07 -14.96
CA ALA A 87 -7.63 -9.73 -15.66
C ALA A 87 -7.89 -10.66 -16.84
N ASP A 88 -6.84 -10.99 -17.59
CA ASP A 88 -7.01 -11.79 -18.80
C ASP A 88 -6.97 -13.29 -18.55
N TYR A 89 -6.14 -13.78 -17.63
CA TYR A 89 -5.93 -15.21 -17.50
C TYR A 89 -6.38 -15.81 -16.18
N ASN A 90 -6.83 -15.03 -15.21
CA ASN A 90 -7.20 -15.57 -13.91
C ASN A 90 -8.64 -15.28 -13.51
N TYR A 91 -9.08 -14.03 -13.60
CA TYR A 91 -10.41 -13.66 -13.14
C TYR A 91 -10.84 -12.40 -13.85
N LYS A 92 -11.95 -12.46 -14.57
CA LYS A 92 -12.43 -11.35 -15.40
C LYS A 92 -13.85 -10.97 -14.98
N LEU A 93 -14.10 -9.66 -14.91
CA LEU A 93 -15.39 -9.08 -14.58
C LEU A 93 -16.06 -8.51 -15.82
N PRO A 94 -17.39 -8.55 -15.90
CA PRO A 94 -18.08 -8.01 -17.07
C PRO A 94 -18.03 -6.49 -17.11
N ASP A 95 -18.26 -5.95 -18.30
CA ASP A 95 -18.31 -4.50 -18.46
C ASP A 95 -19.50 -3.90 -17.72
N ASP A 96 -20.65 -4.55 -17.78
CA ASP A 96 -21.84 -4.10 -17.06
C ASP A 96 -21.97 -4.80 -15.71
N PHE A 97 -20.95 -4.65 -14.88
CA PHE A 97 -20.88 -5.34 -13.59
C PHE A 97 -21.55 -4.50 -12.51
N THR A 98 -22.48 -5.11 -11.80
CA THR A 98 -23.10 -4.51 -10.62
C THR A 98 -22.66 -5.29 -9.38
N GLY A 99 -22.06 -4.60 -8.43
CA GLY A 99 -21.59 -5.26 -7.24
C GLY A 99 -20.46 -4.49 -6.60
N CYS A 100 -19.96 -5.04 -5.49
CA CYS A 100 -18.93 -4.39 -4.72
C CYS A 100 -17.70 -5.28 -4.61
N VAL A 101 -16.55 -4.65 -4.41
CA VAL A 101 -15.26 -5.32 -4.28
C VAL A 101 -14.59 -4.80 -3.03
N ILE A 102 -14.25 -5.72 -2.11
CA ILE A 102 -13.61 -5.40 -0.85
C ILE A 102 -12.28 -6.14 -0.81
N ALA A 103 -11.23 -5.45 -0.39
CA ALA A 103 -9.90 -6.01 -0.37
C ALA A 103 -9.12 -5.49 0.83
N TRP A 104 -8.40 -6.38 1.50
CA TRP A 104 -7.65 -5.98 2.68
C TRP A 104 -6.37 -6.80 2.80
N ASN A 105 -5.37 -6.20 3.45
CA ASN A 105 -4.07 -6.81 3.60
C ASN A 105 -4.14 -8.04 4.51
N SER A 106 -3.32 -9.04 4.20
CA SER A 106 -3.29 -10.28 4.97
C SER A 106 -1.86 -10.77 5.17
N ASN A 107 -0.94 -9.84 5.44
CA ASN A 107 0.46 -10.21 5.59
C ASN A 107 0.67 -11.12 6.80
N LYS A 108 0.03 -10.79 7.92
CA LYS A 108 0.22 -11.56 9.15
C LYS A 108 -0.39 -12.96 9.06
N LEU A 109 -1.18 -13.26 8.04
CA LEU A 109 -1.89 -14.53 7.91
C LEU A 109 -1.33 -15.42 6.82
N ASP A 110 -0.89 -14.85 5.70
CA ASP A 110 -0.53 -15.63 4.52
C ASP A 110 0.94 -15.48 4.13
N SER A 111 1.79 -15.06 5.06
CA SER A 111 3.23 -14.94 4.81
C SER A 111 3.99 -15.90 5.71
N LYS A 112 5.06 -16.48 5.17
CA LYS A 112 5.89 -17.43 5.88
C LYS A 112 7.35 -17.02 5.73
N VAL A 113 8.15 -17.37 6.74
CA VAL A 113 9.52 -16.86 6.81
C VAL A 113 10.34 -17.40 5.63
N GLY A 114 10.24 -18.68 5.36
CA GLY A 114 10.97 -19.25 4.24
C GLY A 114 10.30 -19.12 2.90
N GLY A 115 9.11 -18.52 2.86
CA GLY A 115 8.37 -18.40 1.62
C GLY A 115 7.16 -19.31 1.59
N ASN A 116 6.00 -18.76 1.27
CA ASN A 116 4.77 -19.52 1.16
C ASN A 116 4.53 -19.86 -0.29
N TYR A 117 4.47 -21.14 -0.61
CA TYR A 117 4.32 -21.62 -1.97
C TYR A 117 2.98 -22.31 -2.20
N ASN A 118 1.96 -21.95 -1.42
CA ASN A 118 0.63 -22.51 -1.57
C ASN A 118 -0.26 -21.67 -2.48
N TYR A 119 0.10 -20.43 -2.77
CA TYR A 119 -0.68 -19.54 -3.60
C TYR A 119 -0.04 -19.42 -4.97
N ARG A 120 -0.84 -19.67 -6.02
CA ARG A 120 -0.34 -19.79 -7.37
C ARG A 120 -1.23 -19.01 -8.33
N TYR A 121 -0.66 -18.63 -9.46
CA TYR A 121 -1.42 -17.94 -10.50
C TYR A 121 -0.97 -18.42 -11.87
N ARG A 122 -1.85 -18.25 -12.85
CA ARG A 122 -1.56 -18.67 -14.22
C ARG A 122 -0.76 -17.58 -14.94
N LEU A 123 0.25 -18.01 -15.67
CA LEU A 123 1.15 -17.11 -16.37
C LEU A 123 1.06 -17.20 -17.88
N PHE A 124 0.79 -18.38 -18.42
CA PHE A 124 0.73 -18.60 -19.85
C PHE A 124 -0.66 -19.07 -20.25
N ARG A 125 -1.23 -18.44 -21.27
CA ARG A 125 -2.50 -18.85 -21.84
C ARG A 125 -2.60 -18.28 -23.24
N LYS A 126 -3.29 -19.00 -24.12
CA LYS A 126 -3.39 -18.61 -25.51
C LYS A 126 -4.58 -17.71 -25.82
N SER A 127 -5.48 -17.50 -24.86
CA SER A 127 -6.63 -16.64 -25.10
C SER A 127 -7.16 -16.16 -23.76
N ASN A 128 -7.97 -15.11 -23.82
CA ASN A 128 -8.58 -14.54 -22.62
C ASN A 128 -9.83 -15.31 -22.24
N LEU A 129 -10.29 -15.08 -21.02
CA LEU A 129 -11.48 -15.74 -20.50
C LEU A 129 -12.70 -14.85 -20.62
N LYS A 130 -13.84 -15.46 -20.92
CA LYS A 130 -15.11 -14.78 -20.83
C LYS A 130 -15.40 -14.49 -19.36
N PRO A 131 -16.26 -13.50 -19.08
CA PRO A 131 -16.51 -13.14 -17.69
C PRO A 131 -17.04 -14.30 -16.87
N PHE A 132 -16.56 -14.39 -15.62
CA PHE A 132 -16.96 -15.43 -14.68
C PHE A 132 -16.67 -16.83 -15.22
N GLU A 133 -15.42 -17.04 -15.62
CA GLU A 133 -14.96 -18.32 -16.14
C GLU A 133 -13.75 -18.77 -15.34
N ARG A 134 -13.68 -20.07 -15.07
CA ARG A 134 -12.60 -20.65 -14.28
C ARG A 134 -11.90 -21.73 -15.09
N ASP A 135 -10.57 -21.75 -15.04
CA ASP A 135 -9.77 -22.74 -15.74
C ASP A 135 -8.82 -23.38 -14.75
N ILE A 136 -8.98 -24.68 -14.51
CA ILE A 136 -8.17 -25.42 -13.56
C ILE A 136 -7.25 -26.41 -14.28
N SER A 137 -7.08 -26.27 -15.59
CA SER A 137 -6.22 -27.16 -16.34
C SER A 137 -4.76 -26.97 -15.93
N THR A 138 -4.01 -28.07 -15.99
CA THR A 138 -2.61 -28.10 -15.56
C THR A 138 -1.76 -28.83 -16.59
N GLU A 139 -1.93 -28.47 -17.86
CA GLU A 139 -1.20 -29.10 -18.94
C GLU A 139 -0.07 -28.20 -19.42
N ILE A 140 0.95 -28.83 -20.01
CA ILE A 140 2.15 -28.11 -20.42
C ILE A 140 1.82 -27.17 -21.57
N TYR A 141 2.31 -25.93 -21.46
CA TYR A 141 2.07 -24.92 -22.47
C TYR A 141 3.11 -25.03 -23.58
N GLN A 142 2.65 -25.11 -24.82
CA GLN A 142 3.56 -25.19 -25.97
C GLN A 142 3.81 -23.79 -26.48
N ALA A 143 5.06 -23.32 -26.34
CA ALA A 143 5.44 -22.00 -26.81
C ALA A 143 6.06 -22.01 -28.19
N GLY A 144 6.66 -23.11 -28.60
CA GLY A 144 7.27 -23.26 -29.91
C GLY A 144 6.39 -24.03 -30.86
N ASN A 145 7.03 -24.73 -31.81
CA ASN A 145 6.31 -25.53 -32.79
C ASN A 145 6.31 -27.02 -32.47
N LYS A 146 7.41 -27.56 -31.95
CA LYS A 146 7.48 -28.98 -31.63
C LYS A 146 6.61 -29.27 -30.42
N PRO A 147 5.71 -30.25 -30.49
CA PRO A 147 4.81 -30.52 -29.36
C PRO A 147 5.58 -30.97 -28.12
N CYS A 148 4.99 -30.67 -26.95
CA CYS A 148 5.67 -30.87 -25.68
C CYS A 148 5.69 -32.33 -25.24
N ASN A 149 4.64 -33.09 -25.56
CA ASN A 149 4.51 -34.48 -25.12
C ASN A 149 4.44 -34.60 -23.60
N GLY A 150 3.89 -33.59 -22.94
CA GLY A 150 3.65 -33.67 -21.50
C GLY A 150 4.89 -33.63 -20.64
N VAL A 151 6.00 -33.10 -21.16
CA VAL A 151 7.25 -33.02 -20.41
C VAL A 151 7.84 -31.64 -20.61
N ALA A 152 8.37 -31.05 -19.54
CA ALA A 152 8.97 -29.73 -19.62
C ALA A 152 10.28 -29.78 -20.41
N GLY A 153 10.71 -28.61 -20.85
CA GLY A 153 11.94 -28.52 -21.63
C GLY A 153 12.00 -27.20 -22.37
N VAL A 154 12.74 -27.21 -23.47
CA VAL A 154 12.88 -26.02 -24.31
C VAL A 154 11.54 -25.72 -24.98
N ASN A 155 11.08 -24.48 -24.85
CA ASN A 155 9.82 -24.03 -25.44
C ASN A 155 8.63 -24.84 -24.92
N CYS A 156 8.73 -25.34 -23.69
CA CYS A 156 7.66 -26.11 -23.07
C CYS A 156 7.67 -25.82 -21.58
N TYR A 157 6.61 -25.20 -21.08
CA TYR A 157 6.61 -24.61 -19.74
C TYR A 157 5.41 -25.08 -18.94
N PHE A 158 5.65 -25.35 -17.66
CA PHE A 158 4.58 -25.53 -16.70
C PHE A 158 3.89 -24.19 -16.47
N PRO A 159 2.55 -24.12 -16.57
CA PRO A 159 1.91 -22.79 -16.63
C PRO A 159 1.88 -22.04 -15.32
N LEU A 160 1.54 -22.69 -14.21
CA LEU A 160 1.31 -21.98 -12.95
C LEU A 160 2.62 -21.62 -12.28
N GLN A 161 2.65 -20.43 -11.67
CA GLN A 161 3.81 -19.94 -10.95
C GLN A 161 3.41 -19.60 -9.52
N SER A 162 4.41 -19.59 -8.64
CA SER A 162 4.16 -19.40 -7.21
C SER A 162 4.50 -17.97 -6.79
N TYR A 163 3.70 -17.45 -5.87
CA TYR A 163 3.94 -16.09 -5.38
C TYR A 163 5.16 -16.01 -4.48
N GLY A 164 5.34 -17.00 -3.62
CA GLY A 164 6.48 -17.00 -2.71
C GLY A 164 6.46 -15.90 -1.69
N PHE A 165 5.32 -15.74 -1.00
CA PHE A 165 5.14 -14.63 -0.08
C PHE A 165 6.13 -14.70 1.08
N ARG A 166 6.70 -13.54 1.41
CA ARG A 166 7.63 -13.38 2.51
C ARG A 166 7.28 -12.11 3.28
N PRO A 167 7.55 -12.09 4.60
CA PRO A 167 7.22 -10.90 5.38
C PRO A 167 8.11 -9.70 5.09
N THR A 168 9.26 -9.90 4.45
CA THR A 168 10.16 -8.81 4.12
C THR A 168 9.84 -8.16 2.79
N TYR A 169 8.79 -8.60 2.10
CA TYR A 169 8.43 -8.06 0.80
C TYR A 169 7.87 -6.65 0.95
N GLY A 170 7.78 -5.95 -0.18
CA GLY A 170 7.18 -4.64 -0.21
C GLY A 170 5.67 -4.70 -0.05
N VAL A 171 5.09 -3.52 0.16
CA VAL A 171 3.65 -3.45 0.41
C VAL A 171 2.86 -3.91 -0.81
N GLY A 172 3.36 -3.58 -2.01
CA GLY A 172 2.68 -4.00 -3.22
C GLY A 172 2.83 -5.48 -3.52
N HIS A 173 3.87 -6.12 -2.99
CA HIS A 173 4.11 -7.54 -3.21
C HIS A 173 3.66 -8.40 -2.05
N GLN A 174 2.89 -7.85 -1.12
CA GLN A 174 2.35 -8.55 0.03
C GLN A 174 0.96 -9.09 -0.27
N PRO A 175 0.57 -10.19 0.36
CA PRO A 175 -0.73 -10.80 0.05
C PRO A 175 -1.89 -9.91 0.47
N TYR A 176 -2.95 -9.97 -0.32
CA TYR A 176 -4.20 -9.25 -0.07
C TYR A 176 -5.35 -10.21 -0.33
N ARG A 177 -6.29 -10.26 0.62
CA ARG A 177 -7.49 -11.06 0.47
C ARG A 177 -8.57 -10.22 -0.20
N VAL A 178 -9.23 -10.79 -1.20
CA VAL A 178 -10.20 -10.08 -2.03
C VAL A 178 -11.50 -10.86 -2.00
N VAL A 179 -12.59 -10.15 -1.71
CA VAL A 179 -13.95 -10.67 -1.77
C VAL A 179 -14.76 -9.80 -2.72
N VAL A 180 -15.40 -10.43 -3.69
CA VAL A 180 -16.24 -9.77 -4.68
C VAL A 180 -17.68 -10.19 -4.43
N LEU A 181 -18.54 -9.22 -4.16
CA LEU A 181 -19.97 -9.44 -3.97
C LEU A 181 -20.69 -9.04 -5.24
N SER A 182 -21.31 -10.01 -5.89
CA SER A 182 -22.01 -9.80 -7.15
C SER A 182 -23.51 -9.92 -6.91
N PHE A 183 -24.26 -8.93 -7.39
CA PHE A 183 -25.70 -8.83 -7.18
C PHE A 183 -26.43 -9.11 -8.49
N GLU A 184 -27.52 -9.86 -8.39
CA GLU A 184 -28.28 -10.27 -9.56
C GLU A 184 -29.75 -9.97 -9.35
N LEU A 185 -30.45 -9.69 -10.46
CA LEU A 185 -31.87 -9.40 -10.43
C LEU A 185 -32.53 -10.08 -11.61
N LEU A 186 -33.46 -10.98 -11.32
CA LEU A 186 -34.21 -11.71 -12.35
C LEU A 186 -35.65 -11.82 -11.88
N HIS A 187 -36.43 -12.68 -12.56
CA HIS A 187 -37.83 -12.90 -12.21
C HIS A 187 -37.91 -13.90 -11.05
N ALA A 188 -37.54 -13.41 -9.88
CA ALA A 188 -37.49 -14.21 -8.66
C ALA A 188 -37.99 -13.36 -7.51
N PRO A 189 -38.44 -13.97 -6.42
CA PRO A 189 -38.96 -13.19 -5.29
C PRO A 189 -37.93 -12.30 -4.61
N ALA A 190 -36.66 -12.33 -5.03
CA ALA A 190 -35.60 -11.51 -4.46
C ALA A 190 -35.47 -11.74 -2.96
N THR A 191 -35.02 -12.96 -2.62
CA THR A 191 -34.96 -13.42 -1.23
C THR A 191 -33.79 -12.83 -0.45
N VAL A 192 -33.09 -11.83 -0.98
CA VAL A 192 -32.02 -11.13 -0.27
C VAL A 192 -32.42 -9.65 -0.26
N CYS A 193 -33.05 -9.21 0.82
CA CYS A 193 -33.68 -7.90 0.86
C CYS A 193 -32.96 -6.91 1.77
N GLY A 194 -32.77 -7.24 3.04
CA GLY A 194 -32.21 -6.31 3.99
C GLY A 194 -33.26 -5.76 4.93
N PRO A 195 -32.83 -5.13 6.02
CA PRO A 195 -33.78 -4.63 7.02
C PRO A 195 -34.70 -3.54 6.51
N LYS A 196 -34.34 -2.87 5.41
CA LYS A 196 -35.11 -1.75 4.86
C LYS A 196 -35.28 -0.64 5.89
N GLU B 1 17.21 -23.78 -33.84
CA GLU B 1 16.76 -22.90 -34.92
C GLU B 1 15.93 -21.75 -34.37
N VAL B 2 15.70 -21.77 -33.06
CA VAL B 2 14.91 -20.71 -32.43
C VAL B 2 15.68 -19.40 -32.51
N GLN B 3 15.12 -18.43 -33.22
CA GLN B 3 15.80 -17.15 -33.41
C GLN B 3 14.81 -16.11 -33.91
N LEU B 4 15.23 -14.85 -33.82
CA LEU B 4 14.45 -13.72 -34.33
C LEU B 4 15.38 -12.85 -35.17
N VAL B 5 14.92 -12.45 -36.35
CA VAL B 5 15.71 -11.66 -37.28
C VAL B 5 14.93 -10.41 -37.64
N GLU B 6 15.55 -9.25 -37.49
CA GLU B 6 14.87 -7.98 -37.64
C GLU B 6 15.37 -7.22 -38.87
N SER B 7 14.51 -6.33 -39.36
CA SER B 7 14.82 -5.51 -40.52
C SER B 7 13.86 -4.33 -40.55
N GLY B 8 14.05 -3.45 -41.53
CA GLY B 8 13.13 -2.36 -41.77
C GLY B 8 13.48 -1.06 -41.08
N GLY B 9 14.76 -0.71 -41.04
CA GLY B 9 15.18 0.52 -40.41
C GLY B 9 16.23 1.23 -41.24
N GLY B 10 16.22 2.56 -41.13
CA GLY B 10 17.19 3.38 -41.83
C GLY B 10 17.08 4.85 -41.50
N LEU B 11 17.21 5.71 -42.49
CA LEU B 11 17.11 7.15 -42.32
C LEU B 11 15.66 7.60 -42.47
N ILE B 12 15.28 8.62 -41.69
CA ILE B 12 13.93 9.15 -41.73
C ILE B 12 13.97 10.57 -41.21
N GLN B 13 13.03 11.39 -41.65
CA GLN B 13 12.87 12.80 -41.30
C GLN B 13 11.99 12.96 -40.08
N PRO B 14 12.22 14.00 -39.28
CA PRO B 14 11.34 14.24 -38.13
C PRO B 14 9.90 14.42 -38.57
N GLY B 15 8.99 13.87 -37.78
CA GLY B 15 7.59 13.84 -38.13
C GLY B 15 7.20 12.70 -39.04
N GLY B 16 8.13 11.87 -39.45
CA GLY B 16 7.86 10.81 -40.40
C GLY B 16 7.24 9.58 -39.75
N SER B 17 7.23 8.49 -40.51
CA SER B 17 6.70 7.22 -40.04
C SER B 17 7.61 6.10 -40.52
N LEU B 18 7.64 5.01 -39.75
CA LEU B 18 8.47 3.86 -40.08
C LEU B 18 7.79 2.61 -39.55
N ARG B 19 8.18 1.47 -40.12
CA ARG B 19 7.68 0.17 -39.68
C ARG B 19 8.84 -0.80 -39.60
N LEU B 20 9.09 -1.32 -38.40
CA LEU B 20 10.17 -2.26 -38.15
C LEU B 20 9.60 -3.66 -38.05
N SER B 21 10.27 -4.62 -38.67
CA SER B 21 9.79 -5.99 -38.74
C SER B 21 10.77 -6.93 -38.05
N CYS B 22 10.23 -8.01 -37.48
CA CYS B 22 11.02 -9.03 -36.80
C CYS B 22 10.37 -10.38 -37.06
N ALA B 23 11.03 -11.23 -37.84
CA ALA B 23 10.53 -12.53 -38.22
C ALA B 23 11.09 -13.61 -37.30
N ALA B 24 10.25 -14.54 -36.91
CA ALA B 24 10.59 -15.58 -35.95
C ALA B 24 10.93 -16.88 -36.66
N SER B 25 11.65 -17.74 -35.94
CA SER B 25 11.97 -19.08 -36.42
C SER B 25 12.02 -19.99 -35.20
N GLY B 26 10.97 -20.79 -35.02
CA GLY B 26 10.87 -21.70 -33.91
C GLY B 26 10.00 -21.21 -32.76
N ILE B 27 9.73 -19.91 -32.69
CA ILE B 27 8.85 -19.33 -31.69
C ILE B 27 7.57 -18.91 -32.39
N ILE B 28 6.43 -19.34 -31.86
CA ILE B 28 5.14 -18.89 -32.35
C ILE B 28 4.83 -17.54 -31.71
N VAL B 29 4.73 -16.50 -32.54
CA VAL B 29 4.54 -15.15 -32.02
C VAL B 29 3.19 -15.01 -31.34
N SER B 30 2.20 -15.81 -31.74
CA SER B 30 0.87 -15.73 -31.18
C SER B 30 0.72 -16.49 -29.86
N SER B 31 1.78 -17.15 -29.40
CA SER B 31 1.74 -17.90 -28.14
C SER B 31 2.84 -17.52 -27.18
N ASN B 32 3.49 -16.37 -27.36
CA ASN B 32 4.57 -15.93 -26.50
C ASN B 32 4.42 -14.45 -26.19
N TYR B 33 5.01 -14.03 -25.08
CA TYR B 33 5.11 -12.61 -24.77
C TYR B 33 6.19 -12.00 -25.63
N MET B 34 5.83 -11.00 -26.43
CA MET B 34 6.80 -10.38 -27.33
C MET B 34 7.04 -8.93 -26.92
N THR B 35 8.28 -8.48 -27.05
CA THR B 35 8.67 -7.19 -26.53
C THR B 35 9.54 -6.46 -27.55
N TRP B 36 9.37 -5.14 -27.64
CA TRP B 36 10.27 -4.27 -28.38
C TRP B 36 10.98 -3.37 -27.38
N VAL B 37 12.31 -3.39 -27.44
CA VAL B 37 13.18 -2.61 -26.57
C VAL B 37 14.12 -1.80 -27.47
N ARG B 38 14.69 -0.73 -26.92
CA ARG B 38 15.58 0.11 -27.69
C ARG B 38 16.74 0.60 -26.84
N GLN B 39 17.84 0.92 -27.50
CA GLN B 39 19.06 1.37 -26.85
C GLN B 39 19.66 2.50 -27.66
N ALA B 40 19.72 3.69 -27.05
CA ALA B 40 20.34 4.84 -27.70
C ALA B 40 21.85 4.68 -27.69
N PRO B 41 22.55 5.34 -28.61
CA PRO B 41 24.02 5.21 -28.64
C PRO B 41 24.67 5.66 -27.34
N GLY B 42 25.24 4.70 -26.62
CA GLY B 42 25.90 4.99 -25.35
C GLY B 42 24.97 5.53 -24.27
N LYS B 43 23.79 4.93 -24.11
CA LYS B 43 22.84 5.42 -23.12
C LYS B 43 22.16 4.36 -22.29
N GLY B 44 22.20 3.08 -22.68
CA GLY B 44 21.53 2.04 -21.93
C GLY B 44 20.18 1.66 -22.51
N LEU B 45 19.69 0.50 -22.05
CA LEU B 45 18.46 -0.08 -22.58
C LEU B 45 17.22 0.56 -21.98
N GLU B 46 16.17 0.65 -22.78
CA GLU B 46 14.91 1.23 -22.35
C GLU B 46 13.76 0.49 -23.01
N TRP B 47 12.81 0.04 -22.20
CA TRP B 47 11.69 -0.73 -22.71
C TRP B 47 10.74 0.17 -23.49
N VAL B 48 10.22 -0.36 -24.60
CA VAL B 48 9.34 0.40 -25.49
C VAL B 48 7.91 -0.14 -25.45
N SER B 49 7.71 -1.40 -25.83
CA SER B 49 6.35 -1.91 -25.87
C SER B 49 6.33 -3.42 -25.65
N VAL B 50 5.17 -3.93 -25.23
CA VAL B 50 4.98 -5.35 -25.02
C VAL B 50 3.61 -5.76 -25.55
N ILE B 51 3.55 -6.97 -26.10
CA ILE B 51 2.30 -7.60 -26.54
C ILE B 51 2.20 -8.99 -25.93
N TYR B 52 1.03 -9.31 -25.41
CA TYR B 52 0.71 -10.59 -24.81
C TYR B 52 0.20 -11.56 -25.88
N SER B 53 0.05 -12.83 -25.49
CA SER B 53 -0.58 -13.79 -26.39
C SER B 53 -2.08 -13.88 -26.13
N GLY B 54 -2.71 -12.72 -25.99
CA GLY B 54 -4.16 -12.63 -25.89
C GLY B 54 -4.67 -11.36 -26.54
N GLY B 55 -3.74 -10.56 -27.07
CA GLY B 55 -4.06 -9.30 -27.70
C GLY B 55 -3.76 -8.07 -26.88
N SER B 56 -3.49 -8.21 -25.59
CA SER B 56 -3.24 -7.05 -24.74
C SER B 56 -1.89 -6.44 -25.04
N THR B 57 -1.84 -5.12 -25.08
CA THR B 57 -0.63 -4.37 -25.43
C THR B 57 -0.38 -3.29 -24.40
N PHE B 58 0.90 -3.01 -24.16
CA PHE B 58 1.28 -2.01 -23.18
C PHE B 58 2.46 -1.21 -23.71
N TYR B 59 2.46 0.09 -23.42
CA TYR B 59 3.46 1.03 -23.91
C TYR B 59 4.01 1.84 -22.76
N ALA B 60 5.20 2.39 -22.98
CA ALA B 60 5.80 3.32 -22.03
C ALA B 60 5.22 4.72 -22.23
N ASP B 61 5.45 5.59 -21.24
CA ASP B 61 4.91 6.92 -21.29
C ASP B 61 5.56 7.78 -22.37
N SER B 62 6.75 7.41 -22.84
CA SER B 62 7.48 8.20 -23.82
C SER B 62 7.10 7.86 -25.26
N VAL B 63 6.27 6.84 -25.48
CA VAL B 63 5.87 6.45 -26.83
C VAL B 63 4.37 6.29 -26.90
N LYS B 64 3.67 6.62 -25.82
CA LYS B 64 2.22 6.46 -25.77
C LYS B 64 1.55 7.41 -26.74
N GLY B 65 0.61 6.89 -27.52
CA GLY B 65 -0.10 7.67 -28.50
C GLY B 65 0.59 7.80 -29.84
N ARG B 66 1.81 7.30 -29.97
CA ARG B 66 2.59 7.42 -31.19
C ARG B 66 3.01 6.08 -31.77
N PHE B 67 3.39 5.13 -30.94
CA PHE B 67 3.89 3.84 -31.38
C PHE B 67 2.80 2.78 -31.26
N THR B 68 2.83 1.80 -32.15
CA THR B 68 1.86 0.72 -32.13
C THR B 68 2.57 -0.61 -32.39
N ILE B 69 2.00 -1.68 -31.84
CA ILE B 69 2.55 -3.02 -31.92
C ILE B 69 1.59 -3.89 -32.73
N SER B 70 2.12 -4.65 -33.68
CA SER B 70 1.32 -5.53 -34.50
C SER B 70 1.97 -6.91 -34.55
N ARG B 71 1.14 -7.92 -34.80
CA ARG B 71 1.59 -9.30 -34.88
C ARG B 71 0.85 -9.98 -36.02
N ASP B 72 1.60 -10.63 -36.91
CA ASP B 72 1.02 -11.37 -38.03
C ASP B 72 1.29 -12.85 -37.83
N ASN B 73 0.22 -13.64 -37.71
CA ASN B 73 0.34 -15.07 -37.47
C ASN B 73 0.73 -15.82 -38.73
N SER B 74 0.17 -15.42 -39.88
CA SER B 74 0.43 -16.14 -41.13
C SER B 74 1.90 -16.08 -41.49
N LYS B 75 2.52 -14.91 -41.35
CA LYS B 75 3.94 -14.74 -41.65
C LYS B 75 4.84 -14.94 -40.45
N ASN B 76 4.26 -15.10 -39.25
CA ASN B 76 5.03 -15.28 -38.02
C ASN B 76 5.98 -14.10 -37.79
N THR B 77 5.39 -12.91 -37.71
CA THR B 77 6.18 -11.69 -37.70
C THR B 77 5.63 -10.72 -36.66
N LEU B 78 6.52 -9.87 -36.15
CA LEU B 78 6.20 -8.82 -35.20
C LEU B 78 6.59 -7.47 -35.80
N TYR B 79 5.67 -6.52 -35.78
CA TYR B 79 5.88 -5.21 -36.37
C TYR B 79 5.75 -4.11 -35.32
N LEU B 80 6.59 -3.09 -35.43
CA LEU B 80 6.48 -1.87 -34.65
C LEU B 80 6.24 -0.72 -35.61
N GLN B 81 5.13 -0.02 -35.44
CA GLN B 81 4.75 1.10 -36.28
C GLN B 81 4.99 2.40 -35.52
N MET B 82 5.91 3.21 -36.01
CA MET B 82 6.30 4.45 -35.34
C MET B 82 5.84 5.64 -36.17
N SER B 83 5.18 6.59 -35.51
CA SER B 83 4.74 7.82 -36.13
C SER B 83 5.21 9.00 -35.29
N SER B 84 5.38 10.15 -35.95
CA SER B 84 5.86 11.37 -35.31
C SER B 84 7.24 11.14 -34.68
N LEU B 85 8.18 10.68 -35.49
CA LEU B 85 9.53 10.44 -35.01
C LEU B 85 10.22 11.75 -34.65
N ARG B 86 11.02 11.72 -33.59
CA ARG B 86 11.75 12.88 -33.11
C ARG B 86 13.21 12.50 -32.93
N ALA B 87 14.03 13.48 -32.55
CA ALA B 87 15.45 13.25 -32.38
C ALA B 87 15.77 12.34 -31.20
N GLU B 88 14.81 12.11 -30.30
CA GLU B 88 15.00 11.22 -29.17
C GLU B 88 14.81 9.75 -29.53
N ASP B 89 14.40 9.45 -30.76
CA ASP B 89 14.10 8.10 -31.19
C ASP B 89 15.20 7.46 -32.02
N THR B 90 16.38 8.08 -32.09
CA THR B 90 17.50 7.50 -32.81
C THR B 90 18.17 6.47 -31.90
N ALA B 91 18.14 5.20 -32.31
CA ALA B 91 18.62 4.13 -31.46
C ALA B 91 18.70 2.84 -32.24
N VAL B 92 19.16 1.78 -31.58
CA VAL B 92 19.11 0.42 -32.09
C VAL B 92 17.96 -0.30 -31.40
N TYR B 93 17.12 -0.97 -32.19
CA TYR B 93 15.89 -1.60 -31.72
C TYR B 93 16.04 -3.11 -31.72
N TYR B 94 15.52 -3.75 -30.66
CA TYR B 94 15.60 -5.18 -30.44
C TYR B 94 14.22 -5.76 -30.22
N CYS B 95 13.98 -6.92 -30.82
CA CYS B 95 12.78 -7.71 -30.55
C CYS B 95 13.17 -8.89 -29.67
N ALA B 96 12.43 -9.09 -28.58
CA ALA B 96 12.76 -10.08 -27.57
C ALA B 96 11.53 -10.87 -27.17
N ARG B 97 11.77 -12.03 -26.57
CA ARG B 97 10.72 -12.90 -26.08
C ARG B 97 10.80 -12.96 -24.56
N ASP B 98 9.69 -12.64 -23.89
CA ASP B 98 9.64 -12.50 -22.45
C ASP B 98 8.98 -13.71 -21.82
N LEU B 99 9.60 -14.25 -20.78
CA LEU B 99 9.08 -15.40 -20.06
C LEU B 99 8.43 -15.02 -18.73
N GLY B 100 8.41 -13.75 -18.39
CA GLY B 100 7.89 -13.31 -17.11
C GLY B 100 8.97 -13.24 -16.07
N PRO B 101 8.78 -13.93 -14.95
CA PRO B 101 9.84 -14.00 -13.93
C PRO B 101 11.09 -14.75 -14.40
N TYR B 102 11.02 -15.49 -15.50
CA TYR B 102 12.18 -16.17 -16.04
C TYR B 102 13.02 -15.30 -16.96
N GLY B 103 12.59 -14.06 -17.21
CA GLY B 103 13.39 -13.11 -17.97
C GLY B 103 13.22 -13.25 -19.47
N MET B 104 13.88 -12.36 -20.19
CA MET B 104 13.93 -12.39 -21.64
C MET B 104 15.14 -13.21 -22.08
N ASP B 105 14.88 -14.32 -22.76
CA ASP B 105 15.93 -15.25 -23.14
C ASP B 105 16.41 -15.11 -24.58
N VAL B 106 15.50 -14.86 -25.52
CA VAL B 106 15.81 -14.84 -26.95
C VAL B 106 15.82 -13.40 -27.43
N TRP B 107 16.88 -13.02 -28.13
CA TRP B 107 17.03 -11.67 -28.68
C TRP B 107 17.34 -11.74 -30.16
N GLY B 108 16.92 -10.70 -30.88
CA GLY B 108 17.35 -10.50 -32.25
C GLY B 108 18.69 -9.81 -32.31
N GLN B 109 19.07 -9.41 -33.52
CA GLN B 109 20.34 -8.72 -33.71
C GLN B 109 20.21 -7.20 -33.65
N GLY B 110 19.03 -6.66 -33.87
CA GLY B 110 18.81 -5.23 -33.77
C GLY B 110 18.80 -4.55 -35.12
N THR B 111 18.07 -3.44 -35.20
CA THR B 111 18.01 -2.61 -36.39
C THR B 111 18.18 -1.15 -35.99
N THR B 112 18.97 -0.41 -36.76
CA THR B 112 19.28 0.97 -36.43
C THR B 112 18.27 1.92 -37.07
N VAL B 113 17.85 2.93 -36.31
CA VAL B 113 16.96 3.96 -36.81
C VAL B 113 17.53 5.31 -36.40
N THR B 114 17.73 6.20 -37.37
CA THR B 114 18.25 7.52 -37.14
C THR B 114 17.30 8.56 -37.72
N VAL B 115 16.95 9.56 -36.92
CA VAL B 115 16.02 10.62 -37.31
C VAL B 115 16.78 11.93 -37.31
N SER B 116 16.85 12.58 -38.46
CA SER B 116 17.59 13.83 -38.60
C SER B 116 17.06 14.58 -39.81
N SER B 117 17.52 15.82 -39.97
CA SER B 117 17.22 16.60 -41.16
C SER B 117 17.94 16.09 -42.40
N ALA B 118 18.88 15.15 -42.23
CA ALA B 118 19.48 14.39 -43.31
C ALA B 118 20.36 15.24 -44.21
N SER B 119 19.99 15.35 -45.49
CA SER B 119 20.84 15.93 -46.52
C SER B 119 22.14 15.15 -46.63
N THR B 120 22.01 13.89 -47.06
CA THR B 120 23.14 12.99 -47.20
C THR B 120 24.25 13.63 -48.01
N LYS B 121 25.40 13.82 -47.37
CA LYS B 121 26.50 14.59 -47.93
C LYS B 121 27.80 13.81 -47.77
N GLY B 122 28.70 13.99 -48.73
CA GLY B 122 30.02 13.40 -48.66
C GLY B 122 30.92 14.16 -47.70
N PRO B 123 32.09 13.61 -47.41
CA PRO B 123 32.96 14.20 -46.40
C PRO B 123 33.97 15.18 -46.97
N SER B 124 34.59 15.93 -46.06
CA SER B 124 35.72 16.79 -46.38
C SER B 124 36.92 16.31 -45.56
N VAL B 125 38.04 16.08 -46.24
CA VAL B 125 39.22 15.48 -45.63
C VAL B 125 40.34 16.51 -45.63
N PHE B 126 40.96 16.71 -44.47
CA PHE B 126 42.09 17.62 -44.34
C PHE B 126 43.27 16.88 -43.72
N PRO B 127 44.50 17.26 -44.09
CA PRO B 127 45.67 16.57 -43.52
C PRO B 127 46.17 17.20 -42.24
N LEU B 128 46.31 16.41 -41.18
CA LEU B 128 46.94 16.83 -39.94
C LEU B 128 48.38 16.34 -40.01
N ALA B 129 49.28 17.21 -40.45
CA ALA B 129 50.67 16.87 -40.71
C ALA B 129 51.51 16.99 -39.44
N PRO B 130 52.59 16.23 -39.34
CA PRO B 130 53.48 16.37 -38.19
C PRO B 130 54.24 17.69 -38.24
N SER B 131 54.62 18.17 -37.06
CA SER B 131 55.36 19.41 -36.93
C SER B 131 56.39 19.26 -35.82
N SER B 132 57.16 20.32 -35.57
CA SER B 132 58.14 20.30 -34.51
C SER B 132 57.48 20.14 -33.14
N LYS B 133 56.29 20.71 -32.97
CA LYS B 133 55.56 20.55 -31.71
C LYS B 133 54.98 19.16 -31.54
N SER B 134 54.95 18.35 -32.60
CA SER B 134 54.41 17.00 -32.54
C SER B 134 55.51 15.94 -32.61
N THR B 135 56.75 16.31 -32.32
CA THR B 135 57.88 15.38 -32.33
C THR B 135 58.38 15.19 -30.92
N SER B 136 58.52 13.92 -30.51
CA SER B 136 58.98 13.61 -29.16
C SER B 136 59.60 12.22 -29.18
N GLY B 137 60.89 12.13 -28.87
CA GLY B 137 61.59 10.87 -28.83
C GLY B 137 61.69 10.16 -30.16
N GLY B 138 61.80 10.91 -31.26
CA GLY B 138 61.97 10.33 -32.58
C GLY B 138 60.70 9.81 -33.22
N THR B 139 59.55 9.95 -32.56
CA THR B 139 58.28 9.47 -33.10
C THR B 139 57.30 10.64 -33.16
N ALA B 140 56.65 10.81 -34.30
CA ALA B 140 55.69 11.89 -34.50
C ALA B 140 54.38 11.32 -35.02
N ALA B 141 53.30 11.99 -34.66
CA ALA B 141 51.95 11.56 -35.04
C ALA B 141 51.42 12.41 -36.18
N LEU B 142 50.71 11.78 -37.10
CA LEU B 142 50.08 12.47 -38.23
C LEU B 142 48.73 11.81 -38.47
N GLY B 143 47.95 12.37 -39.38
CA GLY B 143 46.65 11.76 -39.64
C GLY B 143 45.82 12.56 -40.61
N CYS B 144 44.57 12.11 -40.75
CA CYS B 144 43.58 12.75 -41.61
C CYS B 144 42.33 13.04 -40.81
N LEU B 145 41.84 14.28 -40.94
CA LEU B 145 40.62 14.71 -40.27
C LEU B 145 39.47 14.71 -41.28
N VAL B 146 38.46 13.90 -41.01
CA VAL B 146 37.26 13.81 -41.82
C VAL B 146 36.17 14.61 -41.13
N LYS B 147 35.48 15.47 -41.88
CA LYS B 147 34.51 16.37 -41.27
C LYS B 147 33.31 16.56 -42.20
N ASP B 148 32.15 16.82 -41.59
CA ASP B 148 30.96 17.29 -42.28
C ASP B 148 30.47 16.26 -43.32
N TYR B 149 30.07 15.10 -42.83
CA TYR B 149 29.48 14.07 -43.69
C TYR B 149 28.23 13.52 -43.02
N PHE B 150 27.45 12.78 -43.82
CA PHE B 150 26.21 12.19 -43.36
C PHE B 150 25.72 11.15 -44.37
N PRO B 151 25.32 9.95 -43.92
CA PRO B 151 25.41 9.47 -42.55
C PRO B 151 26.63 8.60 -42.30
N GLU B 152 26.66 7.95 -41.14
CA GLU B 152 27.68 6.96 -40.84
C GLU B 152 27.46 5.71 -41.70
N PRO B 153 28.51 4.91 -41.94
CA PRO B 153 29.89 5.06 -41.49
C PRO B 153 30.88 5.47 -42.58
N VAL B 154 32.04 5.94 -42.15
CA VAL B 154 33.13 6.31 -43.03
C VAL B 154 34.35 5.51 -42.61
N THR B 155 34.99 4.83 -43.56
CA THR B 155 36.12 3.96 -43.25
C THR B 155 37.40 4.65 -43.70
N VAL B 156 38.29 4.91 -42.74
CA VAL B 156 39.56 5.58 -43.01
C VAL B 156 40.68 4.59 -42.76
N SER B 157 41.49 4.35 -43.77
CA SER B 157 42.67 3.49 -43.66
C SER B 157 43.87 4.23 -44.22
N TRP B 158 45.03 3.57 -44.21
CA TRP B 158 46.26 4.18 -44.68
C TRP B 158 46.98 3.22 -45.61
N ASN B 159 47.24 3.67 -46.85
CA ASN B 159 47.95 2.89 -47.85
C ASN B 159 47.30 1.53 -48.08
N SER B 160 45.97 1.51 -48.09
CA SER B 160 45.18 0.34 -48.48
C SER B 160 45.56 -0.90 -47.67
N GLY B 161 45.79 -0.69 -46.37
CA GLY B 161 46.16 -1.78 -45.48
C GLY B 161 47.64 -2.06 -45.37
N ALA B 162 48.49 -1.35 -46.13
CA ALA B 162 49.92 -1.52 -45.97
C ALA B 162 50.39 -1.03 -44.61
N LEU B 163 49.83 0.08 -44.13
CA LEU B 163 50.14 0.64 -42.82
C LEU B 163 48.92 0.47 -41.93
N THR B 164 48.97 -0.49 -41.03
CA THR B 164 47.90 -0.74 -40.07
C THR B 164 48.33 -0.65 -38.62
N SER B 165 49.59 -0.98 -38.31
CA SER B 165 50.05 -0.92 -36.94
C SER B 165 50.15 0.53 -36.47
N GLY B 166 49.70 0.76 -35.24
CA GLY B 166 49.76 2.10 -34.67
C GLY B 166 48.71 3.05 -35.17
N VAL B 167 47.66 2.56 -35.80
CA VAL B 167 46.59 3.41 -36.31
C VAL B 167 45.48 3.48 -35.28
N HIS B 168 44.87 4.66 -35.18
CA HIS B 168 43.74 4.91 -34.29
C HIS B 168 42.63 5.53 -35.11
N THR B 169 41.42 4.99 -34.98
CA THR B 169 40.23 5.52 -35.64
C THR B 169 39.18 5.76 -34.57
N PHE B 170 39.01 7.01 -34.18
CA PHE B 170 38.11 7.41 -33.12
C PHE B 170 36.65 7.31 -33.59
N PRO B 171 35.71 7.12 -32.66
CA PRO B 171 34.30 7.14 -33.04
C PRO B 171 33.86 8.53 -33.47
N ALA B 172 32.86 8.55 -34.36
CA ALA B 172 32.34 9.82 -34.84
C ALA B 172 31.55 10.52 -33.75
N VAL B 173 31.59 11.85 -33.78
CA VAL B 173 30.91 12.70 -32.80
C VAL B 173 29.93 13.59 -33.55
N LEU B 174 28.68 13.56 -33.13
CA LEU B 174 27.63 14.35 -33.78
C LEU B 174 27.75 15.81 -33.37
N GLN B 175 27.76 16.70 -34.35
CA GLN B 175 27.87 18.13 -34.10
C GLN B 175 26.48 18.73 -33.92
N SER B 176 26.45 20.02 -33.58
CA SER B 176 25.17 20.70 -33.39
C SER B 176 24.38 20.78 -34.68
N SER B 177 25.06 21.02 -35.81
CA SER B 177 24.39 21.12 -37.10
C SER B 177 23.82 19.80 -37.58
N GLY B 178 24.26 18.68 -37.03
CA GLY B 178 23.81 17.38 -37.47
C GLY B 178 24.77 16.60 -38.35
N LEU B 179 26.00 17.07 -38.50
CA LEU B 179 27.00 16.40 -39.31
C LEU B 179 28.00 15.67 -38.43
N TYR B 180 28.69 14.70 -39.03
CA TYR B 180 29.62 13.84 -38.32
C TYR B 180 31.06 14.19 -38.65
N SER B 181 31.95 13.88 -37.71
CA SER B 181 33.36 14.20 -37.88
C SER B 181 34.20 13.25 -37.02
N LEU B 182 35.43 13.00 -37.47
CA LEU B 182 36.39 12.19 -36.75
C LEU B 182 37.78 12.49 -37.27
N SER B 183 38.78 11.93 -36.60
CA SER B 183 40.16 12.04 -37.03
C SER B 183 40.83 10.68 -36.87
N SER B 184 41.52 10.23 -37.90
CA SER B 184 42.22 8.96 -37.87
C SER B 184 43.72 9.23 -37.95
N VAL B 185 44.48 8.65 -37.02
CA VAL B 185 45.86 9.03 -36.82
C VAL B 185 46.78 7.81 -36.83
N VAL B 186 48.05 8.07 -37.06
CA VAL B 186 49.10 7.05 -37.04
C VAL B 186 50.40 7.69 -36.58
N THR B 187 51.16 6.96 -35.79
CA THR B 187 52.43 7.43 -35.24
C THR B 187 53.57 6.74 -35.98
N VAL B 188 54.50 7.52 -36.51
CA VAL B 188 55.60 6.99 -37.30
C VAL B 188 56.91 7.60 -36.84
N PRO B 189 58.04 6.91 -37.01
CA PRO B 189 59.32 7.50 -36.60
C PRO B 189 59.66 8.73 -37.43
N SER B 190 60.37 9.66 -36.79
CA SER B 190 60.76 10.90 -37.46
C SER B 190 61.69 10.63 -38.64
N SER B 191 62.62 9.69 -38.47
CA SER B 191 63.57 9.38 -39.54
C SER B 191 62.87 8.86 -40.79
N SER B 192 61.73 8.18 -40.62
CA SER B 192 60.96 7.69 -41.75
C SER B 192 60.08 8.76 -42.38
N LEU B 193 60.00 9.94 -41.78
CA LEU B 193 59.16 11.00 -42.32
C LEU B 193 59.67 11.47 -43.68
N GLY B 194 60.99 11.58 -43.84
CA GLY B 194 61.57 12.06 -45.08
C GLY B 194 61.67 11.04 -46.19
N THR B 195 61.33 9.79 -45.92
CA THR B 195 61.39 8.73 -46.93
C THR B 195 60.05 8.08 -47.20
N GLN B 196 59.25 7.83 -46.17
CA GLN B 196 57.97 7.16 -46.35
C GLN B 196 56.89 8.14 -46.77
N THR B 197 56.02 7.69 -47.68
CA THR B 197 54.88 8.47 -48.14
C THR B 197 53.61 7.88 -47.55
N TYR B 198 52.82 8.72 -46.87
CA TYR B 198 51.61 8.30 -46.19
C TYR B 198 50.41 8.85 -46.95
N ILE B 199 49.52 7.96 -47.38
CA ILE B 199 48.31 8.33 -48.11
C ILE B 199 47.12 7.74 -47.38
N CYS B 200 46.26 8.61 -46.85
CA CYS B 200 45.05 8.17 -46.17
C CYS B 200 43.91 8.02 -47.17
N ASN B 201 43.18 6.92 -47.04
CA ASN B 201 42.05 6.60 -47.90
C ASN B 201 40.76 6.65 -47.10
N VAL B 202 39.81 7.44 -47.58
CA VAL B 202 38.52 7.62 -46.94
C VAL B 202 37.45 7.07 -47.87
N ASN B 203 36.78 6.01 -47.42
CA ASN B 203 35.73 5.35 -48.18
C ASN B 203 34.39 5.71 -47.53
N HIS B 204 33.48 6.25 -48.34
CA HIS B 204 32.15 6.68 -47.91
C HIS B 204 31.16 6.01 -48.86
N LYS B 205 30.70 4.82 -48.49
CA LYS B 205 29.76 4.09 -49.34
C LYS B 205 28.44 4.81 -49.54
N PRO B 206 27.78 5.38 -48.51
CA PRO B 206 26.53 6.12 -48.77
C PRO B 206 26.70 7.25 -49.76
N SER B 207 27.84 7.94 -49.75
CA SER B 207 28.14 8.96 -50.74
C SER B 207 28.95 8.43 -51.91
N ASN B 208 29.31 7.14 -51.88
CA ASN B 208 30.07 6.50 -52.96
C ASN B 208 31.29 7.32 -53.34
N THR B 209 32.07 7.69 -52.33
CA THR B 209 33.22 8.58 -52.52
C THR B 209 34.46 7.92 -51.92
N LYS B 210 35.50 7.76 -52.74
CA LYS B 210 36.77 7.20 -52.32
C LYS B 210 37.82 8.30 -52.45
N VAL B 211 38.02 9.06 -51.39
CA VAL B 211 38.89 10.24 -51.41
C VAL B 211 40.22 9.87 -50.79
N ASP B 212 41.31 10.13 -51.51
CA ASP B 212 42.65 9.85 -51.04
C ASP B 212 43.39 11.17 -50.82
N LYS B 213 44.10 11.27 -49.70
CA LYS B 213 44.86 12.47 -49.39
C LYS B 213 46.24 12.09 -48.89
N ARG B 214 47.28 12.75 -49.43
CA ARG B 214 48.64 12.50 -49.00
C ARG B 214 48.99 13.42 -47.84
N VAL B 215 49.58 12.86 -46.79
CA VAL B 215 49.99 13.61 -45.61
C VAL B 215 51.50 13.68 -45.58
N GLU B 216 52.04 14.90 -45.62
CA GLU B 216 53.47 15.13 -45.66
C GLU B 216 53.79 16.32 -44.78
N PRO B 217 55.02 16.41 -44.26
CA PRO B 217 55.39 17.55 -43.42
C PRO B 217 55.29 18.86 -44.18
N LYS B 218 54.89 19.91 -43.47
CA LYS B 218 54.72 21.24 -44.05
C LYS B 218 55.83 22.15 -43.56
N SER B 219 56.45 22.88 -44.49
CA SER B 219 57.54 23.80 -44.15
C SER B 219 56.98 25.16 -43.73
N ASP C 1 6.10 3.14 -9.73
CA ASP C 1 7.24 3.60 -10.52
C ASP C 1 8.54 3.34 -9.78
N ILE C 2 8.97 2.08 -9.77
CA ILE C 2 10.18 1.69 -9.06
C ILE C 2 11.39 1.94 -9.95
N GLN C 3 12.38 2.64 -9.41
CA GLN C 3 13.61 2.93 -10.11
C GLN C 3 14.72 2.02 -9.61
N LEU C 4 15.49 1.46 -10.53
CA LEU C 4 16.58 0.55 -10.20
C LEU C 4 17.91 1.28 -10.37
N THR C 5 18.78 1.14 -9.38
CA THR C 5 20.07 1.81 -9.38
C THR C 5 21.17 0.80 -9.12
N GLN C 6 22.28 0.93 -9.85
CA GLN C 6 23.44 0.06 -9.70
C GLN C 6 24.55 0.82 -9.00
N SER C 7 25.16 0.19 -7.99
CA SER C 7 26.13 0.92 -7.16
C SER C 7 27.40 1.25 -7.93
N PRO C 8 28.19 0.28 -8.43
CA PRO C 8 29.39 0.65 -9.17
C PRO C 8 29.10 0.91 -10.64
N SER C 9 29.25 2.16 -11.09
CA SER C 9 29.07 2.45 -12.50
C SER C 9 30.26 2.04 -13.34
N PHE C 10 31.42 1.81 -12.71
CA PHE C 10 32.60 1.32 -13.39
C PHE C 10 33.34 0.40 -12.43
N LEU C 11 34.18 -0.47 -12.99
CA LEU C 11 34.96 -1.40 -12.18
C LEU C 11 36.11 -1.92 -12.99
N SER C 12 37.33 -1.63 -12.55
CA SER C 12 38.54 -2.12 -13.19
C SER C 12 39.07 -3.30 -12.39
N ALA C 13 39.12 -4.47 -13.00
CA ALA C 13 39.52 -5.70 -12.33
C ALA C 13 40.46 -6.48 -13.24
N SER C 14 41.25 -7.36 -12.63
CA SER C 14 42.19 -8.19 -13.34
C SER C 14 41.67 -9.62 -13.45
N VAL C 15 42.32 -10.39 -14.31
CA VAL C 15 41.92 -11.78 -14.52
C VAL C 15 42.30 -12.60 -13.30
N GLY C 16 41.30 -13.25 -12.70
CA GLY C 16 41.50 -14.04 -11.50
C GLY C 16 40.94 -13.46 -10.23
N ASP C 17 40.11 -12.42 -10.32
CA ASP C 17 39.56 -11.77 -9.15
C ASP C 17 38.10 -12.19 -8.93
N ARG C 18 37.54 -11.70 -7.83
CA ARG C 18 36.15 -11.96 -7.46
C ARG C 18 35.43 -10.62 -7.42
N VAL C 19 34.38 -10.47 -8.23
CA VAL C 19 33.73 -9.17 -8.37
C VAL C 19 32.29 -9.26 -7.91
N THR C 20 31.76 -8.13 -7.47
CA THR C 20 30.40 -8.04 -6.95
C THR C 20 29.76 -6.75 -7.45
N ILE C 21 28.49 -6.84 -7.84
CA ILE C 21 27.71 -5.72 -8.33
C ILE C 21 26.39 -5.69 -7.58
N THR C 22 25.91 -4.50 -7.25
CA THR C 22 24.72 -4.33 -6.42
C THR C 22 23.67 -3.53 -7.17
N CYS C 23 22.43 -4.01 -7.14
CA CYS C 23 21.28 -3.32 -7.72
C CYS C 23 20.28 -3.08 -6.60
N ARG C 24 19.92 -1.82 -6.39
CA ARG C 24 19.10 -1.41 -5.25
C ARG C 24 17.80 -0.80 -5.75
N ALA C 25 16.68 -1.30 -5.25
CA ALA C 25 15.37 -0.80 -5.61
C ALA C 25 14.99 0.38 -4.70
N SER C 26 13.89 1.03 -5.05
CA SER C 26 13.42 2.19 -4.31
C SER C 26 12.26 1.90 -3.39
N GLN C 27 11.47 0.86 -3.66
CA GLN C 27 10.34 0.50 -2.81
C GLN C 27 10.44 -0.90 -2.21
N GLY C 28 10.94 -1.87 -2.95
CA GLY C 28 10.89 -3.26 -2.53
C GLY C 28 10.09 -4.11 -3.49
N ILE C 29 10.77 -4.96 -4.25
CA ILE C 29 10.19 -5.60 -5.42
C ILE C 29 10.27 -7.12 -5.35
N SER C 30 10.16 -7.68 -4.14
CA SER C 30 10.12 -9.12 -3.96
C SER C 30 11.45 -9.77 -4.36
N SER C 31 11.41 -10.97 -4.93
CA SER C 31 12.61 -11.70 -5.31
C SER C 31 12.70 -11.93 -6.81
N ASP C 32 12.01 -11.13 -7.62
CA ASP C 32 12.00 -11.27 -9.07
C ASP C 32 12.90 -10.21 -9.68
N LEU C 33 14.11 -10.61 -10.04
CA LEU C 33 15.06 -9.74 -10.73
C LEU C 33 15.78 -10.55 -11.78
N ALA C 34 16.23 -9.87 -12.83
CA ALA C 34 16.95 -10.52 -13.92
C ALA C 34 18.26 -9.79 -14.15
N TRP C 35 19.29 -10.55 -14.54
CA TRP C 35 20.63 -10.03 -14.76
C TRP C 35 21.10 -10.43 -16.14
N TYR C 36 21.43 -9.41 -16.96
CA TYR C 36 21.78 -9.55 -18.36
C TYR C 36 23.21 -9.07 -18.60
N GLN C 37 23.85 -9.66 -19.62
CA GLN C 37 25.20 -9.32 -20.04
C GLN C 37 25.20 -8.85 -21.49
N GLN C 38 25.93 -7.78 -21.77
CA GLN C 38 26.02 -7.21 -23.11
C GLN C 38 27.46 -6.87 -23.45
N LYS C 39 27.96 -7.43 -24.55
CA LYS C 39 29.24 -7.16 -25.17
C LYS C 39 29.09 -6.15 -26.30
N PRO C 40 30.12 -5.36 -26.59
CA PRO C 40 29.96 -4.24 -27.53
C PRO C 40 29.53 -4.71 -28.91
N GLY C 41 28.44 -4.12 -29.41
CA GLY C 41 27.97 -4.40 -30.75
C GLY C 41 27.09 -5.61 -30.89
N LYS C 42 26.70 -6.26 -29.80
CA LYS C 42 25.89 -7.47 -29.86
C LYS C 42 24.72 -7.35 -28.90
N ALA C 43 23.76 -8.26 -29.05
CA ALA C 43 22.57 -8.25 -28.23
C ALA C 43 22.88 -8.76 -26.82
N PRO C 44 22.05 -8.41 -25.85
CA PRO C 44 22.27 -8.89 -24.48
C PRO C 44 22.02 -10.39 -24.34
N ASN C 45 22.67 -10.98 -23.36
CA ASN C 45 22.45 -12.37 -22.96
C ASN C 45 21.83 -12.38 -21.57
N LEU C 46 21.01 -13.39 -21.29
CA LEU C 46 20.40 -13.55 -19.99
C LEU C 46 21.30 -14.43 -19.12
N LEU C 47 21.73 -13.89 -17.97
CA LEU C 47 22.57 -14.63 -17.04
C LEU C 47 21.76 -15.21 -15.88
N ILE C 48 21.06 -14.36 -15.14
CA ILE C 48 20.44 -14.76 -13.89
C ILE C 48 18.97 -14.38 -13.91
N TYR C 49 18.11 -15.25 -13.39
CA TYR C 49 16.71 -14.93 -13.17
C TYR C 49 16.29 -15.41 -11.80
N ALA C 50 15.19 -14.83 -11.30
CA ALA C 50 14.69 -15.05 -9.94
C ALA C 50 15.69 -14.64 -8.88
N ALA C 51 16.67 -13.82 -9.28
CA ALA C 51 17.66 -13.20 -8.41
C ALA C 51 18.69 -14.19 -7.86
N SER C 52 18.47 -15.49 -8.09
CA SER C 52 19.46 -16.49 -7.69
C SER C 52 19.63 -17.63 -8.69
N THR C 53 18.71 -17.84 -9.62
CA THR C 53 18.75 -19.00 -10.49
C THR C 53 19.61 -18.72 -11.73
N LEU C 54 20.26 -19.76 -12.22
CA LEU C 54 21.21 -19.66 -13.32
C LEU C 54 20.58 -20.23 -14.57
N GLN C 55 20.48 -19.40 -15.61
CA GLN C 55 19.92 -19.86 -16.88
C GLN C 55 20.88 -20.84 -17.55
N SER C 56 20.31 -21.81 -18.25
CA SER C 56 21.09 -22.89 -18.83
C SER C 56 22.14 -22.35 -19.80
N GLY C 57 23.36 -22.88 -19.69
CA GLY C 57 24.46 -22.51 -20.55
C GLY C 57 25.49 -21.59 -19.90
N VAL C 58 25.09 -20.85 -18.86
CA VAL C 58 26.01 -19.94 -18.19
C VAL C 58 26.89 -20.75 -17.25
N PRO C 59 28.20 -20.51 -17.23
CA PRO C 59 29.08 -21.28 -16.34
C PRO C 59 28.74 -21.05 -14.87
N SER C 60 29.25 -21.94 -14.02
CA SER C 60 28.93 -21.93 -12.60
C SER C 60 29.58 -20.77 -11.86
N ARG C 61 30.45 -20.00 -12.50
CA ARG C 61 31.15 -18.92 -11.82
C ARG C 61 30.26 -17.73 -11.51
N PHE C 62 29.03 -17.69 -12.02
CA PHE C 62 28.09 -16.61 -11.74
C PHE C 62 27.14 -17.00 -10.62
N SER C 63 26.85 -16.06 -9.73
CA SER C 63 25.93 -16.29 -8.63
C SER C 63 25.16 -15.02 -8.35
N GLY C 64 24.05 -15.16 -7.65
CA GLY C 64 23.22 -14.02 -7.31
C GLY C 64 22.40 -14.27 -6.06
N SER C 65 22.14 -13.20 -5.33
CA SER C 65 21.38 -13.32 -4.09
C SER C 65 20.77 -11.98 -3.72
N GLY C 66 19.55 -12.01 -3.22
CA GLY C 66 18.92 -10.80 -2.73
C GLY C 66 17.43 -10.96 -2.60
N SER C 67 16.82 -10.00 -1.91
CA SER C 67 15.38 -9.96 -1.72
C SER C 67 15.00 -8.60 -1.15
N GLY C 68 13.86 -8.08 -1.59
CA GLY C 68 13.37 -6.82 -1.06
C GLY C 68 13.91 -5.60 -1.77
N THR C 69 14.92 -4.98 -1.20
CA THR C 69 15.51 -3.74 -1.73
C THR C 69 16.87 -3.95 -2.38
N GLU C 70 17.73 -4.76 -1.80
CA GLU C 70 19.10 -4.93 -2.28
C GLU C 70 19.26 -6.29 -2.96
N PHE C 71 19.94 -6.29 -4.10
CA PHE C 71 20.26 -7.51 -4.82
C PHE C 71 21.74 -7.46 -5.22
N THR C 72 22.35 -8.64 -5.33
CA THR C 72 23.79 -8.73 -5.59
C THR C 72 24.05 -9.80 -6.64
N LEU C 73 24.91 -9.46 -7.60
CA LEU C 73 25.45 -10.41 -8.57
C LEU C 73 26.94 -10.56 -8.29
N THR C 74 27.44 -11.78 -8.43
CA THR C 74 28.82 -12.07 -8.07
C THR C 74 29.45 -12.96 -9.12
N ILE C 75 30.71 -12.66 -9.44
CA ILE C 75 31.53 -13.49 -10.30
C ILE C 75 32.70 -14.00 -9.47
N SER C 76 32.86 -15.32 -9.42
CA SER C 76 33.90 -15.92 -8.59
C SER C 76 35.27 -15.67 -9.16
N SER C 77 35.50 -16.11 -10.40
CA SER C 77 36.78 -15.90 -11.08
C SER C 77 36.51 -15.26 -12.43
N LEU C 78 37.38 -14.32 -12.82
CA LEU C 78 37.19 -13.54 -14.03
C LEU C 78 37.96 -14.17 -15.18
N GLN C 79 37.24 -14.69 -16.15
CA GLN C 79 37.79 -15.15 -17.41
C GLN C 79 37.94 -13.97 -18.37
N PRO C 80 38.82 -14.09 -19.37
CA PRO C 80 39.04 -12.95 -20.27
C PRO C 80 37.81 -12.53 -21.06
N GLU C 81 36.80 -13.40 -21.17
CA GLU C 81 35.62 -13.09 -21.95
C GLU C 81 34.50 -12.48 -21.13
N ASP C 82 34.73 -12.19 -19.85
CA ASP C 82 33.68 -11.68 -18.97
C ASP C 82 33.65 -10.17 -18.88
N PHE C 83 34.52 -9.46 -19.60
CA PHE C 83 34.54 -8.01 -19.56
C PHE C 83 33.45 -7.48 -20.50
N ALA C 84 32.40 -6.91 -19.92
CA ALA C 84 31.25 -6.43 -20.67
C ALA C 84 30.40 -5.58 -19.73
N THR C 85 29.23 -5.16 -20.20
CA THR C 85 28.30 -4.40 -19.39
C THR C 85 27.21 -5.34 -18.85
N TYR C 86 26.66 -4.99 -17.69
CA TYR C 86 25.65 -5.82 -17.04
C TYR C 86 24.47 -4.95 -16.62
N TYR C 87 23.28 -5.54 -16.69
CA TYR C 87 22.04 -4.82 -16.41
C TYR C 87 21.15 -5.64 -15.48
N CYS C 88 20.40 -4.93 -14.63
CA CYS C 88 19.38 -5.54 -13.78
C CYS C 88 18.00 -5.08 -14.23
N GLN C 89 17.06 -6.03 -14.28
CA GLN C 89 15.73 -5.80 -14.82
C GLN C 89 14.67 -6.28 -13.84
N GLN C 90 13.59 -5.53 -13.74
CA GLN C 90 12.46 -5.83 -12.87
C GLN C 90 11.16 -5.66 -13.65
N LEU C 91 10.18 -6.51 -13.36
CA LEU C 91 8.99 -6.61 -14.22
C LEU C 91 7.82 -5.75 -13.74
N ASN C 92 7.55 -5.73 -12.44
CA ASN C 92 6.40 -5.00 -11.87
C ASN C 92 5.12 -5.57 -12.48
N SER C 93 4.09 -4.75 -12.63
CA SER C 93 2.84 -5.22 -13.21
C SER C 93 2.93 -5.22 -14.73
N ASP C 94 3.04 -4.03 -15.32
CA ASP C 94 3.21 -3.89 -16.77
C ASP C 94 4.21 -2.78 -17.07
N LEU C 95 5.25 -2.69 -16.27
CA LEU C 95 6.26 -1.64 -16.43
C LEU C 95 7.64 -2.25 -16.27
N TYR C 96 8.35 -2.45 -17.37
CA TYR C 96 9.70 -2.99 -17.36
C TYR C 96 10.69 -1.86 -17.10
N THR C 97 11.57 -2.06 -16.13
CA THR C 97 12.56 -1.06 -15.76
C THR C 97 13.95 -1.68 -15.77
N PHE C 98 14.89 -1.01 -16.42
CA PHE C 98 16.29 -1.40 -16.45
C PHE C 98 17.11 -0.45 -15.59
N GLY C 99 18.37 -0.81 -15.38
CA GLY C 99 19.28 0.00 -14.62
C GLY C 99 20.18 0.86 -15.51
N GLN C 100 21.05 1.61 -14.85
CA GLN C 100 22.00 2.45 -15.58
C GLN C 100 22.99 1.61 -16.37
N GLY C 101 23.47 0.53 -15.79
CA GLY C 101 24.46 -0.32 -16.44
C GLY C 101 25.81 -0.18 -15.76
N THR C 102 26.49 -1.31 -15.58
CA THR C 102 27.81 -1.36 -14.96
C THR C 102 28.80 -1.96 -15.95
N LYS C 103 29.90 -1.24 -16.18
CA LYS C 103 30.90 -1.66 -17.14
C LYS C 103 32.11 -2.24 -16.43
N LEU C 104 32.69 -3.28 -17.02
CA LEU C 104 33.88 -3.93 -16.49
C LEU C 104 35.04 -3.72 -17.45
N GLU C 105 36.22 -3.45 -16.90
CA GLU C 105 37.42 -3.18 -17.68
C GLU C 105 38.54 -4.09 -17.21
N ILE C 106 39.73 -3.86 -17.77
CA ILE C 106 40.92 -4.65 -17.45
C ILE C 106 41.86 -3.78 -16.63
N LYS C 107 42.30 -4.29 -15.50
CA LYS C 107 43.22 -3.56 -14.65
C LYS C 107 44.59 -3.47 -15.30
N ARG C 108 45.29 -2.37 -15.02
CA ARG C 108 46.59 -2.11 -15.61
C ARG C 108 47.33 -1.12 -14.74
N THR C 109 48.63 -0.99 -14.99
CA THR C 109 49.45 -0.01 -14.29
C THR C 109 49.14 1.39 -14.79
N VAL C 110 49.89 2.37 -14.30
CA VAL C 110 49.71 3.76 -14.67
C VAL C 110 50.69 4.12 -15.76
N ALA C 111 50.19 4.73 -16.83
CA ALA C 111 51.00 5.11 -17.99
C ALA C 111 50.86 6.59 -18.25
N ALA C 112 51.96 7.22 -18.67
CA ALA C 112 51.98 8.65 -18.96
C ALA C 112 51.58 8.89 -20.40
N PRO C 113 50.56 9.69 -20.68
CA PRO C 113 50.18 9.95 -22.06
C PRO C 113 51.25 10.73 -22.82
N SER C 114 51.31 10.49 -24.13
CA SER C 114 52.13 11.27 -25.03
C SER C 114 51.28 12.35 -25.67
N VAL C 115 51.77 13.59 -25.65
CA VAL C 115 51.01 14.77 -26.04
C VAL C 115 51.50 15.25 -27.39
N PHE C 116 50.57 15.48 -28.32
CA PHE C 116 50.90 16.03 -29.63
C PHE C 116 49.78 16.97 -30.07
N ILE C 117 50.11 17.84 -31.03
CA ILE C 117 49.19 18.84 -31.52
C ILE C 117 49.13 18.79 -33.04
N PHE C 118 48.03 19.30 -33.58
CA PHE C 118 47.78 19.34 -35.02
C PHE C 118 47.09 20.65 -35.39
N PRO C 119 47.77 21.52 -36.13
CA PRO C 119 47.17 22.79 -36.54
C PRO C 119 46.20 22.59 -37.69
N PRO C 120 45.28 23.54 -37.90
CA PRO C 120 44.41 23.44 -39.07
C PRO C 120 45.21 23.55 -40.36
N SER C 121 44.76 22.81 -41.37
CA SER C 121 45.43 22.78 -42.66
C SER C 121 45.10 24.03 -43.47
N ASP C 122 45.98 24.32 -44.44
CA ASP C 122 45.75 25.46 -45.32
C ASP C 122 44.50 25.26 -46.17
N GLU C 123 44.28 24.04 -46.65
CA GLU C 123 43.07 23.76 -47.41
C GLU C 123 41.82 24.00 -46.59
N GLN C 124 41.83 23.58 -45.32
CA GLN C 124 40.72 23.88 -44.43
C GLN C 124 40.63 25.37 -44.14
N LEU C 125 41.78 26.05 -44.06
CA LEU C 125 41.77 27.49 -43.83
C LEU C 125 41.11 28.24 -44.98
N LYS C 126 41.28 27.76 -46.21
CA LYS C 126 40.64 28.39 -47.35
C LYS C 126 39.13 28.27 -47.29
N SER C 127 38.60 27.28 -46.57
CA SER C 127 37.17 27.07 -46.49
C SER C 127 36.48 28.01 -45.51
N GLY C 128 37.23 28.72 -44.67
CA GLY C 128 36.65 29.62 -43.70
C GLY C 128 36.50 29.09 -42.29
N THR C 129 37.04 27.90 -42.01
CA THR C 129 36.99 27.32 -40.68
C THR C 129 38.36 26.76 -40.32
N ALA C 130 38.65 26.71 -39.02
CA ALA C 130 39.92 26.20 -38.53
C ALA C 130 39.68 25.26 -37.36
N SER C 131 40.29 24.07 -37.43
CA SER C 131 40.18 23.08 -36.38
C SER C 131 41.57 22.74 -35.84
N VAL C 132 41.72 22.82 -34.52
CA VAL C 132 42.97 22.50 -33.85
C VAL C 132 42.76 21.21 -33.07
N VAL C 133 43.67 20.25 -33.24
CA VAL C 133 43.54 18.92 -32.68
C VAL C 133 44.61 18.70 -31.62
N CYS C 134 44.19 18.17 -30.47
CA CYS C 134 45.12 17.76 -29.41
C CYS C 134 45.00 16.25 -29.23
N LEU C 135 46.13 15.55 -29.25
CA LEU C 135 46.17 14.10 -29.26
C LEU C 135 46.94 13.59 -28.04
N LEU C 136 46.35 12.66 -27.31
CA LEU C 136 46.98 12.00 -26.17
C LEU C 136 47.03 10.51 -26.44
N ASN C 137 48.22 9.92 -26.30
CA ASN C 137 48.45 8.53 -26.66
C ASN C 137 48.87 7.70 -25.45
N ASN C 138 48.32 6.48 -25.38
CA ASN C 138 48.82 5.41 -24.52
C ASN C 138 48.84 5.82 -23.04
N PHE C 139 47.65 6.02 -22.51
CA PHE C 139 47.51 6.41 -21.11
C PHE C 139 46.49 5.55 -20.39
N TYR C 140 46.79 5.19 -19.14
CA TYR C 140 45.86 4.57 -18.23
C TYR C 140 45.94 5.27 -16.88
N PRO C 141 44.80 5.47 -16.20
CA PRO C 141 43.44 5.07 -16.54
C PRO C 141 42.73 6.01 -17.50
N ARG C 142 41.42 5.82 -17.64
CA ARG C 142 40.65 6.60 -18.61
C ARG C 142 40.57 8.06 -18.21
N GLU C 143 40.55 8.35 -16.92
CA GLU C 143 40.32 9.70 -16.45
C GLU C 143 41.42 10.64 -16.94
N ALA C 144 41.04 11.66 -17.69
CA ALA C 144 41.96 12.68 -18.15
C ALA C 144 41.20 13.98 -18.30
N LYS C 145 41.92 15.09 -18.16
CA LYS C 145 41.33 16.42 -18.30
C LYS C 145 42.06 17.19 -19.40
N VAL C 146 41.29 17.81 -20.28
CA VAL C 146 41.83 18.62 -21.38
C VAL C 146 41.23 20.01 -21.29
N GLN C 147 42.08 21.03 -21.31
CA GLN C 147 41.67 22.42 -21.23
C GLN C 147 42.23 23.20 -22.42
N TRP C 148 41.39 24.04 -23.00
CA TRP C 148 41.76 24.83 -24.17
C TRP C 148 42.07 26.26 -23.75
N LYS C 149 43.26 26.74 -24.10
CA LYS C 149 43.72 28.07 -23.72
C LYS C 149 43.91 28.90 -24.99
N VAL C 150 43.06 29.91 -25.16
CA VAL C 150 43.17 30.88 -26.23
C VAL C 150 43.32 32.26 -25.60
N ASP C 151 44.35 32.99 -26.02
CA ASP C 151 44.71 34.28 -25.42
C ASP C 151 44.87 34.16 -23.91
N ASN C 152 45.51 33.06 -23.48
CA ASN C 152 45.73 32.75 -22.07
C ASN C 152 44.41 32.69 -21.30
N ALA C 153 43.34 32.28 -21.97
CA ALA C 153 42.02 32.20 -21.36
C ALA C 153 41.43 30.82 -21.61
N LEU C 154 40.74 30.28 -20.61
CA LEU C 154 40.09 28.99 -20.76
C LEU C 154 38.83 29.14 -21.60
N GLN C 155 38.72 28.34 -22.65
CA GLN C 155 37.56 28.40 -23.52
C GLN C 155 36.36 27.73 -22.86
N SER C 156 35.17 28.03 -23.38
CA SER C 156 33.93 27.52 -22.83
C SER C 156 33.12 26.67 -23.80
N GLY C 157 33.39 26.75 -25.09
CA GLY C 157 32.62 26.00 -26.06
C GLY C 157 33.38 25.61 -27.30
N ASN C 158 32.68 25.02 -28.27
CA ASN C 158 33.27 24.57 -29.53
C ASN C 158 34.36 23.54 -29.29
N SER C 159 34.07 22.55 -28.43
CA SER C 159 35.01 21.48 -28.13
C SER C 159 34.25 20.18 -27.93
N GLN C 160 34.78 19.10 -28.48
CA GLN C 160 34.20 17.77 -28.33
C GLN C 160 35.30 16.74 -28.45
N GLU C 161 35.40 15.85 -27.48
CA GLU C 161 36.49 14.89 -27.38
C GLU C 161 36.02 13.50 -27.76
N SER C 162 36.92 12.73 -28.36
CA SER C 162 36.66 11.35 -28.73
C SER C 162 37.67 10.44 -28.03
N VAL C 163 37.16 9.43 -27.34
CA VAL C 163 37.98 8.50 -26.56
C VAL C 163 37.94 7.14 -27.22
N THR C 164 39.11 6.52 -27.34
CA THR C 164 39.18 5.18 -27.90
C THR C 164 38.74 4.14 -26.88
N GLU C 165 38.41 2.96 -27.39
CA GLU C 165 38.19 1.81 -26.52
C GLU C 165 39.53 1.27 -26.03
N GLN C 166 39.46 0.34 -25.07
CA GLN C 166 40.68 -0.22 -24.51
C GLN C 166 41.40 -1.05 -25.56
N ASP C 167 42.69 -0.79 -25.73
CA ASP C 167 43.48 -1.52 -26.73
C ASP C 167 43.57 -2.99 -26.36
N SER C 168 43.41 -3.85 -27.37
CA SER C 168 43.38 -5.29 -27.12
C SER C 168 44.75 -5.86 -26.80
N LYS C 169 45.82 -5.11 -27.03
CA LYS C 169 47.17 -5.59 -26.79
C LYS C 169 47.78 -5.03 -25.52
N ASP C 170 47.62 -3.73 -25.27
CA ASP C 170 48.23 -3.07 -24.12
C ASP C 170 47.23 -2.62 -23.07
N SER C 171 45.94 -2.68 -23.35
CA SER C 171 44.90 -2.19 -22.44
C SER C 171 45.11 -0.73 -22.07
N THR C 172 45.32 0.10 -23.09
CA THR C 172 45.56 1.52 -22.94
C THR C 172 44.55 2.31 -23.76
N TYR C 173 44.46 3.60 -23.47
CA TYR C 173 43.55 4.51 -24.17
C TYR C 173 44.36 5.56 -24.93
N SER C 174 43.69 6.23 -25.86
CA SER C 174 44.25 7.37 -26.59
C SER C 174 43.09 8.22 -27.06
N LEU C 175 43.09 9.51 -26.72
CA LEU C 175 41.94 10.35 -27.02
C LEU C 175 42.35 11.61 -27.75
N SER C 176 41.41 12.14 -28.55
CA SER C 176 41.64 13.31 -29.38
C SER C 176 40.58 14.36 -29.10
N SER C 177 41.02 15.59 -28.88
CA SER C 177 40.14 16.72 -28.62
C SER C 177 40.25 17.73 -29.77
N THR C 178 39.14 18.39 -30.06
CA THR C 178 39.09 19.31 -31.19
C THR C 178 38.57 20.67 -30.72
N LEU C 179 39.15 21.73 -31.28
CA LEU C 179 38.67 23.10 -31.09
C LEU C 179 38.38 23.68 -32.47
N THR C 180 37.12 24.01 -32.70
CA THR C 180 36.65 24.49 -34.01
C THR C 180 36.29 25.96 -33.92
N LEU C 181 36.79 26.75 -34.87
CA LEU C 181 36.53 28.18 -34.88
C LEU C 181 36.33 28.64 -36.32
N SER C 182 35.70 29.81 -36.46
CA SER C 182 35.54 30.44 -37.76
C SER C 182 36.86 31.08 -38.20
N LYS C 183 36.92 31.42 -39.49
CA LYS C 183 38.13 32.05 -40.03
C LYS C 183 38.38 33.40 -39.37
N ALA C 184 37.31 34.18 -39.16
CA ALA C 184 37.47 35.49 -38.54
C ALA C 184 38.00 35.37 -37.11
N ASP C 185 37.50 34.40 -36.34
CA ASP C 185 37.95 34.26 -34.97
C ASP C 185 39.33 33.61 -34.89
N TYR C 186 39.68 32.77 -35.86
CA TYR C 186 41.00 32.16 -35.87
C TYR C 186 42.08 33.12 -36.34
N GLU C 187 41.72 34.10 -37.17
CA GLU C 187 42.67 35.07 -37.70
C GLU C 187 42.80 36.30 -36.81
N LYS C 188 42.52 36.17 -35.51
CA LYS C 188 42.61 37.30 -34.59
C LYS C 188 43.52 37.03 -33.39
N HIS C 189 44.15 35.85 -33.31
CA HIS C 189 44.99 35.53 -32.17
C HIS C 189 46.15 34.65 -32.62
N LYS C 190 47.17 34.56 -31.76
CA LYS C 190 48.32 33.71 -31.99
C LYS C 190 48.54 32.69 -30.89
N VAL C 191 47.69 32.67 -29.86
CA VAL C 191 47.84 31.77 -28.72
C VAL C 191 46.86 30.62 -28.87
N TYR C 192 47.37 29.40 -28.83
CA TYR C 192 46.53 28.20 -28.93
C TYR C 192 47.25 27.09 -28.15
N ALA C 193 46.76 26.80 -26.94
CA ALA C 193 47.40 25.84 -26.06
C ALA C 193 46.39 24.78 -25.61
N CYS C 194 46.91 23.56 -25.44
CA CYS C 194 46.11 22.42 -24.96
C CYS C 194 46.77 21.89 -23.70
N GLU C 195 46.09 22.01 -22.57
CA GLU C 195 46.60 21.57 -21.28
C GLU C 195 46.00 20.23 -20.92
N VAL C 196 46.86 19.27 -20.60
CA VAL C 196 46.45 17.89 -20.33
C VAL C 196 46.84 17.55 -18.90
N THR C 197 45.85 17.17 -18.09
CA THR C 197 46.07 16.75 -16.72
C THR C 197 45.68 15.29 -16.56
N HIS C 198 46.56 14.50 -15.95
CA HIS C 198 46.34 13.07 -15.81
C HIS C 198 47.03 12.60 -14.54
N GLN C 199 46.57 11.44 -14.03
CA GLN C 199 47.16 10.85 -12.84
C GLN C 199 48.63 10.50 -13.05
N GLY C 200 48.96 9.94 -14.22
CA GLY C 200 50.33 9.56 -14.49
C GLY C 200 51.27 10.74 -14.56
N LEU C 201 50.80 11.86 -15.09
CA LEU C 201 51.63 13.06 -15.20
C LEU C 201 51.75 13.74 -13.85
N SER C 202 52.99 14.04 -13.46
CA SER C 202 53.22 14.73 -12.19
C SER C 202 52.64 16.13 -12.21
N SER C 203 52.80 16.84 -13.33
CA SER C 203 52.30 18.20 -13.49
C SER C 203 51.54 18.32 -14.80
N PRO C 204 50.56 19.22 -14.87
CA PRO C 204 49.82 19.41 -16.12
C PRO C 204 50.72 19.90 -17.23
N VAL C 205 50.86 19.09 -18.28
CA VAL C 205 51.72 19.40 -19.41
C VAL C 205 50.87 20.07 -20.48
N THR C 206 51.29 21.26 -20.92
CA THR C 206 50.59 22.03 -21.93
C THR C 206 51.46 22.14 -23.17
N LYS C 207 50.90 21.76 -24.32
CA LYS C 207 51.59 21.84 -25.61
C LYS C 207 50.88 22.85 -26.49
N SER C 208 51.63 23.79 -27.05
CA SER C 208 51.08 24.87 -27.85
C SER C 208 51.96 25.11 -29.07
N PHE C 209 51.41 25.83 -30.04
CA PHE C 209 52.13 26.22 -31.24
C PHE C 209 51.82 27.67 -31.56
N ASN C 210 52.83 28.38 -32.07
CA ASN C 210 52.68 29.78 -32.42
C ASN C 210 52.25 29.93 -33.87
N ARG C 211 51.41 30.93 -34.13
CA ARG C 211 50.89 31.14 -35.48
C ARG C 211 51.98 31.68 -36.41
N GLY C 212 52.96 32.39 -35.87
CA GLY C 212 53.98 33.01 -36.68
C GLY C 212 55.19 32.15 -36.96
N GLU C 213 54.99 30.84 -37.04
CA GLU C 213 56.07 29.91 -37.35
C GLU C 213 55.56 28.67 -38.06
N VAL D 1 -36.62 23.54 0.05
CA VAL D 1 -35.38 22.95 0.52
C VAL D 1 -34.29 24.00 0.53
N GLN D 2 -33.73 24.26 1.70
CA GLN D 2 -32.68 25.27 1.86
C GLN D 2 -31.54 24.69 2.68
N LEU D 3 -30.31 24.96 2.25
CA LEU D 3 -29.10 24.53 2.92
C LEU D 3 -28.19 25.73 3.08
N VAL D 4 -27.78 26.03 4.31
CA VAL D 4 -26.96 27.19 4.61
C VAL D 4 -25.68 26.73 5.27
N GLU D 5 -24.55 27.14 4.72
CA GLU D 5 -23.24 26.74 5.22
C GLU D 5 -22.57 27.89 5.97
N SER D 6 -21.68 27.53 6.88
CA SER D 6 -20.95 28.52 7.67
C SER D 6 -19.67 27.88 8.19
N GLY D 7 -18.74 28.74 8.59
CA GLY D 7 -17.50 28.31 9.21
C GLY D 7 -16.25 28.59 8.42
N GLY D 8 -16.37 28.98 7.16
CA GLY D 8 -15.18 29.25 6.36
C GLY D 8 -14.45 30.49 6.82
N GLY D 9 -13.17 30.54 6.52
CA GLY D 9 -12.36 31.68 6.89
C GLY D 9 -10.88 31.40 6.70
N LEU D 10 -10.06 32.25 7.29
CA LEU D 10 -8.61 32.14 7.20
C LEU D 10 -8.09 31.19 8.26
N VAL D 11 -7.09 30.38 7.89
CA VAL D 11 -6.48 29.43 8.80
C VAL D 11 -5.07 29.14 8.33
N GLN D 12 -4.18 28.91 9.28
CA GLN D 12 -2.78 28.65 9.00
C GLN D 12 -2.59 27.22 8.51
N PRO D 13 -1.52 26.95 7.77
CA PRO D 13 -1.22 25.57 7.37
C PRO D 13 -1.01 24.68 8.59
N GLY D 14 -1.50 23.44 8.48
CA GLY D 14 -1.38 22.48 9.55
C GLY D 14 -2.40 22.61 10.66
N GLY D 15 -3.32 23.56 10.56
CA GLY D 15 -4.31 23.80 11.59
C GLY D 15 -5.52 22.90 11.46
N SER D 16 -6.60 23.33 12.12
CA SER D 16 -7.86 22.60 12.12
C SER D 16 -9.01 23.58 12.03
N LEU D 17 -10.12 23.14 11.43
CA LEU D 17 -11.27 24.02 11.24
C LEU D 17 -12.52 23.18 11.05
N ARG D 18 -13.64 23.67 11.56
CA ARG D 18 -14.92 22.98 11.46
C ARG D 18 -15.89 23.82 10.66
N LEU D 19 -16.59 23.18 9.72
CA LEU D 19 -17.62 23.81 8.92
C LEU D 19 -18.96 23.14 9.18
N SER D 20 -20.03 23.94 9.15
CA SER D 20 -21.36 23.46 9.46
C SER D 20 -22.31 23.78 8.31
N CYS D 21 -23.31 22.91 8.15
CA CYS D 21 -24.34 23.06 7.12
C CYS D 21 -25.68 22.74 7.76
N ALA D 22 -26.55 23.75 7.82
CA ALA D 22 -27.87 23.61 8.43
C ALA D 22 -28.91 23.53 7.34
N ALA D 23 -29.83 22.56 7.48
CA ALA D 23 -30.80 22.24 6.45
C ALA D 23 -32.22 22.52 6.95
N SER D 24 -33.10 22.86 6.02
CA SER D 24 -34.50 23.08 6.33
C SER D 24 -35.35 22.75 5.12
N GLY D 25 -36.57 22.30 5.37
CA GLY D 25 -37.52 22.01 4.32
C GLY D 25 -37.70 20.55 3.99
N PHE D 26 -37.03 19.64 4.70
CA PHE D 26 -37.13 18.22 4.42
C PHE D 26 -36.73 17.44 5.67
N THR D 27 -37.07 16.17 5.68
CA THR D 27 -36.66 15.28 6.77
C THR D 27 -35.15 15.03 6.67
N PHE D 28 -34.41 15.50 7.67
CA PHE D 28 -32.95 15.44 7.61
C PHE D 28 -32.42 14.03 7.68
N SER D 29 -33.07 13.16 8.45
CA SER D 29 -32.55 11.83 8.73
C SER D 29 -32.88 10.81 7.65
N SER D 30 -33.57 11.21 6.59
CA SER D 30 -33.94 10.30 5.52
C SER D 30 -33.08 10.47 4.26
N TYR D 31 -31.99 11.22 4.35
CA TYR D 31 -31.20 11.55 3.18
C TYR D 31 -29.71 11.51 3.53
N ASP D 32 -28.90 11.33 2.50
CA ASP D 32 -27.46 11.29 2.63
C ASP D 32 -26.86 12.66 2.32
N MET D 33 -25.74 12.96 2.96
CA MET D 33 -25.12 14.28 2.81
C MET D 33 -23.69 14.13 2.30
N HIS D 34 -23.26 15.12 1.52
CA HIS D 34 -21.92 15.09 0.94
C HIS D 34 -21.31 16.48 1.02
N TRP D 35 -19.99 16.49 0.97
CA TRP D 35 -19.21 17.73 0.86
C TRP D 35 -18.38 17.66 -0.41
N VAL D 36 -18.54 18.66 -1.28
CA VAL D 36 -17.84 18.75 -2.55
C VAL D 36 -17.16 20.11 -2.63
N ARG D 37 -15.89 20.13 -3.03
CA ARG D 37 -15.12 21.37 -3.08
C ARG D 37 -14.77 21.72 -4.52
N GLN D 38 -14.67 23.03 -4.77
CA GLN D 38 -14.38 23.56 -6.10
C GLN D 38 -13.16 24.46 -6.04
N THR D 39 -12.21 24.20 -6.93
CA THR D 39 -11.07 25.07 -7.18
C THR D 39 -11.03 25.40 -8.66
N THR D 40 -10.53 26.59 -8.99
CA THR D 40 -10.51 27.03 -10.38
C THR D 40 -9.63 26.13 -11.24
N GLY D 41 -8.48 25.73 -10.70
CA GLY D 41 -7.53 24.94 -11.45
C GLY D 41 -7.79 23.45 -11.51
N LYS D 42 -8.80 22.95 -10.81
CA LYS D 42 -9.10 21.52 -10.81
C LYS D 42 -10.58 21.19 -11.04
N GLY D 43 -11.50 22.13 -10.86
CA GLY D 43 -12.90 21.85 -11.03
C GLY D 43 -13.58 21.38 -9.75
N LEU D 44 -14.61 20.57 -9.89
CA LEU D 44 -15.36 20.07 -8.73
C LEU D 44 -14.82 18.70 -8.33
N GLU D 45 -14.55 18.55 -7.04
CA GLU D 45 -14.01 17.29 -6.51
C GLU D 45 -14.78 16.91 -5.24
N TRP D 46 -15.28 15.68 -5.22
CA TRP D 46 -16.02 15.18 -4.06
C TRP D 46 -15.05 14.83 -2.94
N VAL D 47 -15.36 15.29 -1.72
CA VAL D 47 -14.41 15.12 -0.62
C VAL D 47 -15.01 14.30 0.52
N SER D 48 -16.33 14.30 0.70
CA SER D 48 -16.85 13.58 1.85
C SER D 48 -18.28 13.13 1.62
N THR D 49 -18.66 12.03 2.30
CA THR D 49 -19.99 11.46 2.21
C THR D 49 -20.37 10.80 3.52
N ILE D 50 -21.59 11.06 3.99
CA ILE D 50 -22.17 10.38 5.15
C ILE D 50 -23.59 9.95 4.80
N GLY D 51 -23.99 8.81 5.37
CA GLY D 51 -25.28 8.21 5.06
C GLY D 51 -26.21 8.11 6.26
N THR D 52 -27.30 7.35 6.09
CA THR D 52 -28.32 7.25 7.13
C THR D 52 -27.87 6.35 8.29
N ALA D 53 -27.14 5.28 8.00
CA ALA D 53 -26.74 4.31 9.01
C ALA D 53 -25.38 4.59 9.61
N GLY D 54 -24.96 5.85 9.65
CA GLY D 54 -23.69 6.19 10.25
C GLY D 54 -22.49 5.62 9.55
N ASP D 55 -22.51 5.59 8.21
CA ASP D 55 -21.40 5.11 7.41
C ASP D 55 -20.74 6.29 6.70
N THR D 56 -19.42 6.32 6.74
CA THR D 56 -18.66 7.43 6.18
C THR D 56 -17.68 6.91 5.14
N TYR D 57 -17.48 7.69 4.08
CA TYR D 57 -16.56 7.36 3.00
C TYR D 57 -15.72 8.56 2.65
N TYR D 58 -14.48 8.32 2.26
CA TYR D 58 -13.52 9.38 1.93
C TYR D 58 -12.69 8.96 0.73
N PRO D 59 -12.21 9.92 -0.05
CA PRO D 59 -11.28 9.62 -1.14
C PRO D 59 -9.86 9.44 -0.62
N ASP D 60 -8.94 9.18 -1.55
CA ASP D 60 -7.59 8.81 -1.16
C ASP D 60 -6.80 10.01 -0.63
N SER D 61 -6.98 11.19 -1.23
CA SER D 61 -6.21 12.36 -0.85
C SER D 61 -6.70 13.03 0.41
N VAL D 62 -7.81 12.57 0.99
CA VAL D 62 -8.43 13.22 2.13
C VAL D 62 -8.49 12.32 3.36
N LYS D 63 -8.29 11.02 3.22
CA LYS D 63 -8.41 10.10 4.34
C LYS D 63 -7.38 10.41 5.42
N GLY D 64 -7.78 10.26 6.67
CA GLY D 64 -6.92 10.51 7.80
C GLY D 64 -6.86 11.95 8.26
N ARG D 65 -7.55 12.86 7.57
CA ARG D 65 -7.54 14.27 7.92
C ARG D 65 -8.92 14.84 8.17
N PHE D 66 -9.94 14.37 7.46
CA PHE D 66 -11.28 14.92 7.55
C PHE D 66 -12.20 13.95 8.27
N THR D 67 -13.17 14.50 8.99
CA THR D 67 -14.17 13.71 9.69
C THR D 67 -15.53 14.34 9.45
N ILE D 68 -16.51 13.54 9.05
CA ILE D 68 -17.85 14.02 8.73
C ILE D 68 -18.81 13.47 9.78
N SER D 69 -19.66 14.34 10.32
CA SER D 69 -20.62 13.95 11.33
C SER D 69 -21.94 14.64 11.06
N ARG D 70 -23.02 14.10 11.64
CA ARG D 70 -24.33 14.70 11.50
C ARG D 70 -25.07 14.65 12.83
N GLU D 71 -25.95 15.62 13.04
CA GLU D 71 -26.79 15.69 14.23
C GLU D 71 -28.23 15.88 13.76
N ASP D 72 -29.03 14.81 13.87
CA ASP D 72 -30.40 14.86 13.37
C ASP D 72 -31.30 15.71 14.25
N ALA D 73 -31.09 15.66 15.58
CA ALA D 73 -31.92 16.44 16.48
C ALA D 73 -31.76 17.94 16.23
N LYS D 74 -30.52 18.40 16.11
CA LYS D 74 -30.25 19.80 15.79
C LYS D 74 -30.40 20.11 14.31
N ASN D 75 -30.59 19.08 13.47
CA ASN D 75 -30.72 19.24 12.02
C ASN D 75 -29.51 19.98 11.44
N SER D 76 -28.34 19.36 11.58
CA SER D 76 -27.12 19.98 11.10
C SER D 76 -26.12 18.91 10.68
N LEU D 77 -25.13 19.34 9.90
CA LEU D 77 -24.06 18.46 9.43
C LEU D 77 -22.74 19.19 9.58
N TYR D 78 -21.68 18.47 9.96
CA TYR D 78 -20.41 19.08 10.30
C TYR D 78 -19.27 18.35 9.63
N LEU D 79 -18.26 19.12 9.21
CA LEU D 79 -17.02 18.58 8.67
C LEU D 79 -15.86 19.19 9.43
N GLN D 80 -15.01 18.32 9.97
CA GLN D 80 -13.84 18.72 10.74
C GLN D 80 -12.59 18.40 9.95
N MET D 81 -11.72 19.38 9.77
CA MET D 81 -10.50 19.23 8.98
C MET D 81 -9.28 19.50 9.84
N ASN D 82 -8.29 18.62 9.75
CA ASN D 82 -7.05 18.75 10.49
C ASN D 82 -5.87 18.48 9.56
N SER D 83 -4.73 19.06 9.88
CA SER D 83 -3.48 18.88 9.13
C SER D 83 -3.63 19.31 7.67
N LEU D 84 -4.04 20.56 7.50
CA LEU D 84 -4.27 21.12 6.17
C LEU D 84 -2.96 21.49 5.51
N ARG D 85 -2.85 21.24 4.20
CA ARG D 85 -1.79 21.81 3.40
C ARG D 85 -2.37 22.94 2.54
N ALA D 86 -1.50 23.58 1.78
CA ALA D 86 -1.89 24.73 0.97
C ALA D 86 -2.81 24.36 -0.19
N GLY D 87 -2.97 23.08 -0.49
CA GLY D 87 -3.80 22.64 -1.59
C GLY D 87 -5.27 22.46 -1.29
N ASP D 88 -5.72 22.83 -0.09
CA ASP D 88 -7.12 22.71 0.29
C ASP D 88 -7.91 24.00 0.12
N THR D 89 -7.30 25.05 -0.41
CA THR D 89 -7.99 26.29 -0.67
C THR D 89 -9.07 26.08 -1.73
N ALA D 90 -10.33 26.34 -1.37
CA ALA D 90 -11.42 26.03 -2.28
C ALA D 90 -12.72 26.60 -1.74
N VAL D 91 -13.78 26.48 -2.55
CA VAL D 91 -15.13 26.80 -2.11
C VAL D 91 -15.83 25.48 -1.82
N TYR D 92 -16.36 25.35 -0.60
CA TYR D 92 -16.95 24.10 -0.13
C TYR D 92 -18.46 24.18 -0.18
N TYR D 93 -19.09 23.14 -0.72
CA TYR D 93 -20.54 23.01 -0.84
C TYR D 93 -20.99 21.78 -0.09
N CYS D 94 -22.06 21.93 0.69
CA CYS D 94 -22.77 20.80 1.28
C CYS D 94 -23.94 20.46 0.37
N ALA D 95 -24.08 19.19 0.04
CA ALA D 95 -25.07 18.75 -0.95
C ALA D 95 -25.86 17.58 -0.42
N ARG D 96 -27.13 17.54 -0.82
CA ARG D 96 -28.02 16.44 -0.50
C ARG D 96 -27.97 15.40 -1.62
N GLY D 97 -28.01 14.13 -1.25
CA GLY D 97 -27.95 13.04 -2.21
C GLY D 97 -29.31 12.41 -2.40
N ASP D 98 -29.53 11.87 -3.59
CA ASP D 98 -30.78 11.18 -3.89
C ASP D 98 -30.50 10.15 -4.97
N SER D 99 -31.43 9.22 -5.14
CA SER D 99 -31.23 8.13 -6.08
C SER D 99 -32.57 7.70 -6.66
N SER D 100 -32.56 7.39 -7.96
CA SER D 100 -33.70 6.83 -8.65
C SER D 100 -33.26 5.49 -9.24
N GLY D 101 -33.90 4.41 -8.81
CA GLY D 101 -33.44 3.09 -9.18
C GLY D 101 -32.06 2.83 -8.63
N TYR D 102 -31.06 2.79 -9.52
CA TYR D 102 -29.67 2.67 -9.12
C TYR D 102 -28.88 3.93 -9.37
N TYR D 103 -29.49 4.96 -9.95
CA TYR D 103 -28.77 6.14 -10.41
C TYR D 103 -28.75 7.21 -9.33
N TYR D 104 -27.55 7.68 -8.99
CA TYR D 104 -27.32 8.56 -7.85
C TYR D 104 -26.97 9.96 -8.34
N TYR D 105 -27.60 10.96 -7.72
CA TYR D 105 -27.39 12.35 -8.13
C TYR D 105 -27.48 13.25 -6.91
N PHE D 106 -26.81 14.40 -7.01
CA PHE D 106 -26.91 15.46 -6.02
C PHE D 106 -28.00 16.41 -6.47
N ASP D 107 -29.09 16.49 -5.70
CA ASP D 107 -30.25 17.26 -6.15
C ASP D 107 -30.27 18.68 -5.59
N TYR D 108 -29.67 18.92 -4.43
CA TYR D 108 -29.68 20.24 -3.82
C TYR D 108 -28.29 20.59 -3.31
N TRP D 109 -27.86 21.81 -3.62
CA TRP D 109 -26.57 22.33 -3.20
C TRP D 109 -26.78 23.60 -2.40
N GLY D 110 -25.76 23.96 -1.60
CA GLY D 110 -25.79 25.17 -0.82
C GLY D 110 -25.00 26.29 -1.46
N GLN D 111 -25.00 27.43 -0.77
CA GLN D 111 -24.26 28.60 -1.28
C GLN D 111 -22.76 28.34 -1.26
N GLY D 112 -22.26 27.70 -0.23
CA GLY D 112 -20.85 27.35 -0.16
C GLY D 112 -20.02 28.38 0.55
N THR D 113 -19.01 27.94 1.31
CA THR D 113 -18.12 28.84 2.02
C THR D 113 -16.73 28.79 1.42
N LEU D 114 -16.07 29.94 1.37
CA LEU D 114 -14.75 30.06 0.78
C LEU D 114 -13.70 29.86 1.87
N LEU D 115 -12.88 28.83 1.71
CA LEU D 115 -11.84 28.49 2.68
C LEU D 115 -10.47 28.76 2.06
N THR D 116 -9.71 29.64 2.69
CA THR D 116 -8.36 30.01 2.28
C THR D 116 -7.39 29.51 3.34
N VAL D 117 -6.39 28.74 2.93
CA VAL D 117 -5.31 28.30 3.80
C VAL D 117 -4.00 28.79 3.20
N SER D 118 -3.19 29.46 4.03
CA SER D 118 -1.93 30.05 3.62
C SER D 118 -1.29 30.66 4.86
N SER D 119 0.02 30.87 4.79
CA SER D 119 0.77 31.52 5.87
C SER D 119 0.96 32.99 5.48
N ALA D 120 -0.12 33.76 5.61
CA ALA D 120 -0.11 35.16 5.24
C ALA D 120 -0.84 35.97 6.31
N SER D 121 -0.48 37.25 6.39
CA SER D 121 -1.04 38.17 7.37
C SER D 121 -1.41 39.47 6.68
N THR D 122 -2.19 40.28 7.37
CA THR D 122 -2.69 41.53 6.81
C THR D 122 -1.54 42.43 6.36
N LYS D 123 -1.67 42.98 5.16
CA LYS D 123 -0.64 43.81 4.57
C LYS D 123 -1.30 44.96 3.81
N GLY D 124 -0.57 46.07 3.68
CA GLY D 124 -1.04 47.20 2.93
C GLY D 124 -0.62 47.15 1.47
N PRO D 125 -1.57 47.37 0.57
CA PRO D 125 -1.25 47.33 -0.86
C PRO D 125 -0.40 48.52 -1.28
N SER D 126 0.32 48.32 -2.39
CA SER D 126 1.12 49.37 -3.01
C SER D 126 0.50 49.77 -4.34
N VAL D 127 0.27 51.06 -4.53
CA VAL D 127 -0.40 51.58 -5.72
C VAL D 127 0.62 52.33 -6.56
N PHE D 128 0.71 51.96 -7.83
CA PHE D 128 1.62 52.59 -8.78
C PHE D 128 0.84 53.12 -9.97
N PRO D 129 1.29 54.23 -10.56
CA PRO D 129 0.58 54.78 -11.72
C PRO D 129 1.05 54.21 -13.05
N LEU D 130 0.12 53.73 -13.88
CA LEU D 130 0.41 53.33 -15.25
C LEU D 130 -0.04 54.49 -16.13
N ALA D 131 0.91 55.35 -16.52
CA ALA D 131 0.62 56.58 -17.22
C ALA D 131 0.44 56.35 -18.72
N PRO D 132 -0.33 57.18 -19.39
CA PRO D 132 -0.45 57.07 -20.84
C PRO D 132 0.81 57.55 -21.55
N SER D 133 0.96 57.10 -22.79
CA SER D 133 2.10 57.47 -23.62
C SER D 133 1.67 57.37 -25.09
N SER D 134 2.64 57.56 -25.99
CA SER D 134 2.36 57.43 -27.41
C SER D 134 1.96 56.01 -27.76
N LYS D 135 2.62 55.02 -27.15
CA LYS D 135 2.28 53.63 -27.42
C LYS D 135 0.90 53.26 -26.87
N SER D 136 0.45 53.96 -25.83
CA SER D 136 -0.85 53.71 -25.23
C SER D 136 -1.96 54.56 -25.81
N THR D 137 -1.67 55.38 -26.82
CA THR D 137 -2.66 56.23 -27.47
C THR D 137 -2.86 55.75 -28.89
N SER D 138 -4.12 55.52 -29.27
CA SER D 138 -4.44 55.04 -30.61
C SER D 138 -5.85 55.50 -30.97
N GLY D 139 -5.97 56.16 -32.12
CA GLY D 139 -7.27 56.60 -32.60
C GLY D 139 -7.96 57.61 -31.71
N GLY D 140 -7.21 58.56 -31.16
CA GLY D 140 -7.80 59.59 -30.33
C GLY D 140 -8.17 59.16 -28.92
N THR D 141 -7.77 57.96 -28.51
CA THR D 141 -8.07 57.45 -27.18
C THR D 141 -6.78 57.02 -26.50
N ALA D 142 -6.65 57.37 -25.22
CA ALA D 142 -5.47 57.05 -24.42
C ALA D 142 -5.88 56.20 -23.23
N ALA D 143 -5.06 55.19 -22.93
CA ALA D 143 -5.32 54.25 -21.85
C ALA D 143 -4.33 54.49 -20.71
N LEU D 144 -4.86 54.59 -19.49
CA LEU D 144 -4.04 54.77 -18.30
C LEU D 144 -4.65 53.93 -17.19
N GLY D 145 -4.07 54.02 -15.99
CA GLY D 145 -4.66 53.32 -14.86
C GLY D 145 -3.72 53.22 -13.67
N CYS D 146 -4.05 52.28 -12.80
CA CYS D 146 -3.32 52.08 -11.55
C CYS D 146 -3.10 50.61 -11.29
N LEU D 147 -1.88 50.26 -10.89
CA LEU D 147 -1.51 48.89 -10.54
C LEU D 147 -1.43 48.78 -9.03
N VAL D 148 -2.26 47.90 -8.46
CA VAL D 148 -2.31 47.69 -7.02
C VAL D 148 -1.72 46.30 -6.75
N LYS D 149 -0.64 46.26 -5.99
CA LYS D 149 0.14 45.05 -5.85
C LYS D 149 0.38 44.74 -4.38
N ASP D 150 0.57 43.44 -4.10
CA ASP D 150 1.06 42.97 -2.80
C ASP D 150 0.11 43.35 -1.66
N TYR D 151 -1.08 42.76 -1.72
CA TYR D 151 -2.07 42.95 -0.67
C TYR D 151 -2.63 41.60 -0.24
N PHE D 152 -3.19 41.57 0.96
CA PHE D 152 -3.78 40.38 1.55
C PHE D 152 -4.64 40.76 2.75
N PRO D 153 -5.85 40.22 2.88
CA PRO D 153 -6.48 39.33 1.91
C PRO D 153 -7.45 40.06 0.99
N GLU D 154 -8.23 39.30 0.22
CA GLU D 154 -9.28 39.88 -0.59
C GLU D 154 -10.37 40.48 0.30
N PRO D 155 -11.07 41.52 -0.17
CA PRO D 155 -10.87 42.22 -1.44
C PRO D 155 -10.27 43.60 -1.28
N VAL D 156 -10.03 44.28 -2.40
CA VAL D 156 -9.56 45.65 -2.42
C VAL D 156 -10.42 46.43 -3.42
N THR D 157 -10.93 47.58 -3.00
CA THR D 157 -11.83 48.36 -3.83
C THR D 157 -11.07 49.49 -4.52
N VAL D 158 -11.29 49.65 -5.82
CA VAL D 158 -10.64 50.67 -6.63
C VAL D 158 -11.72 51.51 -7.29
N SER D 159 -11.59 52.84 -7.18
CA SER D 159 -12.53 53.76 -7.79
C SER D 159 -11.78 54.92 -8.41
N TRP D 160 -12.48 55.70 -9.24
CA TRP D 160 -11.90 56.84 -9.93
C TRP D 160 -12.72 58.08 -9.65
N ASN D 161 -12.04 59.15 -9.22
CA ASN D 161 -12.68 60.43 -8.91
C ASN D 161 -13.84 60.25 -7.95
N SER D 162 -13.64 59.39 -6.94
CA SER D 162 -14.69 59.04 -5.99
C SER D 162 -15.91 58.48 -6.70
N GLY D 163 -15.68 57.72 -7.76
CA GLY D 163 -16.77 57.12 -8.52
C GLY D 163 -17.40 58.02 -9.56
N ALA D 164 -16.80 59.18 -9.86
CA ALA D 164 -17.37 60.08 -10.84
C ALA D 164 -17.25 59.56 -12.27
N LEU D 165 -16.43 58.54 -12.50
CA LEU D 165 -16.29 57.93 -13.82
C LEU D 165 -16.55 56.43 -13.71
N THR D 166 -17.41 55.91 -14.59
CA THR D 166 -17.73 54.49 -14.57
C THR D 166 -17.55 53.88 -15.97
N SER D 167 -17.77 54.68 -17.01
CA SER D 167 -17.67 54.19 -18.38
C SER D 167 -16.21 54.08 -18.78
N GLY D 168 -15.84 52.96 -19.39
CA GLY D 168 -14.50 52.74 -19.88
C GLY D 168 -13.49 52.28 -18.85
N VAL D 169 -13.91 52.04 -17.61
CA VAL D 169 -13.02 51.60 -16.55
C VAL D 169 -13.14 50.09 -16.41
N HIS D 170 -12.03 49.40 -16.63
CA HIS D 170 -11.97 47.95 -16.48
C HIS D 170 -11.23 47.62 -15.20
N THR D 171 -11.91 46.92 -14.29
CA THR D 171 -11.35 46.47 -13.02
C THR D 171 -11.10 44.98 -13.14
N PHE D 172 -9.83 44.62 -13.33
CA PHE D 172 -9.44 43.24 -13.55
C PHE D 172 -9.50 42.44 -12.26
N PRO D 173 -9.73 41.13 -12.36
CA PRO D 173 -9.69 40.29 -11.16
C PRO D 173 -8.29 40.16 -10.60
N ALA D 174 -8.22 39.98 -9.28
CA ALA D 174 -6.94 39.75 -8.63
C ALA D 174 -6.40 38.36 -8.98
N VAL D 175 -5.08 38.26 -9.06
CA VAL D 175 -4.39 37.01 -9.33
C VAL D 175 -3.39 36.76 -8.22
N LEU D 176 -3.38 35.55 -7.69
CA LEU D 176 -2.43 35.18 -6.64
C LEU D 176 -1.04 35.03 -7.24
N GLN D 177 -0.04 35.58 -6.57
CA GLN D 177 1.35 35.51 -7.00
C GLN D 177 2.09 34.43 -6.22
N SER D 178 3.31 34.15 -6.66
CA SER D 178 4.14 33.14 -6.01
C SER D 178 4.56 33.57 -4.60
N SER D 179 4.51 34.86 -4.29
CA SER D 179 4.88 35.37 -2.99
C SER D 179 3.75 35.33 -1.97
N GLY D 180 2.56 34.88 -2.37
CA GLY D 180 1.44 34.83 -1.47
C GLY D 180 0.60 36.07 -1.38
N LEU D 181 0.71 36.97 -2.36
CA LEU D 181 -0.05 38.20 -2.37
C LEU D 181 -0.69 38.40 -3.74
N TYR D 182 -1.72 39.25 -3.78
CA TYR D 182 -2.49 39.48 -4.99
C TYR D 182 -2.01 40.74 -5.71
N SER D 183 -2.13 40.73 -7.03
CA SER D 183 -1.82 41.89 -7.85
C SER D 183 -2.92 42.08 -8.88
N LEU D 184 -3.42 43.31 -8.99
CA LEU D 184 -4.41 43.66 -9.98
C LEU D 184 -4.02 44.96 -10.67
N SER D 185 -4.57 45.15 -11.86
CA SER D 185 -4.39 46.39 -12.62
C SER D 185 -5.76 46.89 -13.05
N SER D 186 -6.04 48.17 -12.77
CA SER D 186 -7.29 48.80 -13.14
C SER D 186 -6.99 49.82 -14.23
N VAL D 187 -7.67 49.69 -15.37
CA VAL D 187 -7.37 50.51 -16.53
C VAL D 187 -8.59 51.34 -16.90
N VAL D 188 -8.34 52.37 -17.71
CA VAL D 188 -9.40 53.27 -18.16
C VAL D 188 -8.92 53.95 -19.44
N THR D 189 -9.79 54.00 -20.43
CA THR D 189 -9.52 54.65 -21.71
C THR D 189 -10.38 55.91 -21.83
N VAL D 190 -9.73 57.02 -22.15
CA VAL D 190 -10.42 58.31 -22.27
C VAL D 190 -10.03 58.96 -23.59
N PRO D 191 -10.89 59.80 -24.18
CA PRO D 191 -10.52 60.48 -25.42
C PRO D 191 -9.28 61.35 -25.22
N SER D 192 -8.47 61.43 -26.27
CA SER D 192 -7.20 62.14 -26.18
C SER D 192 -7.38 63.64 -25.95
N SER D 193 -8.59 64.17 -26.20
CA SER D 193 -8.83 65.59 -25.96
C SER D 193 -8.81 65.95 -24.49
N SER D 194 -8.93 64.96 -23.60
CA SER D 194 -8.94 65.21 -22.16
C SER D 194 -7.56 65.05 -21.52
N LEU D 195 -6.52 64.79 -22.30
CA LEU D 195 -5.18 64.63 -21.74
C LEU D 195 -4.61 65.98 -21.36
N GLY D 196 -4.13 66.09 -20.13
CA GLY D 196 -3.57 67.33 -19.63
C GLY D 196 -4.58 68.36 -19.17
N THR D 197 -5.87 68.05 -19.24
CA THR D 197 -6.92 68.99 -18.84
C THR D 197 -7.75 68.48 -17.67
N GLN D 198 -8.11 67.20 -17.66
CA GLN D 198 -8.88 66.62 -16.58
C GLN D 198 -7.96 66.00 -15.53
N THR D 199 -8.52 65.76 -14.35
CA THR D 199 -7.78 65.19 -13.23
C THR D 199 -8.12 63.71 -13.11
N TYR D 200 -7.09 62.87 -13.16
CA TYR D 200 -7.25 61.41 -13.04
C TYR D 200 -6.62 60.96 -11.74
N ILE D 201 -7.45 60.62 -10.77
CA ILE D 201 -7.00 60.16 -9.46
C ILE D 201 -7.68 58.83 -9.17
N CYS D 202 -6.89 57.82 -8.81
CA CYS D 202 -7.41 56.51 -8.44
C CYS D 202 -7.35 56.34 -6.93
N ASN D 203 -8.46 55.91 -6.35
CA ASN D 203 -8.59 55.71 -4.91
C ASN D 203 -8.69 54.22 -4.63
N VAL D 204 -7.90 53.76 -3.67
CA VAL D 204 -7.81 52.34 -3.31
C VAL D 204 -8.14 52.20 -1.83
N ASN D 205 -9.09 51.33 -1.52
CA ASN D 205 -9.54 51.08 -0.16
C ASN D 205 -9.33 49.61 0.18
N HIS D 206 -8.67 49.35 1.31
CA HIS D 206 -8.43 48.01 1.83
C HIS D 206 -9.02 47.96 3.24
N LYS D 207 -10.29 47.56 3.32
CA LYS D 207 -10.96 47.45 4.61
C LYS D 207 -10.34 46.42 5.55
N PRO D 208 -9.97 45.20 5.10
CA PRO D 208 -9.39 44.23 6.04
C PRO D 208 -8.11 44.70 6.71
N SER D 209 -7.56 45.85 6.33
CA SER D 209 -6.41 46.41 7.02
C SER D 209 -6.53 47.93 7.20
N ASN D 210 -7.65 48.53 6.82
CA ASN D 210 -7.88 49.96 7.00
C ASN D 210 -6.82 50.80 6.29
N THR D 211 -6.78 50.66 4.96
CA THR D 211 -5.80 51.36 4.13
C THR D 211 -6.52 52.19 3.08
N LYS D 212 -6.10 53.44 2.92
CA LYS D 212 -6.60 54.32 1.87
C LYS D 212 -5.40 54.87 1.11
N VAL D 213 -5.37 54.66 -0.20
CA VAL D 213 -4.26 55.09 -1.05
C VAL D 213 -4.83 55.92 -2.19
N ASP D 214 -4.35 57.15 -2.33
CA ASP D 214 -4.78 58.06 -3.40
C ASP D 214 -3.60 58.30 -4.32
N LYS D 215 -3.78 57.99 -5.60
CA LYS D 215 -2.69 58.13 -6.56
C LYS D 215 -3.12 58.99 -7.74
N ARG D 216 -2.28 59.96 -8.09
CA ARG D 216 -2.49 60.81 -9.25
C ARG D 216 -1.64 60.29 -10.40
N VAL D 217 -2.29 59.99 -11.52
CA VAL D 217 -1.61 59.46 -12.70
C VAL D 217 -1.34 60.63 -13.62
N GLU D 218 -0.13 61.17 -13.55
CA GLU D 218 0.27 62.28 -14.40
C GLU D 218 0.61 61.76 -15.79
N PRO D 219 -0.04 62.25 -16.85
CA PRO D 219 0.28 61.76 -18.19
C PRO D 219 1.69 62.12 -18.62
N LYS D 220 2.28 61.26 -19.45
CA LYS D 220 3.61 61.49 -19.98
C LYS D 220 3.53 62.34 -21.24
N SER D 221 4.57 63.15 -21.45
CA SER D 221 4.65 64.02 -22.62
C SER D 221 5.20 63.30 -23.85
N CYS D 222 5.59 62.03 -23.72
CA CYS D 222 6.12 61.28 -24.84
C CYS D 222 5.50 59.88 -24.90
N ILE E 2 -11.73 7.36 -13.26
CA ILE E 2 -12.25 7.49 -14.62
C ILE E 2 -12.05 8.90 -15.15
N GLU E 3 -11.19 9.03 -16.15
CA GLU E 3 -10.98 10.33 -16.79
C GLU E 3 -12.20 10.68 -17.64
N MET E 4 -12.61 11.95 -17.55
CA MET E 4 -13.86 12.41 -18.13
C MET E 4 -13.57 13.66 -18.94
N THR E 5 -14.05 13.73 -20.19
CA THR E 5 -13.72 14.82 -21.08
C THR E 5 -14.97 15.44 -21.67
N GLN E 6 -14.88 16.72 -22.02
CA GLN E 6 -15.98 17.47 -22.61
C GLN E 6 -15.49 18.24 -23.82
N SER E 7 -16.41 18.48 -24.77
CA SER E 7 -16.08 19.18 -26.00
C SER E 7 -17.30 19.95 -26.50
N PRO E 8 -17.12 21.16 -27.04
CA PRO E 8 -15.87 21.92 -27.08
C PRO E 8 -15.58 22.64 -25.77
N SER E 9 -14.38 23.21 -25.64
CA SER E 9 -14.05 23.93 -24.42
C SER E 9 -14.93 25.16 -24.24
N SER E 10 -15.22 25.87 -25.32
CA SER E 10 -16.06 27.07 -25.27
C SER E 10 -16.91 27.14 -26.52
N LEU E 11 -18.16 27.56 -26.34
CA LEU E 11 -19.12 27.67 -27.44
C LEU E 11 -19.82 29.01 -27.38
N SER E 12 -20.12 29.57 -28.55
CA SER E 12 -20.80 30.84 -28.67
C SER E 12 -22.07 30.66 -29.48
N ALA E 13 -23.19 31.16 -28.98
CA ALA E 13 -24.46 31.01 -29.67
C ALA E 13 -25.35 32.19 -29.33
N ALA E 14 -26.34 32.43 -30.19
CA ALA E 14 -27.28 33.51 -30.02
C ALA E 14 -28.62 32.98 -29.50
N VAL E 15 -29.48 33.90 -29.10
CA VAL E 15 -30.80 33.52 -28.58
C VAL E 15 -31.62 32.93 -29.71
N GLY E 16 -32.20 31.74 -29.46
CA GLY E 16 -32.93 31.01 -30.46
C GLY E 16 -32.15 29.92 -31.15
N ASP E 17 -30.84 29.86 -30.96
CA ASP E 17 -29.99 28.87 -31.61
C ASP E 17 -30.09 27.52 -30.90
N ARG E 18 -29.51 26.50 -31.53
CA ARG E 18 -29.41 25.17 -30.97
C ARG E 18 -27.96 24.92 -30.59
N VAL E 19 -27.73 24.47 -29.34
CA VAL E 19 -26.39 24.24 -28.82
C VAL E 19 -26.28 22.76 -28.44
N THR E 20 -25.19 22.13 -28.86
CA THR E 20 -24.94 20.73 -28.54
C THR E 20 -23.54 20.61 -27.96
N ILE E 21 -23.43 19.93 -26.83
CA ILE E 21 -22.14 19.70 -26.16
C ILE E 21 -21.99 18.22 -25.88
N THR E 22 -20.75 17.72 -26.00
CA THR E 22 -20.48 16.30 -25.94
C THR E 22 -19.61 15.95 -24.73
N CYS E 23 -19.94 14.83 -24.09
CA CYS E 23 -19.18 14.29 -22.97
C CYS E 23 -18.72 12.88 -23.30
N ARG E 24 -17.46 12.58 -23.00
CA ARG E 24 -16.87 11.29 -23.32
C ARG E 24 -16.16 10.73 -22.10
N ALA E 25 -16.30 9.43 -21.88
CA ALA E 25 -15.69 8.73 -20.77
C ALA E 25 -14.50 7.90 -21.25
N SER E 26 -13.66 7.49 -20.29
CA SER E 26 -12.57 6.58 -20.58
C SER E 26 -12.97 5.12 -20.49
N GLN E 27 -14.17 4.83 -19.98
CA GLN E 27 -14.70 3.48 -19.89
C GLN E 27 -16.16 3.51 -20.32
N SER E 28 -16.81 2.35 -20.24
CA SER E 28 -18.23 2.24 -20.53
C SER E 28 -19.00 2.42 -19.22
N ILE E 29 -19.74 3.52 -19.12
CA ILE E 29 -20.48 3.86 -17.91
C ILE E 29 -21.98 3.66 -18.09
N GLY E 30 -22.39 3.10 -19.22
CA GLY E 30 -23.82 2.86 -19.43
C GLY E 30 -24.58 4.15 -19.52
N SER E 31 -25.63 4.27 -18.71
CA SER E 31 -26.41 5.50 -18.61
C SER E 31 -26.15 6.23 -17.30
N TYR E 32 -24.99 6.00 -16.68
CA TYR E 32 -24.64 6.61 -15.40
C TYR E 32 -23.97 7.96 -15.63
N LEU E 33 -24.75 8.90 -16.15
CA LEU E 33 -24.27 10.24 -16.45
C LEU E 33 -25.30 11.26 -16.01
N ASN E 34 -24.82 12.33 -15.38
CA ASN E 34 -25.66 13.43 -14.92
C ASN E 34 -25.11 14.73 -15.47
N TRP E 35 -26.01 15.65 -15.79
CA TRP E 35 -25.65 16.96 -16.35
C TRP E 35 -26.02 18.04 -15.37
N TYR E 36 -25.04 18.90 -15.04
CA TYR E 36 -25.18 19.98 -14.08
C TYR E 36 -24.88 21.33 -14.74
N GLN E 37 -25.58 22.38 -14.28
CA GLN E 37 -25.44 23.74 -14.76
C GLN E 37 -24.99 24.66 -13.63
N GLN E 38 -24.07 25.57 -13.93
CA GLN E 38 -23.57 26.51 -12.93
C GLN E 38 -23.47 27.89 -13.55
N LYS E 39 -24.14 28.86 -12.95
CA LYS E 39 -24.03 30.27 -13.27
C LYS E 39 -22.97 30.94 -12.40
N PRO E 40 -22.40 32.06 -12.83
CA PRO E 40 -21.33 32.67 -12.05
C PRO E 40 -21.79 33.08 -10.67
N GLY E 41 -20.98 32.73 -9.67
CA GLY E 41 -21.29 33.07 -8.29
C GLY E 41 -22.58 32.47 -7.78
N LYS E 42 -22.86 31.22 -8.14
CA LYS E 42 -24.06 30.52 -7.69
C LYS E 42 -23.73 29.05 -7.49
N ALA E 43 -24.69 28.32 -6.99
CA ALA E 43 -24.52 26.90 -6.76
C ALA E 43 -24.88 26.11 -8.02
N PRO E 44 -24.24 24.97 -8.23
CA PRO E 44 -24.62 24.12 -9.36
C PRO E 44 -26.05 23.63 -9.23
N LYS E 45 -26.69 23.45 -10.38
CA LYS E 45 -28.07 22.99 -10.45
C LYS E 45 -28.11 21.67 -11.21
N LEU E 46 -28.82 20.69 -10.67
CA LEU E 46 -28.96 19.41 -11.35
C LEU E 46 -29.93 19.56 -12.51
N LEU E 47 -29.44 19.35 -13.72
CA LEU E 47 -30.28 19.44 -14.90
C LEU E 47 -30.84 18.08 -15.31
N ILE E 48 -29.97 17.09 -15.49
CA ILE E 48 -30.39 15.80 -16.04
C ILE E 48 -29.74 14.68 -15.26
N TYR E 49 -30.49 13.62 -14.98
CA TYR E 49 -29.94 12.41 -14.38
C TYR E 49 -30.32 11.20 -15.23
N ALA E 50 -29.54 10.13 -15.07
CA ALA E 50 -29.69 8.90 -15.84
C ALA E 50 -29.48 9.12 -17.34
N ALA E 51 -28.86 10.24 -17.70
CA ALA E 51 -28.42 10.57 -19.06
C ALA E 51 -29.60 10.88 -19.97
N SER E 52 -30.82 10.65 -19.50
CA SER E 52 -31.99 10.97 -20.31
C SER E 52 -33.15 11.57 -19.53
N SER E 53 -33.18 11.49 -18.20
CA SER E 53 -34.33 11.92 -17.43
C SER E 53 -34.23 13.40 -17.10
N LEU E 54 -35.38 14.06 -17.07
CA LEU E 54 -35.46 15.48 -16.78
C LEU E 54 -35.90 15.69 -15.34
N GLN E 55 -35.11 16.45 -14.59
CA GLN E 55 -35.47 16.77 -13.22
C GLN E 55 -36.70 17.66 -13.20
N SER E 56 -37.56 17.45 -12.21
CA SER E 56 -38.77 18.27 -12.07
C SER E 56 -38.40 19.72 -11.81
N GLY E 57 -39.18 20.63 -12.39
CA GLY E 57 -38.89 22.04 -12.26
C GLY E 57 -37.78 22.53 -13.16
N VAL E 58 -37.52 21.85 -14.27
CA VAL E 58 -36.44 22.20 -15.18
C VAL E 58 -37.05 22.45 -16.56
N PRO E 59 -36.56 23.45 -17.31
CA PRO E 59 -37.16 23.74 -18.61
C PRO E 59 -37.10 22.54 -19.55
N SER E 60 -38.12 22.41 -20.39
CA SER E 60 -38.23 21.30 -21.32
C SER E 60 -37.31 21.45 -22.53
N ARG E 61 -36.59 22.56 -22.65
CA ARG E 61 -35.72 22.78 -23.79
C ARG E 61 -34.38 22.04 -23.64
N PHE E 62 -34.12 21.43 -22.50
CA PHE E 62 -32.89 20.67 -22.30
C PHE E 62 -33.14 19.20 -22.62
N SER E 63 -32.27 18.63 -23.43
CA SER E 63 -32.38 17.22 -23.82
C SER E 63 -31.05 16.53 -23.61
N GLY E 64 -31.10 15.28 -23.19
CA GLY E 64 -29.89 14.49 -22.99
C GLY E 64 -30.00 13.17 -23.71
N SER E 65 -28.90 12.76 -24.32
CA SER E 65 -28.88 11.51 -25.07
C SER E 65 -27.51 10.88 -24.95
N GLY E 66 -27.40 9.64 -25.42
CA GLY E 66 -26.15 8.93 -25.47
C GLY E 66 -26.14 7.73 -24.55
N SER E 67 -25.05 6.98 -24.64
CA SER E 67 -24.86 5.77 -23.85
C SER E 67 -23.47 5.22 -24.11
N GLY E 68 -22.93 4.51 -23.12
CA GLY E 68 -21.64 3.89 -23.27
C GLY E 68 -20.50 4.84 -23.00
N THR E 69 -19.88 5.33 -24.08
CA THR E 69 -18.73 6.21 -23.99
C THR E 69 -19.01 7.63 -24.44
N ASP E 70 -20.18 7.91 -25.00
CA ASP E 70 -20.50 9.22 -25.55
C ASP E 70 -21.90 9.66 -25.16
N PHE E 71 -22.02 10.91 -24.73
CA PHE E 71 -23.29 11.50 -24.35
C PHE E 71 -23.34 12.94 -24.86
N THR E 72 -24.57 13.45 -24.98
CA THR E 72 -24.80 14.75 -25.60
C THR E 72 -25.87 15.51 -24.84
N LEU E 73 -25.60 16.80 -24.59
CA LEU E 73 -26.55 17.75 -24.01
C LEU E 73 -26.96 18.75 -25.09
N THR E 74 -28.27 18.96 -25.22
CA THR E 74 -28.81 19.79 -26.29
C THR E 74 -29.73 20.86 -25.71
N ILE E 75 -29.48 22.12 -26.08
CA ILE E 75 -30.35 23.24 -25.80
C ILE E 75 -31.03 23.63 -27.11
N SER E 76 -32.36 23.60 -27.13
CA SER E 76 -33.09 23.79 -28.39
C SER E 76 -33.21 25.27 -28.74
N SER E 77 -33.69 26.09 -27.81
CA SER E 77 -33.84 27.52 -28.03
C SER E 77 -33.11 28.24 -26.89
N LEU E 78 -31.91 28.73 -27.18
CA LEU E 78 -31.10 29.39 -26.18
C LEU E 78 -31.80 30.63 -25.66
N GLN E 79 -31.63 30.92 -24.39
CA GLN E 79 -32.22 32.07 -23.72
C GLN E 79 -31.18 32.76 -22.87
N PRO E 80 -31.38 34.03 -22.53
CA PRO E 80 -30.37 34.75 -21.74
C PRO E 80 -30.06 34.11 -20.40
N GLU E 81 -31.03 33.45 -19.78
CA GLU E 81 -30.78 32.73 -18.53
C GLU E 81 -30.20 31.34 -18.77
N ASP E 82 -29.68 31.07 -19.97
CA ASP E 82 -29.09 29.79 -20.31
C ASP E 82 -27.62 29.90 -20.68
N PHE E 83 -26.95 30.95 -20.22
CA PHE E 83 -25.53 31.13 -20.46
C PHE E 83 -24.80 30.79 -19.16
N ALA E 84 -24.06 29.70 -19.15
CA ALA E 84 -23.46 29.18 -17.93
C ALA E 84 -22.39 28.17 -18.29
N ILE E 85 -21.89 27.45 -17.27
CA ILE E 85 -20.92 26.38 -17.42
C ILE E 85 -21.64 25.06 -17.17
N TYR E 86 -21.41 24.09 -18.05
CA TYR E 86 -22.10 22.81 -17.98
C TYR E 86 -21.08 21.70 -17.73
N TYR E 87 -21.40 20.82 -16.79
CA TYR E 87 -20.55 19.69 -16.42
C TYR E 87 -21.30 18.39 -16.58
N CYS E 88 -20.56 17.33 -16.86
CA CYS E 88 -21.06 15.96 -16.83
C CYS E 88 -20.35 15.18 -15.75
N GLN E 89 -21.11 14.38 -14.99
CA GLN E 89 -20.62 13.62 -13.87
C GLN E 89 -21.02 12.16 -14.02
N GLN E 90 -20.11 11.25 -13.70
CA GLN E 90 -20.39 9.82 -13.78
C GLN E 90 -20.79 9.28 -12.41
N SER E 91 -21.81 8.44 -12.40
CA SER E 91 -22.30 7.80 -11.19
C SER E 91 -22.20 6.28 -11.29
N TYR E 92 -21.14 5.79 -11.93
CA TYR E 92 -20.92 4.36 -12.07
C TYR E 92 -20.01 3.81 -10.99
N VAL E 93 -18.89 4.47 -10.74
CA VAL E 93 -17.94 4.05 -9.71
C VAL E 93 -18.21 4.84 -8.44
N SER E 94 -18.40 4.13 -7.33
CA SER E 94 -18.70 4.72 -6.04
C SER E 94 -17.68 4.24 -5.02
N PRO E 95 -17.40 5.04 -3.98
CA PRO E 95 -18.00 6.35 -3.69
C PRO E 95 -17.28 7.51 -4.37
N THR E 96 -16.28 7.21 -5.19
CA THR E 96 -15.49 8.25 -5.85
C THR E 96 -16.21 8.67 -7.13
N TYR E 97 -16.88 9.81 -7.07
CA TYR E 97 -17.57 10.38 -8.21
C TYR E 97 -16.70 11.47 -8.84
N THR E 98 -16.65 11.48 -10.16
CA THR E 98 -15.79 12.40 -10.90
C THR E 98 -16.64 13.27 -11.82
N PHE E 99 -16.28 14.56 -11.90
CA PHE E 99 -16.95 15.52 -12.74
C PHE E 99 -16.08 15.87 -13.94
N GLY E 100 -16.72 16.39 -14.98
CA GLY E 100 -16.01 16.80 -16.17
C GLY E 100 -15.38 18.17 -16.01
N PRO E 101 -14.53 18.53 -16.98
CA PRO E 101 -13.89 19.86 -16.90
C PRO E 101 -14.87 21.01 -17.00
N GLY E 102 -15.76 20.99 -17.99
CA GLY E 102 -16.75 22.05 -18.12
C GLY E 102 -16.76 22.72 -19.47
N THR E 103 -17.95 23.08 -19.95
CA THR E 103 -18.08 23.84 -21.20
C THR E 103 -18.87 25.11 -20.92
N LYS E 104 -18.34 26.25 -21.34
CA LYS E 104 -18.94 27.55 -21.06
C LYS E 104 -19.62 28.08 -22.30
N VAL E 105 -20.86 28.53 -22.15
CA VAL E 105 -21.65 29.04 -23.28
C VAL E 105 -21.66 30.56 -23.23
N ASP E 106 -21.30 31.20 -24.35
CA ASP E 106 -21.16 32.64 -24.46
C ASP E 106 -22.20 33.21 -25.43
N ILE E 107 -22.18 34.53 -25.57
CA ILE E 107 -23.09 35.25 -26.47
C ILE E 107 -22.32 35.59 -27.74
N LYS E 108 -22.94 35.34 -28.89
CA LYS E 108 -22.27 35.56 -30.17
C LYS E 108 -22.15 37.06 -30.44
N ARG E 109 -20.95 37.48 -30.84
CA ARG E 109 -20.67 38.88 -31.14
C ARG E 109 -19.79 38.94 -32.38
N THR E 110 -19.88 40.04 -33.11
CA THR E 110 -19.05 40.23 -34.29
C THR E 110 -17.58 40.34 -33.89
N VAL E 111 -16.70 40.11 -34.85
CA VAL E 111 -15.27 40.07 -34.58
C VAL E 111 -14.77 41.48 -34.30
N ALA E 112 -14.03 41.64 -33.20
CA ALA E 112 -13.46 42.91 -32.80
C ALA E 112 -11.96 42.76 -32.63
N ALA E 113 -11.21 43.68 -33.20
CA ALA E 113 -9.75 43.62 -33.11
C ALA E 113 -9.31 43.99 -31.70
N PRO E 114 -8.48 43.17 -31.06
CA PRO E 114 -7.98 43.53 -29.72
C PRO E 114 -7.05 44.73 -29.77
N SER E 115 -7.50 45.86 -29.21
CA SER E 115 -6.64 47.03 -29.15
C SER E 115 -5.54 46.79 -28.12
N VAL E 116 -4.30 47.03 -28.52
CA VAL E 116 -3.13 46.63 -27.75
C VAL E 116 -2.39 47.87 -27.27
N PHE E 117 -2.08 47.91 -25.98
CA PHE E 117 -1.25 48.96 -25.40
C PHE E 117 -0.22 48.33 -24.48
N ILE E 118 0.85 49.08 -24.22
CA ILE E 118 1.90 48.63 -23.32
C ILE E 118 2.13 49.71 -22.26
N PHE E 119 2.59 49.27 -21.09
CA PHE E 119 2.84 50.14 -19.96
C PHE E 119 4.17 49.78 -19.31
N PRO E 120 5.12 50.71 -19.27
CA PRO E 120 6.44 50.42 -18.71
C PRO E 120 6.44 50.56 -17.20
N PRO E 121 7.41 49.95 -16.52
CA PRO E 121 7.47 50.06 -15.05
C PRO E 121 7.66 51.50 -14.59
N SER E 122 7.04 51.82 -13.47
CA SER E 122 7.09 53.17 -12.92
C SER E 122 8.41 53.41 -12.20
N ASP E 123 8.73 54.69 -12.02
CA ASP E 123 9.93 55.05 -11.26
C ASP E 123 9.81 54.63 -9.81
N GLU E 124 8.62 54.77 -9.23
CA GLU E 124 8.43 54.40 -7.82
C GLU E 124 8.65 52.91 -7.61
N GLN E 125 8.12 52.07 -8.51
CA GLN E 125 8.34 50.63 -8.39
C GLN E 125 9.81 50.29 -8.58
N LEU E 126 10.47 50.94 -9.55
CA LEU E 126 11.89 50.70 -9.77
C LEU E 126 12.71 51.08 -8.54
N LYS E 127 12.28 52.11 -7.80
CA LYS E 127 12.94 52.47 -6.55
C LYS E 127 12.79 51.38 -5.49
N SER E 128 11.82 50.50 -5.63
CA SER E 128 11.61 49.40 -4.69
C SER E 128 12.36 48.13 -5.07
N GLY E 129 13.12 48.15 -6.17
CA GLY E 129 13.90 47.00 -6.58
C GLY E 129 13.20 46.02 -7.49
N THR E 130 11.92 46.23 -7.79
CA THR E 130 11.17 45.35 -8.67
C THR E 130 10.53 46.17 -9.79
N ALA E 131 10.27 45.50 -10.91
CA ALA E 131 9.70 46.16 -12.08
C ALA E 131 8.61 45.28 -12.66
N SER E 132 7.53 45.91 -13.12
CA SER E 132 6.42 45.21 -13.76
C SER E 132 6.06 45.93 -15.05
N VAL E 133 5.98 45.16 -16.14
CA VAL E 133 5.58 45.68 -17.45
C VAL E 133 4.22 45.09 -17.79
N VAL E 134 3.33 45.94 -18.33
CA VAL E 134 1.94 45.57 -18.54
C VAL E 134 1.63 45.59 -20.03
N CYS E 135 0.89 44.58 -20.49
CA CYS E 135 0.33 44.53 -21.83
C CYS E 135 -1.18 44.44 -21.72
N LEU E 136 -1.88 45.41 -22.31
CA LEU E 136 -3.33 45.54 -22.16
C LEU E 136 -4.01 45.30 -23.50
N LEU E 137 -5.00 44.42 -23.50
CA LEU E 137 -5.81 44.12 -24.67
C LEU E 137 -7.26 44.52 -24.38
N ASN E 138 -7.87 45.25 -25.30
CA ASN E 138 -9.18 45.83 -25.09
C ASN E 138 -10.13 45.40 -26.21
N ASN E 139 -11.33 44.95 -25.82
CA ASN E 139 -12.48 44.79 -26.72
C ASN E 139 -12.17 43.85 -27.88
N PHE E 140 -11.97 42.58 -27.54
CA PHE E 140 -11.77 41.54 -28.54
C PHE E 140 -12.84 40.47 -28.40
N TYR E 141 -12.94 39.63 -29.44
CA TYR E 141 -13.88 38.53 -29.49
C TYR E 141 -13.50 37.57 -30.62
N PRO E 142 -13.47 36.26 -30.38
CA PRO E 142 -13.71 35.61 -29.09
C PRO E 142 -12.49 35.65 -28.16
N ARG E 143 -12.52 34.87 -27.09
CA ARG E 143 -11.49 34.94 -26.06
C ARG E 143 -10.19 34.26 -26.46
N GLU E 144 -10.19 33.45 -27.51
CA GLU E 144 -9.00 32.68 -27.89
C GLU E 144 -7.97 33.64 -28.51
N ALA E 145 -7.02 34.08 -27.71
CA ALA E 145 -5.94 34.96 -28.17
C ALA E 145 -4.64 34.52 -27.52
N LYS E 146 -3.53 34.84 -28.18
CA LYS E 146 -2.20 34.48 -27.70
C LYS E 146 -1.40 35.73 -27.41
N VAL E 147 -0.76 35.77 -26.24
CA VAL E 147 0.06 36.89 -25.81
C VAL E 147 1.47 36.36 -25.55
N GLN E 148 2.46 37.04 -26.11
CA GLN E 148 3.86 36.65 -25.97
C GLN E 148 4.69 37.86 -25.55
N TRP E 149 5.71 37.61 -24.74
CA TRP E 149 6.61 38.65 -24.25
C TRP E 149 8.01 38.39 -24.79
N LYS E 150 8.66 39.43 -25.31
CA LYS E 150 10.00 39.32 -25.86
C LYS E 150 10.90 40.39 -25.25
N VAL E 151 12.06 39.97 -24.76
CA VAL E 151 13.03 40.86 -24.14
C VAL E 151 14.29 40.80 -24.99
N ASP E 152 14.58 41.91 -25.69
CA ASP E 152 15.71 41.98 -26.62
C ASP E 152 15.66 40.85 -27.63
N ASN E 153 14.47 40.64 -28.19
CA ASN E 153 14.21 39.60 -29.18
C ASN E 153 14.56 38.21 -28.65
N ALA E 154 14.23 37.97 -27.38
CA ALA E 154 14.42 36.68 -26.75
C ALA E 154 13.12 36.22 -26.11
N LEU E 155 12.80 34.94 -26.25
CA LEU E 155 11.56 34.40 -25.73
C LEU E 155 11.58 34.42 -24.20
N GLN E 156 10.41 34.67 -23.61
CA GLN E 156 10.25 34.70 -22.16
C GLN E 156 9.12 33.75 -21.77
N SER E 157 9.33 33.02 -20.68
CA SER E 157 8.33 32.09 -20.18
C SER E 157 8.48 31.93 -18.68
N GLY E 158 7.36 31.66 -18.01
CA GLY E 158 7.34 31.48 -16.58
C GLY E 158 7.31 32.75 -15.75
N ASN E 159 7.30 33.92 -16.40
CA ASN E 159 7.28 35.19 -15.68
C ASN E 159 6.15 36.11 -16.17
N SER E 160 5.10 35.54 -16.74
CA SER E 160 3.97 36.30 -17.23
C SER E 160 2.69 35.82 -16.57
N GLN E 161 1.89 36.76 -16.08
CA GLN E 161 0.61 36.46 -15.44
C GLN E 161 -0.52 37.10 -16.24
N GLU E 162 -1.56 36.33 -16.52
CA GLU E 162 -2.66 36.77 -17.37
C GLU E 162 -3.95 36.86 -16.57
N SER E 163 -4.74 37.89 -16.87
CA SER E 163 -6.03 38.11 -16.21
C SER E 163 -7.05 38.53 -17.26
N VAL E 164 -8.23 37.91 -17.21
CA VAL E 164 -9.30 38.17 -18.17
C VAL E 164 -10.58 38.45 -17.40
N THR E 165 -11.28 39.52 -17.78
CA THR E 165 -12.56 39.83 -17.17
C THR E 165 -13.69 39.16 -17.92
N GLU E 166 -14.87 39.15 -17.31
CA GLU E 166 -16.03 38.51 -17.90
C GLU E 166 -16.53 39.31 -19.10
N GLN E 167 -17.34 38.65 -19.93
CA GLN E 167 -17.94 39.31 -21.08
C GLN E 167 -18.86 40.43 -20.60
N ASP E 168 -18.74 41.60 -21.24
CA ASP E 168 -19.47 42.77 -20.79
C ASP E 168 -20.96 42.62 -21.03
N SER E 169 -21.75 43.31 -20.22
CA SER E 169 -23.20 43.17 -20.25
C SER E 169 -23.85 43.83 -21.45
N LYS E 170 -23.22 44.84 -22.05
CA LYS E 170 -23.81 45.57 -23.16
C LYS E 170 -23.04 45.36 -24.46
N ASP E 171 -21.74 45.66 -24.48
CA ASP E 171 -20.95 45.51 -25.68
C ASP E 171 -20.46 44.08 -25.92
N SER E 172 -20.56 43.21 -24.91
CA SER E 172 -20.22 41.79 -25.03
C SER E 172 -18.78 41.61 -25.50
N THR E 173 -17.87 42.40 -24.96
CA THR E 173 -16.46 42.35 -25.33
C THR E 173 -15.65 41.71 -24.21
N TYR E 174 -14.36 41.52 -24.47
CA TYR E 174 -13.42 40.97 -23.51
C TYR E 174 -12.24 41.90 -23.34
N SER E 175 -11.64 41.89 -22.14
CA SER E 175 -10.43 42.64 -21.85
C SER E 175 -9.42 41.72 -21.18
N LEU E 176 -8.15 41.93 -21.50
CA LEU E 176 -7.07 41.07 -21.02
C LEU E 176 -5.91 41.92 -20.53
N SER E 177 -5.22 41.41 -19.51
CA SER E 177 -4.02 42.04 -18.99
C SER E 177 -2.94 40.98 -18.81
N SER E 178 -1.72 41.33 -19.19
CA SER E 178 -0.55 40.47 -18.99
C SER E 178 0.51 41.26 -18.24
N THR E 179 1.06 40.67 -17.19
CA THR E 179 2.05 41.33 -16.35
C THR E 179 3.33 40.51 -16.35
N LEU E 180 4.45 41.16 -16.67
CA LEU E 180 5.78 40.57 -16.60
C LEU E 180 6.55 41.25 -15.47
N THR E 181 6.95 40.47 -14.47
CA THR E 181 7.57 40.99 -13.26
C THR E 181 8.99 40.47 -13.15
N LEU E 182 9.94 41.38 -12.94
CA LEU E 182 11.34 41.03 -12.75
C LEU E 182 11.95 41.98 -11.73
N SER E 183 13.25 41.88 -11.54
CA SER E 183 13.96 42.77 -10.64
C SER E 183 14.32 44.08 -11.35
N LYS E 184 14.69 45.08 -10.56
CA LYS E 184 15.10 46.36 -11.13
C LYS E 184 16.36 46.20 -11.99
N ALA E 185 17.33 45.43 -11.50
CA ALA E 185 18.55 45.20 -12.27
C ALA E 185 18.27 44.44 -13.55
N ASP E 186 17.39 43.44 -13.49
CA ASP E 186 17.04 42.68 -14.69
C ASP E 186 16.37 43.59 -15.73
N TYR E 187 15.49 44.48 -15.27
CA TYR E 187 14.90 45.46 -16.19
C TYR E 187 15.97 46.38 -16.77
N GLU E 188 16.91 46.81 -15.95
CA GLU E 188 18.00 47.66 -16.42
C GLU E 188 19.02 46.90 -17.26
N LYS E 189 18.94 45.57 -17.30
CA LYS E 189 19.88 44.77 -18.08
C LYS E 189 19.49 44.67 -19.55
N HIS E 190 18.36 45.25 -19.95
CA HIS E 190 17.92 45.22 -21.34
C HIS E 190 17.27 46.54 -21.68
N LYS E 191 17.15 46.80 -22.98
CA LYS E 191 16.61 48.06 -23.48
C LYS E 191 15.30 47.92 -24.23
N VAL E 192 15.18 46.90 -25.09
CA VAL E 192 14.01 46.75 -25.97
C VAL E 192 13.11 45.67 -25.40
N TYR E 193 11.83 46.00 -25.25
CA TYR E 193 10.81 45.05 -24.81
C TYR E 193 9.63 45.10 -25.76
N ALA E 194 9.10 43.93 -26.12
CA ALA E 194 8.00 43.82 -27.06
C ALA E 194 6.93 42.87 -26.54
N CYS E 195 5.68 43.19 -26.87
CA CYS E 195 4.53 42.36 -26.55
C CYS E 195 3.82 42.02 -27.85
N GLU E 196 3.68 40.73 -28.13
CA GLU E 196 3.07 40.24 -29.36
C GLU E 196 1.69 39.69 -29.07
N VAL E 197 0.70 40.12 -29.85
CA VAL E 197 -0.68 39.67 -29.72
C VAL E 197 -1.10 39.00 -31.01
N THR E 198 -1.59 37.77 -30.91
CA THR E 198 -2.10 37.01 -32.04
C THR E 198 -3.57 36.69 -31.80
N HIS E 199 -4.42 37.02 -32.77
CA HIS E 199 -5.85 36.77 -32.66
C HIS E 199 -6.39 36.44 -34.03
N GLN E 200 -7.51 35.70 -34.05
CA GLN E 200 -8.15 35.34 -35.30
C GLN E 200 -8.70 36.55 -36.04
N GLY E 201 -8.95 37.66 -35.34
CA GLY E 201 -9.39 38.88 -35.96
C GLY E 201 -8.30 39.74 -36.55
N LEU E 202 -7.05 39.33 -36.42
CA LEU E 202 -5.90 40.08 -36.93
C LEU E 202 -5.23 39.27 -38.03
N SER E 203 -4.93 39.93 -39.16
CA SER E 203 -4.28 39.24 -40.27
C SER E 203 -2.88 38.77 -39.88
N SER E 204 -2.13 39.59 -39.16
CA SER E 204 -0.79 39.26 -38.72
C SER E 204 -0.65 39.51 -37.24
N PRO E 205 0.19 38.74 -36.54
CA PRO E 205 0.42 39.00 -35.11
C PRO E 205 1.02 40.38 -34.90
N VAL E 206 0.25 41.24 -34.22
CA VAL E 206 0.67 42.62 -34.02
C VAL E 206 1.59 42.69 -32.82
N THR E 207 2.77 43.25 -33.01
CA THR E 207 3.76 43.38 -31.95
C THR E 207 3.95 44.85 -31.62
N LYS E 208 3.76 45.20 -30.35
CA LYS E 208 4.02 46.54 -29.86
C LYS E 208 5.34 46.52 -29.09
N SER E 209 6.32 47.28 -29.55
CA SER E 209 7.66 47.26 -29.00
C SER E 209 8.06 48.67 -28.57
N PHE E 210 8.92 48.72 -27.55
CA PHE E 210 9.41 49.99 -27.04
C PHE E 210 10.81 49.80 -26.50
N ASN E 211 11.51 50.94 -26.32
CA ASN E 211 12.88 50.95 -25.84
C ASN E 211 12.91 51.55 -24.44
N ARG E 212 13.72 50.93 -23.56
CA ARG E 212 13.85 51.42 -22.19
C ARG E 212 14.50 52.79 -22.22
N GLY E 213 13.74 53.82 -21.88
CA GLY E 213 14.22 55.18 -21.89
C GLY E 213 13.57 56.08 -22.93
N GLU E 214 12.67 55.55 -23.75
CA GLU E 214 11.95 56.40 -24.70
C GLU E 214 11.09 57.42 -23.98
N CYS E 215 10.43 57.02 -22.91
CA CYS E 215 9.62 57.93 -22.11
C CYS E 215 9.45 57.42 -20.68
N GLN F 1 -27.93 -9.47 25.86
CA GLN F 1 -26.77 -10.22 26.36
C GLN F 1 -26.95 -11.71 26.11
N VAL F 2 -25.86 -12.40 25.81
CA VAL F 2 -25.89 -13.81 25.46
C VAL F 2 -26.02 -14.63 26.74
N GLN F 3 -27.00 -15.54 26.77
CA GLN F 3 -27.24 -16.39 27.91
C GLN F 3 -27.46 -17.81 27.45
N LEU F 4 -26.83 -18.76 28.15
CA LEU F 4 -26.94 -20.18 27.86
C LEU F 4 -27.17 -20.90 29.18
N VAL F 5 -28.29 -21.61 29.28
CA VAL F 5 -28.68 -22.29 30.52
C VAL F 5 -28.86 -23.77 30.23
N GLN F 6 -28.27 -24.62 31.08
CA GLN F 6 -28.38 -26.05 30.93
C GLN F 6 -29.27 -26.63 32.03
N SER F 7 -29.52 -27.93 31.92
CA SER F 7 -30.36 -28.63 32.87
C SER F 7 -29.59 -28.94 34.15
N GLY F 8 -30.29 -29.53 35.13
CA GLY F 8 -29.68 -29.84 36.41
C GLY F 8 -28.86 -31.12 36.38
N ALA F 9 -28.20 -31.38 37.51
CA ALA F 9 -27.32 -32.53 37.62
C ALA F 9 -28.12 -33.82 37.55
N GLU F 10 -27.45 -34.88 37.09
CA GLU F 10 -28.12 -36.16 36.90
C GLU F 10 -27.27 -37.30 37.44
N VAL F 11 -27.94 -38.27 38.05
CA VAL F 11 -27.31 -39.47 38.58
C VAL F 11 -27.91 -40.66 37.86
N LYS F 12 -27.06 -41.47 37.23
CA LYS F 12 -27.50 -42.57 36.39
C LYS F 12 -26.77 -43.85 36.77
N LYS F 13 -27.17 -44.95 36.14
CA LYS F 13 -26.58 -46.27 36.29
C LYS F 13 -25.88 -46.69 35.00
N PRO F 14 -24.89 -47.57 35.08
CA PRO F 14 -24.17 -47.98 33.87
C PRO F 14 -25.11 -48.64 32.87
N GLY F 15 -24.92 -48.31 31.60
CA GLY F 15 -25.74 -48.83 30.54
C GLY F 15 -26.90 -47.95 30.13
N ALA F 16 -27.30 -47.00 30.97
CA ALA F 16 -28.42 -46.14 30.65
C ALA F 16 -27.97 -45.00 29.75
N SER F 17 -28.87 -44.08 29.44
CA SER F 17 -28.59 -42.95 28.56
C SER F 17 -28.98 -41.66 29.25
N VAL F 18 -28.27 -40.58 28.90
CA VAL F 18 -28.44 -39.28 29.53
C VAL F 18 -28.70 -38.24 28.45
N LYS F 19 -29.71 -37.40 28.67
CA LYS F 19 -30.05 -36.31 27.76
C LYS F 19 -29.90 -34.98 28.50
N VAL F 20 -29.13 -34.07 27.93
CA VAL F 20 -28.84 -32.77 28.50
C VAL F 20 -29.27 -31.70 27.50
N SER F 21 -30.02 -30.71 27.98
CA SER F 21 -30.51 -29.62 27.15
C SER F 21 -29.69 -28.36 27.39
N CYS F 22 -29.73 -27.47 26.40
CA CYS F 22 -28.99 -26.21 26.46
C CYS F 22 -29.85 -25.16 25.75
N LYS F 23 -30.41 -24.23 26.52
CA LYS F 23 -31.28 -23.19 26.01
C LYS F 23 -30.48 -21.89 25.87
N ALA F 24 -30.49 -21.32 24.68
CA ALA F 24 -29.75 -20.11 24.37
C ALA F 24 -30.70 -18.96 24.09
N SER F 25 -30.33 -17.76 24.52
CA SER F 25 -31.14 -16.58 24.28
C SER F 25 -30.26 -15.35 24.27
N GLY F 26 -30.63 -14.39 23.42
CA GLY F 26 -29.93 -13.13 23.33
C GLY F 26 -29.10 -12.91 22.08
N TYR F 27 -29.27 -13.74 21.05
CA TYR F 27 -28.51 -13.60 19.81
C TYR F 27 -29.26 -14.32 18.71
N PRO F 28 -28.96 -14.03 17.43
CA PRO F 28 -29.55 -14.80 16.34
C PRO F 28 -29.11 -16.26 16.37
N PHE F 29 -30.06 -17.16 16.62
CA PHE F 29 -29.72 -18.55 16.90
C PHE F 29 -29.08 -19.23 15.69
N THR F 30 -29.60 -19.00 14.50
CA THR F 30 -29.20 -19.78 13.35
C THR F 30 -27.87 -19.33 12.75
N SER F 31 -27.27 -18.25 13.25
CA SER F 31 -26.01 -17.79 12.68
C SER F 31 -24.81 -18.48 13.29
N TYR F 32 -24.99 -19.19 14.40
CA TYR F 32 -23.88 -19.82 15.11
C TYR F 32 -24.20 -21.28 15.41
N GLY F 33 -23.16 -22.12 15.36
CA GLY F 33 -23.28 -23.51 15.74
C GLY F 33 -23.05 -23.73 17.22
N ILE F 34 -23.21 -24.98 17.65
CA ILE F 34 -23.12 -25.34 19.05
C ILE F 34 -22.06 -26.43 19.21
N SER F 35 -21.16 -26.23 20.17
CA SER F 35 -20.13 -27.21 20.48
C SER F 35 -20.30 -27.70 21.92
N TRP F 36 -19.84 -28.93 22.15
CA TRP F 36 -19.95 -29.54 23.48
C TRP F 36 -18.58 -29.94 23.99
N VAL F 37 -18.33 -29.66 25.27
CA VAL F 37 -17.07 -29.99 25.92
C VAL F 37 -17.35 -30.79 27.18
N ARG F 38 -16.40 -31.64 27.56
CA ARG F 38 -16.51 -32.50 28.73
C ARG F 38 -15.28 -32.32 29.61
N GLN F 39 -15.48 -32.32 30.93
CA GLN F 39 -14.39 -32.19 31.88
C GLN F 39 -14.57 -33.20 33.00
N ALA F 40 -13.63 -34.13 33.11
CA ALA F 40 -13.64 -35.10 34.19
C ALA F 40 -13.24 -34.43 35.50
N PRO F 41 -13.66 -34.98 36.63
CA PRO F 41 -13.35 -34.33 37.92
C PRO F 41 -11.85 -34.25 38.17
N GLY F 42 -11.34 -33.03 38.22
CA GLY F 42 -9.92 -32.83 38.44
C GLY F 42 -9.04 -33.09 37.24
N GLN F 43 -9.59 -32.95 36.03
CA GLN F 43 -8.80 -33.17 34.82
C GLN F 43 -8.98 -32.01 33.85
N GLY F 44 -8.47 -32.18 32.62
CA GLY F 44 -8.53 -31.13 31.62
C GLY F 44 -9.78 -31.20 30.77
N LEU F 45 -9.80 -30.36 29.75
CA LEU F 45 -10.95 -30.25 28.87
C LEU F 45 -10.86 -31.27 27.73
N GLU F 46 -12.02 -31.60 27.16
CA GLU F 46 -12.10 -32.63 26.14
C GLU F 46 -13.24 -32.31 25.19
N TRP F 47 -12.90 -32.01 23.94
CA TRP F 47 -13.91 -31.68 22.94
C TRP F 47 -14.71 -32.92 22.55
N MET F 48 -16.00 -32.73 22.31
CA MET F 48 -16.87 -33.85 21.95
C MET F 48 -17.47 -33.72 20.56
N GLY F 49 -18.11 -32.60 20.25
CA GLY F 49 -18.74 -32.48 18.95
C GLY F 49 -19.25 -31.09 18.66
N TRP F 50 -19.61 -30.91 17.39
CA TRP F 50 -20.06 -29.64 16.83
C TRP F 50 -21.28 -29.89 15.96
N ILE F 51 -22.30 -29.04 16.10
CA ILE F 51 -23.55 -29.17 15.36
C ILE F 51 -23.91 -27.83 14.76
N SER F 52 -24.34 -27.85 13.50
CA SER F 52 -24.81 -26.67 12.79
C SER F 52 -26.29 -26.47 13.07
N THR F 53 -26.66 -25.26 13.49
CA THR F 53 -28.05 -24.93 13.74
C THR F 53 -28.80 -24.52 12.49
N TYR F 54 -28.15 -24.50 11.33
CA TYR F 54 -28.79 -24.15 10.07
C TYR F 54 -29.36 -25.37 9.36
N ASN F 55 -28.49 -26.34 9.05
CA ASN F 55 -28.92 -27.53 8.31
C ASN F 55 -28.83 -28.81 9.12
N GLY F 56 -28.28 -28.79 10.32
CA GLY F 56 -28.21 -29.97 11.15
C GLY F 56 -26.99 -30.85 10.93
N ASN F 57 -26.05 -30.44 10.09
CA ASN F 57 -24.83 -31.21 9.92
C ASN F 57 -24.02 -31.22 11.20
N THR F 58 -23.38 -32.35 11.49
CA THR F 58 -22.66 -32.56 12.73
C THR F 58 -21.31 -33.20 12.45
N ASN F 59 -20.33 -32.85 13.27
CA ASN F 59 -19.08 -33.60 13.31
C ASN F 59 -18.73 -33.93 14.76
N TYR F 60 -18.43 -35.20 15.02
CA TYR F 60 -18.11 -35.69 16.35
C TYR F 60 -16.64 -36.08 16.43
N ALA F 61 -16.15 -36.17 17.67
CA ALA F 61 -14.78 -36.59 17.89
C ALA F 61 -14.63 -38.09 17.62
N GLN F 62 -13.39 -38.48 17.32
CA GLN F 62 -13.10 -39.88 17.02
C GLN F 62 -13.34 -40.77 18.24
N LYS F 63 -13.21 -40.22 19.45
CA LYS F 63 -13.37 -41.02 20.65
C LYS F 63 -14.82 -41.34 20.94
N PHE F 64 -15.76 -40.50 20.48
CA PHE F 64 -17.16 -40.62 20.85
C PHE F 64 -18.05 -41.02 19.68
N GLN F 65 -17.47 -41.43 18.55
CA GLN F 65 -18.28 -41.76 17.38
C GLN F 65 -19.14 -42.98 17.66
N GLY F 66 -20.45 -42.82 17.51
CA GLY F 66 -21.39 -43.91 17.70
C GLY F 66 -22.14 -43.89 19.01
N ARG F 67 -21.69 -43.10 20.00
CA ARG F 67 -22.32 -43.07 21.30
C ARG F 67 -23.11 -41.80 21.58
N VAL F 68 -22.80 -40.69 20.90
CA VAL F 68 -23.37 -39.38 21.22
C VAL F 68 -24.18 -38.89 20.04
N THR F 69 -25.37 -38.39 20.32
CA THR F 69 -26.20 -37.73 19.30
C THR F 69 -26.52 -36.31 19.75
N MET F 70 -26.32 -35.35 18.86
CA MET F 70 -26.66 -33.95 19.10
C MET F 70 -27.78 -33.54 18.17
N THR F 71 -28.87 -33.04 18.73
CA THR F 71 -29.99 -32.53 17.99
C THR F 71 -30.24 -31.08 18.35
N THR F 72 -31.12 -30.43 17.59
CA THR F 72 -31.44 -29.03 17.83
C THR F 72 -32.90 -28.77 17.53
N ASP F 73 -33.41 -27.68 18.11
CA ASP F 73 -34.77 -27.22 17.86
C ASP F 73 -34.73 -25.71 17.76
N THR F 74 -35.14 -25.18 16.60
CA THR F 74 -35.02 -23.75 16.34
C THR F 74 -36.21 -22.97 16.89
N SER F 75 -37.37 -23.62 17.04
CA SER F 75 -38.54 -22.92 17.57
C SER F 75 -38.31 -22.48 18.99
N THR F 76 -37.71 -23.35 19.82
CA THR F 76 -37.44 -23.03 21.21
C THR F 76 -36.00 -22.58 21.46
N THR F 77 -35.18 -22.52 20.40
CA THR F 77 -33.80 -22.05 20.51
C THR F 77 -33.00 -22.91 21.49
N THR F 78 -32.96 -24.22 21.21
CA THR F 78 -32.44 -25.17 22.17
C THR F 78 -31.62 -26.24 21.44
N GLY F 79 -30.58 -26.73 22.12
CA GLY F 79 -29.83 -27.88 21.65
C GLY F 79 -29.92 -29.02 22.66
N TYR F 80 -29.75 -30.24 22.17
CA TYR F 80 -29.84 -31.43 23.00
C TYR F 80 -28.67 -32.35 22.70
N MET F 81 -28.12 -32.95 23.76
CA MET F 81 -27.06 -33.94 23.66
C MET F 81 -27.49 -35.20 24.39
N GLU F 82 -27.35 -36.35 23.74
CA GLU F 82 -27.69 -37.62 24.37
C GLU F 82 -26.51 -38.57 24.26
N LEU F 83 -26.13 -39.14 25.41
CA LEU F 83 -25.00 -40.06 25.50
C LEU F 83 -25.50 -41.40 26.04
N ARG F 84 -25.15 -42.48 25.35
CA ARG F 84 -25.63 -43.81 25.67
C ARG F 84 -24.47 -44.73 25.99
N ARG F 85 -24.80 -45.91 26.51
CA ARG F 85 -23.81 -46.90 26.95
C ARG F 85 -22.84 -46.27 27.96
N LEU F 86 -23.42 -45.66 28.99
CA LEU F 86 -22.64 -44.94 29.98
C LEU F 86 -21.74 -45.86 30.78
N ARG F 87 -20.58 -45.35 31.17
CA ARG F 87 -19.65 -46.06 32.01
C ARG F 87 -19.13 -45.12 33.08
N SER F 88 -18.51 -45.70 34.11
CA SER F 88 -17.94 -44.89 35.18
C SER F 88 -16.89 -43.91 34.68
N ASP F 89 -16.26 -44.22 33.55
CA ASP F 89 -15.33 -43.30 32.93
C ASP F 89 -16.01 -42.02 32.47
N ASP F 90 -17.33 -42.05 32.28
CA ASP F 90 -18.06 -40.94 31.69
C ASP F 90 -18.63 -39.97 32.72
N THR F 91 -18.32 -40.13 34.00
CA THR F 91 -18.80 -39.19 35.00
C THR F 91 -18.02 -37.89 34.87
N ALA F 92 -18.72 -36.80 34.55
CA ALA F 92 -18.01 -35.57 34.23
C ALA F 92 -19.00 -34.40 34.18
N VAL F 93 -18.45 -33.21 34.01
CA VAL F 93 -19.22 -31.98 33.83
C VAL F 93 -19.27 -31.67 32.35
N TYR F 94 -20.46 -31.39 31.84
CA TYR F 94 -20.70 -31.18 30.43
C TYR F 94 -21.07 -29.73 30.18
N TYR F 95 -20.46 -29.13 29.17
CA TYR F 95 -20.64 -27.73 28.84
C TYR F 95 -21.12 -27.60 27.41
N CYS F 96 -22.15 -26.77 27.20
CA CYS F 96 -22.57 -26.35 25.88
C CYS F 96 -22.05 -24.94 25.61
N ALA F 97 -21.57 -24.70 24.40
CA ALA F 97 -20.99 -23.41 24.07
C ALA F 97 -21.39 -23.00 22.66
N ARG F 98 -21.45 -21.69 22.44
CA ARG F 98 -21.66 -21.14 21.11
C ARG F 98 -20.34 -21.12 20.36
N ASP F 99 -20.38 -21.55 19.09
CA ASP F 99 -19.17 -21.86 18.36
C ASP F 99 -18.85 -20.77 17.34
N TYR F 100 -17.54 -20.50 17.19
CA TYR F 100 -17.04 -19.64 16.13
C TYR F 100 -15.78 -20.24 15.50
N THR F 101 -15.69 -21.57 15.44
CA THR F 101 -14.58 -22.24 14.79
C THR F 101 -14.96 -22.91 13.48
N ARG F 102 -16.25 -23.19 13.28
CA ARG F 102 -16.73 -23.74 12.02
C ARG F 102 -18.09 -23.12 11.74
N GLY F 103 -18.28 -22.64 10.52
CA GLY F 103 -19.50 -21.94 10.18
C GLY F 103 -20.69 -22.86 10.08
N ALA F 104 -21.88 -22.26 10.22
CA ALA F 104 -23.12 -23.03 10.21
C ALA F 104 -23.68 -23.24 8.81
N TRP F 105 -23.39 -22.34 7.87
CA TRP F 105 -23.97 -22.44 6.53
C TRP F 105 -23.14 -23.32 5.61
N PHE F 106 -21.89 -22.95 5.36
CA PHE F 106 -21.02 -23.69 4.46
C PHE F 106 -20.14 -24.71 5.18
N GLY F 107 -20.08 -24.66 6.50
CA GLY F 107 -19.30 -25.62 7.26
C GLY F 107 -17.81 -25.57 7.05
N GLU F 108 -17.22 -24.38 7.03
CA GLU F 108 -15.78 -24.22 6.88
C GLU F 108 -15.20 -23.57 8.13
N SER F 109 -13.89 -23.69 8.28
CA SER F 109 -13.22 -23.19 9.47
C SER F 109 -13.23 -21.67 9.51
N LEU F 110 -13.22 -21.13 10.72
CA LEU F 110 -13.29 -19.71 10.99
C LEU F 110 -12.12 -19.30 11.87
N ILE F 111 -12.04 -18.00 12.16
CA ILE F 111 -11.02 -17.44 13.04
C ILE F 111 -11.72 -17.07 14.34
N GLY F 112 -11.53 -17.88 15.37
CA GLY F 112 -12.17 -17.63 16.65
C GLY F 112 -12.05 -18.82 17.57
N GLY F 113 -12.96 -18.89 18.52
CA GLY F 113 -12.99 -19.99 19.45
C GLY F 113 -14.38 -20.20 19.99
N PHE F 114 -14.45 -20.78 21.19
CA PHE F 114 -15.71 -20.99 21.87
C PHE F 114 -16.00 -19.80 22.77
N ASP F 115 -17.13 -19.14 22.52
CA ASP F 115 -17.56 -18.03 23.34
C ASP F 115 -18.91 -18.34 23.96
N ASN F 116 -19.19 -17.71 25.11
CA ASN F 116 -20.47 -17.81 25.79
C ASN F 116 -20.80 -19.26 26.16
N TRP F 117 -19.99 -19.80 27.07
CA TRP F 117 -20.25 -21.12 27.60
C TRP F 117 -21.43 -21.11 28.56
N GLY F 118 -22.03 -22.29 28.74
CA GLY F 118 -23.06 -22.48 29.74
C GLY F 118 -22.47 -22.69 31.12
N GLN F 119 -23.35 -22.99 32.07
CA GLN F 119 -22.89 -23.11 33.45
C GLN F 119 -22.38 -24.50 33.80
N GLY F 120 -22.79 -25.53 33.06
CA GLY F 120 -22.28 -26.86 33.29
C GLY F 120 -23.27 -27.80 33.96
N THR F 121 -23.38 -29.01 33.45
CA THR F 121 -24.24 -30.04 34.03
C THR F 121 -23.39 -31.22 34.47
N LEU F 122 -23.50 -31.60 35.74
CA LEU F 122 -22.74 -32.72 36.26
C LEU F 122 -23.53 -34.00 36.05
N VAL F 123 -22.95 -34.94 35.29
CA VAL F 123 -23.54 -36.25 35.09
C VAL F 123 -22.66 -37.26 35.79
N THR F 124 -23.22 -37.93 36.80
CA THR F 124 -22.50 -38.90 37.60
C THR F 124 -23.16 -40.26 37.47
N VAL F 125 -22.37 -41.28 37.16
CA VAL F 125 -22.86 -42.64 36.97
C VAL F 125 -22.17 -43.56 37.96
N SER F 126 -22.96 -44.46 38.55
CA SER F 126 -22.45 -45.43 39.51
C SER F 126 -23.58 -46.41 39.80
N SER F 127 -23.22 -47.54 40.41
CA SER F 127 -24.18 -48.56 40.79
C SER F 127 -24.73 -48.37 42.19
N ALA F 128 -24.34 -47.30 42.88
CA ALA F 128 -24.75 -47.09 44.26
C ALA F 128 -26.18 -46.58 44.32
N SER F 129 -26.73 -46.57 45.54
CA SER F 129 -28.07 -46.09 45.82
C SER F 129 -27.99 -44.94 46.82
N THR F 130 -29.13 -44.27 47.00
CA THR F 130 -29.18 -43.14 47.92
C THR F 130 -28.91 -43.61 49.34
N LYS F 131 -28.01 -42.90 50.03
CA LYS F 131 -27.64 -43.25 51.39
C LYS F 131 -27.29 -42.00 52.17
N GLY F 132 -27.78 -41.91 53.39
CA GLY F 132 -27.47 -40.79 54.24
C GLY F 132 -26.09 -40.91 54.85
N PRO F 133 -25.62 -39.79 55.40
CA PRO F 133 -24.28 -39.78 55.99
C PRO F 133 -24.23 -40.47 57.34
N SER F 134 -23.05 -40.99 57.68
CA SER F 134 -22.72 -41.40 59.02
C SER F 134 -21.75 -40.38 59.59
N VAL F 135 -22.14 -39.73 60.68
CA VAL F 135 -21.36 -38.63 61.27
C VAL F 135 -20.72 -39.13 62.55
N PHE F 136 -19.40 -38.99 62.64
CA PHE F 136 -18.65 -39.40 63.81
C PHE F 136 -17.80 -38.23 64.30
N PRO F 137 -17.45 -38.20 65.57
CA PRO F 137 -16.64 -37.10 66.08
C PRO F 137 -15.15 -37.38 66.05
N LEU F 138 -14.39 -36.30 65.97
CA LEU F 138 -12.94 -36.30 66.18
C LEU F 138 -12.66 -35.21 67.20
N ALA F 139 -12.38 -35.62 68.43
CA ALA F 139 -12.18 -34.79 69.61
C ALA F 139 -10.70 -34.67 69.94
N PRO F 140 -10.27 -33.51 70.45
CA PRO F 140 -8.85 -33.34 70.77
C PRO F 140 -8.39 -34.29 71.87
N SER F 141 -7.14 -34.73 71.76
CA SER F 141 -6.55 -35.62 72.73
C SER F 141 -6.02 -34.81 73.93
N SER F 142 -5.73 -35.55 75.02
CA SER F 142 -5.20 -34.91 76.21
C SER F 142 -3.79 -34.38 76.03
N LYS F 143 -3.07 -34.84 75.00
CA LYS F 143 -1.70 -34.40 74.77
C LYS F 143 -1.71 -32.93 74.35
N SER F 144 -1.20 -32.07 75.23
CA SER F 144 -1.17 -30.64 74.94
C SER F 144 -0.11 -30.31 73.89
N THR F 145 -0.31 -29.19 73.22
CA THR F 145 0.60 -28.70 72.18
C THR F 145 1.27 -27.41 72.64
N SER F 146 2.30 -27.02 71.88
CA SER F 146 3.03 -25.80 72.20
C SER F 146 2.16 -24.57 72.00
N GLY F 147 1.34 -24.55 70.95
CA GLY F 147 0.56 -23.37 70.62
C GLY F 147 -0.61 -23.12 71.54
N GLY F 148 -1.09 -24.15 72.24
CA GLY F 148 -2.24 -23.99 73.12
C GLY F 148 -3.57 -23.88 72.42
N THR F 149 -3.65 -24.26 71.15
CA THR F 149 -4.89 -24.23 70.39
C THR F 149 -5.13 -25.63 69.82
N ALA F 150 -6.34 -26.15 70.04
CA ALA F 150 -6.67 -27.51 69.62
C ALA F 150 -7.47 -27.48 68.33
N ALA F 151 -7.62 -28.67 67.74
CA ALA F 151 -8.43 -28.83 66.54
C ALA F 151 -9.34 -30.03 66.71
N LEU F 152 -10.58 -29.88 66.27
CA LEU F 152 -11.58 -30.95 66.35
C LEU F 152 -12.37 -30.95 65.06
N GLY F 153 -13.35 -31.85 64.98
CA GLY F 153 -14.19 -31.86 63.79
C GLY F 153 -15.12 -33.06 63.75
N CYS F 154 -15.85 -33.16 62.65
CA CYS F 154 -16.75 -34.28 62.41
C CYS F 154 -16.46 -34.92 61.05
N LEU F 155 -16.49 -36.25 61.06
CA LEU F 155 -16.19 -37.07 59.90
C LEU F 155 -17.50 -37.60 59.32
N VAL F 156 -17.71 -37.34 58.03
CA VAL F 156 -18.90 -37.78 57.30
C VAL F 156 -18.49 -38.94 56.40
N LYS F 157 -19.18 -40.06 56.52
CA LYS F 157 -18.76 -41.27 55.85
C LYS F 157 -19.95 -41.94 55.18
N ASP F 158 -19.68 -42.59 54.03
CA ASP F 158 -20.64 -43.46 53.37
C ASP F 158 -21.92 -42.71 53.02
N TYR F 159 -21.78 -41.70 52.17
CA TYR F 159 -22.90 -40.91 51.71
C TYR F 159 -22.92 -40.86 50.19
N PHE F 160 -24.11 -40.73 49.64
CA PHE F 160 -24.31 -40.68 48.19
C PHE F 160 -25.73 -40.22 47.90
N PRO F 161 -25.94 -39.36 46.89
CA PRO F 161 -24.88 -38.77 46.08
C PRO F 161 -24.35 -37.46 46.66
N GLU F 162 -23.39 -36.85 45.98
CA GLU F 162 -22.92 -35.54 46.36
C GLU F 162 -24.01 -34.50 46.11
N PRO F 163 -24.02 -33.38 46.85
CA PRO F 163 -23.12 -33.05 47.95
C PRO F 163 -23.80 -33.08 49.32
N VAL F 164 -23.03 -32.82 50.36
CA VAL F 164 -23.57 -32.56 51.69
C VAL F 164 -23.05 -31.22 52.17
N THR F 165 -23.84 -30.54 52.99
CA THR F 165 -23.50 -29.22 53.48
C THR F 165 -23.20 -29.31 54.97
N VAL F 166 -22.02 -28.84 55.36
CA VAL F 166 -21.58 -28.89 56.74
C VAL F 166 -21.52 -27.47 57.29
N SER F 167 -22.16 -27.25 58.43
CA SER F 167 -22.12 -25.96 59.11
C SER F 167 -21.68 -26.19 60.56
N TRP F 168 -21.04 -25.19 61.13
CA TRP F 168 -20.60 -25.24 62.53
C TRP F 168 -21.28 -24.12 63.30
N ASN F 169 -22.33 -24.48 64.05
CA ASN F 169 -23.11 -23.53 64.82
C ASN F 169 -23.66 -22.40 63.95
N SER F 170 -24.14 -22.77 62.76
CA SER F 170 -24.94 -21.88 61.92
C SER F 170 -24.25 -20.54 61.67
N GLY F 171 -22.94 -20.60 61.42
CA GLY F 171 -22.18 -19.41 61.11
C GLY F 171 -21.64 -18.66 62.31
N ALA F 172 -21.98 -19.08 63.53
CA ALA F 172 -21.41 -18.43 64.70
C ALA F 172 -19.90 -18.62 64.74
N LEU F 173 -19.42 -19.80 64.37
CA LEU F 173 -18.00 -20.09 64.27
C LEU F 173 -17.65 -20.26 62.80
N THR F 174 -17.04 -19.21 62.23
CA THR F 174 -16.59 -19.24 60.83
C THR F 174 -15.10 -18.97 60.71
N SER F 175 -14.35 -19.12 61.80
CA SER F 175 -12.90 -18.96 61.80
C SER F 175 -12.24 -20.32 62.00
N GLY F 176 -11.34 -20.67 61.09
CA GLY F 176 -10.69 -21.97 61.16
C GLY F 176 -11.51 -23.12 60.64
N VAL F 177 -12.64 -22.86 59.98
CA VAL F 177 -13.49 -23.92 59.47
C VAL F 177 -12.92 -24.41 58.15
N HIS F 178 -12.61 -25.70 58.06
CA HIS F 178 -12.07 -26.31 56.85
C HIS F 178 -12.91 -27.52 56.49
N THR F 179 -13.41 -27.54 55.25
CA THR F 179 -14.14 -28.68 54.70
C THR F 179 -13.36 -29.17 53.49
N PHE F 180 -12.84 -30.38 53.59
CA PHE F 180 -11.99 -30.95 52.54
C PHE F 180 -12.83 -31.51 51.41
N PRO F 181 -12.29 -31.61 50.21
CA PRO F 181 -13.04 -32.20 49.11
C PRO F 181 -13.32 -33.68 49.35
N ALA F 182 -14.41 -34.15 48.77
CA ALA F 182 -14.80 -35.54 48.92
C ALA F 182 -13.95 -36.45 48.05
N VAL F 183 -13.74 -37.68 48.52
CA VAL F 183 -13.01 -38.70 47.79
C VAL F 183 -13.88 -39.93 47.66
N LEU F 184 -13.80 -40.58 46.50
CA LEU F 184 -14.61 -41.75 46.21
C LEU F 184 -13.84 -43.01 46.59
N GLN F 185 -14.41 -43.78 47.51
CA GLN F 185 -13.74 -44.96 48.04
C GLN F 185 -13.92 -46.15 47.11
N SER F 186 -13.36 -47.30 47.50
CA SER F 186 -13.42 -48.50 46.68
C SER F 186 -14.81 -49.13 46.66
N SER F 187 -15.65 -48.81 47.63
CA SER F 187 -17.00 -49.33 47.69
C SER F 187 -18.00 -48.51 46.89
N GLY F 188 -17.54 -47.45 46.23
CA GLY F 188 -18.43 -46.58 45.50
C GLY F 188 -19.08 -45.49 46.32
N LEU F 189 -18.72 -45.35 47.59
CA LEU F 189 -19.28 -44.34 48.46
C LEU F 189 -18.32 -43.17 48.63
N TYR F 190 -18.79 -42.13 49.31
CA TYR F 190 -18.04 -40.89 49.48
C TYR F 190 -17.74 -40.66 50.95
N SER F 191 -16.60 -40.00 51.20
CA SER F 191 -16.22 -39.61 52.55
C SER F 191 -15.80 -38.15 52.54
N LEU F 192 -15.74 -37.58 53.74
CA LEU F 192 -15.54 -36.15 53.90
C LEU F 192 -15.18 -35.90 55.34
N SER F 193 -14.41 -34.84 55.58
CA SER F 193 -14.04 -34.42 56.92
CA SER F 193 -14.05 -34.43 56.93
C SER F 193 -14.26 -32.93 57.05
N SER F 194 -14.66 -32.49 58.24
CA SER F 194 -14.79 -31.07 58.55
C SER F 194 -14.07 -30.83 59.85
N VAL F 195 -13.21 -29.81 59.88
CA VAL F 195 -12.39 -29.55 61.05
C VAL F 195 -12.39 -28.06 61.36
N VAL F 196 -12.05 -27.76 62.62
CA VAL F 196 -12.02 -26.39 63.12
C VAL F 196 -11.01 -26.31 64.25
N THR F 197 -10.54 -25.09 64.50
CA THR F 197 -9.53 -24.81 65.51
C THR F 197 -10.14 -23.95 66.61
N VAL F 198 -9.84 -24.29 67.86
CA VAL F 198 -10.45 -23.64 69.02
C VAL F 198 -9.40 -23.33 70.06
N PRO F 199 -9.56 -22.21 70.76
CA PRO F 199 -8.66 -21.90 71.87
C PRO F 199 -8.85 -22.85 73.04
N SER F 200 -7.78 -23.02 73.82
CA SER F 200 -7.85 -23.91 74.97
C SER F 200 -8.80 -23.38 76.04
N SER F 201 -8.81 -22.06 76.25
CA SER F 201 -9.61 -21.47 77.32
C SER F 201 -11.10 -21.72 77.13
N SER F 202 -11.53 -21.92 75.88
CA SER F 202 -12.94 -22.20 75.60
C SER F 202 -13.24 -23.69 75.50
N LEU F 203 -12.27 -24.56 75.78
CA LEU F 203 -12.52 -25.99 75.72
C LEU F 203 -13.53 -26.42 76.78
N GLY F 204 -13.38 -25.92 78.00
CA GLY F 204 -14.26 -26.24 79.09
C GLY F 204 -15.42 -25.30 79.31
N THR F 205 -15.58 -24.28 78.48
CA THR F 205 -16.64 -23.30 78.63
C THR F 205 -17.52 -23.17 77.40
N GLN F 206 -17.24 -23.91 76.32
CA GLN F 206 -18.03 -23.84 75.10
C GLN F 206 -18.22 -25.24 74.55
N THR F 207 -19.39 -25.45 73.94
CA THR F 207 -19.73 -26.72 73.31
C THR F 207 -20.06 -26.47 71.84
N TYR F 208 -19.51 -27.31 70.96
CA TYR F 208 -19.65 -27.14 69.52
C TYR F 208 -20.56 -28.22 68.96
N ILE F 209 -21.47 -27.80 68.08
CA ILE F 209 -22.46 -28.69 67.48
C ILE F 209 -22.39 -28.52 65.97
N CYS F 210 -21.88 -29.52 65.27
CA CYS F 210 -21.74 -29.45 63.82
C CYS F 210 -22.96 -30.09 63.17
N ASN F 211 -23.49 -29.43 62.15
CA ASN F 211 -24.70 -29.84 61.46
C ASN F 211 -24.36 -30.29 60.05
N VAL F 212 -24.81 -31.50 59.70
CA VAL F 212 -24.61 -32.07 58.39
C VAL F 212 -25.97 -32.21 57.72
N ASN F 213 -26.09 -31.67 56.51
CA ASN F 213 -27.32 -31.69 55.75
C ASN F 213 -27.10 -32.45 54.45
N HIS F 214 -27.97 -33.44 54.20
CA HIS F 214 -27.93 -34.26 53.00
C HIS F 214 -29.30 -34.13 52.33
N LYS F 215 -29.34 -33.37 51.23
CA LYS F 215 -30.61 -33.10 50.57
C LYS F 215 -31.26 -34.34 49.97
N PRO F 216 -30.55 -35.21 49.23
CA PRO F 216 -31.25 -36.36 48.63
C PRO F 216 -31.94 -37.26 49.64
N SER F 217 -31.35 -37.46 50.82
CA SER F 217 -32.01 -38.20 51.88
C SER F 217 -32.80 -37.29 52.81
N ASN F 218 -32.73 -35.97 52.60
CA ASN F 218 -33.46 -34.99 53.41
C ASN F 218 -33.14 -35.17 54.89
N THR F 219 -31.86 -35.37 55.21
CA THR F 219 -31.43 -35.70 56.55
C THR F 219 -30.54 -34.60 57.11
N LYS F 220 -30.89 -34.09 58.29
CA LYS F 220 -30.08 -33.11 59.00
C LYS F 220 -29.68 -33.70 60.35
N VAL F 221 -28.39 -33.73 60.63
CA VAL F 221 -27.86 -34.31 61.86
C VAL F 221 -27.02 -33.27 62.58
N ASP F 222 -27.32 -33.04 63.85
CA ASP F 222 -26.52 -32.17 64.70
C ASP F 222 -25.77 -33.03 65.71
N LYS F 223 -24.44 -32.97 65.66
CA LYS F 223 -23.60 -33.80 66.52
C LYS F 223 -22.69 -32.90 67.34
N ARG F 224 -22.58 -33.20 68.62
CA ARG F 224 -21.76 -32.40 69.54
C ARG F 224 -20.33 -32.94 69.58
N VAL F 225 -19.40 -32.03 69.84
CA VAL F 225 -17.98 -32.37 70.01
C VAL F 225 -17.59 -32.09 71.45
N GLU F 226 -17.21 -33.12 72.17
CA GLU F 226 -16.86 -33.03 73.58
C GLU F 226 -15.54 -33.74 73.83
N PRO F 227 -14.82 -33.36 74.88
CA PRO F 227 -13.55 -34.04 75.19
C PRO F 227 -13.76 -35.52 75.45
N LYS F 228 -12.78 -36.31 75.02
CA LYS F 228 -12.88 -37.76 75.17
C LYS F 228 -12.76 -38.16 76.63
N SER F 229 -13.56 -39.16 77.02
CA SER F 229 -13.57 -39.67 78.38
C SER F 229 -13.33 -41.17 78.37
N CYS F 230 -12.71 -41.66 79.44
CA CYS F 230 -12.41 -43.08 79.58
C CYS F 230 -13.69 -43.90 79.74
N GLU G 1 -3.28 -37.06 14.80
CA GLU G 1 -3.74 -35.81 15.41
C GLU G 1 -2.57 -34.93 15.82
N ILE G 2 -2.87 -33.70 16.21
CA ILE G 2 -1.87 -32.77 16.70
C ILE G 2 -1.93 -32.77 18.22
N VAL G 3 -0.79 -33.03 18.86
CA VAL G 3 -0.70 -33.03 20.30
C VAL G 3 -0.09 -31.71 20.76
N LEU G 4 -0.79 -31.03 21.65
CA LEU G 4 -0.31 -29.76 22.22
C LEU G 4 0.19 -30.01 23.63
N THR G 5 1.44 -29.61 23.88
CA THR G 5 2.06 -29.74 25.19
C THR G 5 2.24 -28.35 25.78
N GLN G 6 1.75 -28.17 27.00
CA GLN G 6 1.87 -26.90 27.70
C GLN G 6 3.02 -26.95 28.69
N SER G 7 3.64 -25.79 28.89
CA SER G 7 4.76 -25.69 29.79
C SER G 7 4.76 -24.35 30.51
N PRO G 8 5.06 -24.36 31.82
CA PRO G 8 5.21 -25.61 32.56
C PRO G 8 3.88 -26.10 33.13
N GLY G 9 3.92 -27.14 33.97
CA GLY G 9 2.69 -27.68 34.52
C GLY G 9 1.99 -26.72 35.45
N THR G 10 2.74 -26.09 36.35
CA THR G 10 2.20 -25.13 37.30
C THR G 10 3.17 -23.97 37.46
N LEU G 11 2.63 -22.82 37.87
CA LEU G 11 3.41 -21.63 38.09
C LEU G 11 3.15 -21.10 39.49
N SER G 12 4.22 -20.69 40.17
CA SER G 12 4.14 -20.08 41.51
C SER G 12 4.70 -18.67 41.41
N LEU G 13 3.83 -17.69 41.34
CA LEU G 13 4.24 -16.29 41.18
C LEU G 13 3.47 -15.40 42.14
N SER G 14 4.13 -14.34 42.60
CA SER G 14 3.54 -13.34 43.47
C SER G 14 2.80 -12.29 42.66
N PRO G 15 1.82 -11.62 43.25
CA PRO G 15 1.08 -10.58 42.50
C PRO G 15 2.00 -9.46 42.04
N GLY G 16 1.72 -8.97 40.83
CA GLY G 16 2.48 -7.91 40.23
C GLY G 16 3.54 -8.35 39.24
N GLU G 17 3.94 -9.61 39.27
CA GLU G 17 4.98 -10.09 38.38
C GLU G 17 4.43 -10.31 36.97
N ARG G 18 5.22 -10.93 36.11
CA ARG G 18 4.87 -11.17 34.72
C ARG G 18 4.81 -12.68 34.49
N ALA G 19 3.77 -13.13 33.80
CA ALA G 19 3.54 -14.54 33.57
C ALA G 19 3.70 -14.88 32.10
N THR G 20 4.38 -16.01 31.83
CA THR G 20 4.64 -16.47 30.48
C THR G 20 4.34 -17.96 30.40
N LEU G 21 3.42 -18.35 29.53
CA LEU G 21 3.02 -19.75 29.36
C LEU G 21 3.23 -20.17 27.93
N SER G 22 3.74 -21.39 27.72
CA SER G 22 4.12 -21.85 26.40
C SER G 22 3.28 -23.04 25.96
N CYS G 23 2.91 -23.03 24.67
CA CYS G 23 2.18 -24.13 24.04
C CYS G 23 2.95 -24.56 22.81
N ARG G 24 3.39 -25.82 22.79
CA ARG G 24 4.12 -26.38 21.66
C ARG G 24 3.29 -27.47 21.01
N ALA G 25 3.52 -27.68 19.71
CA ALA G 25 2.74 -28.62 18.93
C ALA G 25 3.63 -29.58 18.18
N SER G 26 3.12 -30.79 17.95
CA SER G 26 3.88 -31.79 17.21
C SER G 26 4.13 -31.36 15.78
N GLN G 27 3.09 -30.85 15.11
CA GLN G 27 3.19 -30.36 13.74
C GLN G 27 2.86 -28.87 13.71
N THR G 28 3.03 -28.28 12.54
CA THR G 28 2.74 -26.87 12.38
C THR G 28 1.23 -26.62 12.37
N VAL G 29 0.82 -25.49 12.94
CA VAL G 29 -0.58 -25.09 12.96
C VAL G 29 -0.66 -23.63 12.54
N SER G 30 -1.62 -23.32 11.66
CA SER G 30 -1.78 -21.96 11.20
C SER G 30 -2.08 -21.03 12.36
N SER G 31 -1.44 -19.86 12.35
CA SER G 31 -1.57 -18.93 13.46
C SER G 31 -3.01 -18.43 13.62
N THR G 32 -3.84 -18.59 12.60
CA THR G 32 -5.22 -18.17 12.65
C THR G 32 -6.15 -19.26 13.19
N SER G 33 -5.60 -20.31 13.76
CA SER G 33 -6.36 -21.41 14.33
C SER G 33 -5.78 -21.82 15.69
N LEU G 34 -5.46 -20.84 16.52
CA LEU G 34 -5.06 -21.08 17.90
C LEU G 34 -5.84 -20.16 18.83
N ALA G 35 -6.16 -20.68 20.01
CA ALA G 35 -6.94 -19.94 20.98
C ALA G 35 -6.48 -20.28 22.39
N TRP G 36 -6.78 -19.37 23.31
CA TRP G 36 -6.43 -19.49 24.72
C TRP G 36 -7.66 -19.19 25.57
N TYR G 37 -7.94 -20.07 26.53
CA TYR G 37 -9.06 -19.96 27.46
C TYR G 37 -8.58 -19.92 28.90
N GLN G 38 -9.40 -19.33 29.77
CA GLN G 38 -9.14 -19.24 31.20
C GLN G 38 -10.32 -19.77 31.99
N GLN G 39 -10.05 -20.52 33.06
CA GLN G 39 -11.08 -21.06 33.92
C GLN G 39 -10.70 -20.83 35.38
N LYS G 40 -11.50 -20.06 36.09
CA LYS G 40 -11.37 -19.88 37.53
C LYS G 40 -12.06 -21.02 38.27
N PRO G 41 -11.67 -21.29 39.51
CA PRO G 41 -12.25 -22.43 40.23
C PRO G 41 -13.76 -22.28 40.42
N GLY G 42 -14.47 -23.39 40.21
CA GLY G 42 -15.89 -23.42 40.46
C GLY G 42 -16.77 -22.80 39.40
N GLN G 43 -16.19 -22.37 38.27
CA GLN G 43 -16.95 -21.71 37.22
C GLN G 43 -16.66 -22.38 35.88
N ALA G 44 -17.27 -21.85 34.82
CA ALA G 44 -17.12 -22.28 33.43
C ALA G 44 -16.03 -21.48 32.72
N PRO G 45 -15.36 -22.09 31.75
CA PRO G 45 -14.29 -21.40 31.05
C PRO G 45 -14.82 -20.27 30.17
N ARG G 46 -13.93 -19.31 29.90
CA ARG G 46 -14.24 -18.18 29.04
C ARG G 46 -13.11 -17.98 28.04
N LEU G 47 -13.47 -17.48 26.86
CA LEU G 47 -12.49 -17.25 25.82
C LEU G 47 -11.63 -16.04 26.14
N LEU G 48 -10.33 -16.18 25.93
CA LEU G 48 -9.36 -15.12 26.20
C LEU G 48 -8.71 -14.57 24.94
N ILE G 49 -8.15 -15.43 24.11
CA ILE G 49 -7.45 -14.99 22.90
C ILE G 49 -7.81 -15.91 21.74
N TYR G 50 -8.07 -15.31 20.58
CA TYR G 50 -8.33 -16.07 19.35
C TYR G 50 -7.43 -15.54 18.25
N GLY G 51 -7.12 -16.43 17.30
CA GLY G 51 -6.20 -16.06 16.23
C GLY G 51 -4.76 -15.94 16.66
N ALA G 52 -4.45 -16.38 17.88
CA ALA G 52 -3.10 -16.39 18.47
C ALA G 52 -2.62 -15.00 18.82
N SER G 53 -3.36 -13.96 18.41
CA SER G 53 -3.01 -12.60 18.77
C SER G 53 -4.18 -11.72 19.18
N SER G 54 -5.40 -12.00 18.75
CA SER G 54 -6.51 -11.09 19.00
C SER G 54 -7.05 -11.30 20.41
N ARG G 55 -7.95 -10.40 20.81
CA ARG G 55 -8.52 -10.41 22.14
C ARG G 55 -10.03 -10.45 22.05
N ALA G 56 -10.65 -11.26 22.92
CA ALA G 56 -12.10 -11.37 22.94
C ALA G 56 -12.72 -10.10 23.53
N THR G 57 -14.03 -9.98 23.35
CA THR G 57 -14.75 -8.81 23.85
C THR G 57 -14.74 -8.80 25.36
N GLY G 58 -14.51 -7.61 25.93
CA GLY G 58 -14.54 -7.44 27.36
C GLY G 58 -13.31 -7.90 28.10
N ILE G 59 -12.21 -8.16 27.40
CA ILE G 59 -11.00 -8.68 28.02
C ILE G 59 -10.02 -7.54 28.29
N PRO G 60 -9.47 -7.45 29.49
CA PRO G 60 -8.48 -6.40 29.77
C PRO G 60 -7.23 -6.58 28.92
N ASP G 61 -6.46 -5.50 28.80
CA ASP G 61 -5.35 -5.44 27.88
C ASP G 61 -4.08 -6.10 28.42
N ARG G 62 -4.07 -6.57 29.66
CA ARG G 62 -2.88 -7.21 30.20
C ARG G 62 -2.59 -8.57 29.58
N PHE G 63 -3.52 -9.14 28.84
CA PHE G 63 -3.34 -10.44 28.19
C PHE G 63 -2.87 -10.23 26.76
N SER G 64 -1.78 -10.89 26.38
CA SER G 64 -1.27 -10.81 25.03
C SER G 64 -0.85 -12.19 24.56
N GLY G 65 -0.93 -12.40 23.26
CA GLY G 65 -0.55 -13.68 22.68
C GLY G 65 0.35 -13.49 21.47
N SER G 66 1.32 -14.38 21.33
CA SER G 66 2.30 -14.27 20.25
C SER G 66 2.80 -15.65 19.89
N GLY G 67 3.67 -15.71 18.90
CA GLY G 67 4.27 -16.94 18.45
C GLY G 67 3.74 -17.36 17.09
N SER G 68 4.31 -18.45 16.59
CA SER G 68 3.93 -18.97 15.27
C SER G 68 4.48 -20.39 15.16
N GLY G 69 4.20 -21.01 14.01
CA GLY G 69 4.72 -22.33 13.72
C GLY G 69 4.33 -23.39 14.73
N THR G 70 5.29 -23.81 15.54
CA THR G 70 5.05 -24.82 16.56
C THR G 70 5.26 -24.28 17.97
N ASP G 71 5.48 -22.98 18.14
CA ASP G 71 5.67 -22.39 19.45
C ASP G 71 4.75 -21.19 19.61
N PHE G 72 3.90 -21.22 20.63
CA PHE G 72 3.00 -20.12 20.93
C PHE G 72 3.15 -19.74 22.39
N THR G 73 2.91 -18.46 22.69
CA THR G 73 3.15 -17.93 24.03
C THR G 73 1.99 -17.03 24.44
N LEU G 74 1.53 -17.21 25.67
CA LEU G 74 0.56 -16.32 26.29
C LEU G 74 1.24 -15.58 27.44
N THR G 75 1.14 -14.25 27.43
CA THR G 75 1.82 -13.40 28.39
C THR G 75 0.83 -12.52 29.13
N ILE G 76 1.06 -12.38 30.43
CA ILE G 76 0.33 -11.46 31.29
C ILE G 76 1.34 -10.51 31.90
N SER G 77 1.13 -9.21 31.69
CA SER G 77 2.10 -8.22 32.15
C SER G 77 2.02 -8.02 33.66
N ARG G 78 0.87 -7.57 34.15
CA ARG G 78 0.65 -7.39 35.58
C ARG G 78 -0.39 -8.38 36.04
N LEU G 79 -0.05 -9.17 37.06
CA LEU G 79 -1.00 -10.12 37.62
C LEU G 79 -1.88 -9.45 38.67
N GLU G 80 -2.99 -10.10 38.97
CA GLU G 80 -3.97 -9.64 39.92
C GLU G 80 -4.55 -10.85 40.62
N PRO G 81 -5.27 -10.66 41.74
CA PRO G 81 -5.90 -11.81 42.40
C PRO G 81 -6.86 -12.59 41.50
N GLU G 82 -7.49 -11.93 40.52
CA GLU G 82 -8.43 -12.60 39.65
C GLU G 82 -7.75 -13.34 38.49
N ASP G 83 -6.45 -13.16 38.29
CA ASP G 83 -5.73 -13.79 37.20
C ASP G 83 -5.02 -15.08 37.61
N PHE G 84 -5.47 -15.72 38.68
CA PHE G 84 -4.88 -16.95 39.19
C PHE G 84 -5.89 -18.08 38.96
N ALA G 85 -5.75 -18.73 37.82
CA ALA G 85 -6.75 -19.69 37.33
C ALA G 85 -6.01 -20.77 36.55
N VAL G 86 -6.75 -21.53 35.74
CA VAL G 86 -6.17 -22.56 34.88
C VAL G 86 -6.35 -22.14 33.43
N TYR G 87 -5.26 -22.22 32.66
CA TYR G 87 -5.24 -21.73 31.29
C TYR G 87 -5.09 -22.88 30.31
N TYR G 88 -5.74 -22.76 29.16
CA TYR G 88 -5.78 -23.83 28.17
C TYR G 88 -5.49 -23.30 26.77
N CYS G 89 -4.79 -24.12 25.99
CA CYS G 89 -4.38 -23.82 24.63
C CYS G 89 -5.11 -24.77 23.69
N GLN G 90 -5.78 -24.21 22.67
CA GLN G 90 -6.62 -24.98 21.77
C GLN G 90 -6.25 -24.69 20.33
N GLN G 91 -6.38 -25.70 19.47
CA GLN G 91 -6.17 -25.54 18.04
C GLN G 91 -7.27 -26.28 17.28
N HIS G 92 -7.61 -25.77 16.10
CA HIS G 92 -8.55 -26.46 15.22
C HIS G 92 -8.05 -26.42 13.77
N ASP G 93 -6.76 -26.68 13.58
CA ASP G 93 -6.23 -26.86 12.23
C ASP G 93 -6.63 -28.22 11.68
N THR G 94 -6.24 -29.29 12.35
CA THR G 94 -6.67 -30.65 12.03
C THR G 94 -7.51 -31.16 13.20
N SER G 95 -8.79 -31.36 12.96
CA SER G 95 -9.77 -31.74 13.99
C SER G 95 -9.72 -30.67 15.09
N LEU G 96 -9.68 -31.04 16.36
CA LEU G 96 -9.70 -30.09 17.45
C LEU G 96 -9.14 -30.75 18.69
N THR G 97 -8.14 -30.13 19.31
CA THR G 97 -7.46 -30.71 20.46
C THR G 97 -7.16 -29.63 21.48
N PHE G 98 -7.37 -29.95 22.75
CA PHE G 98 -7.11 -29.06 23.86
C PHE G 98 -5.75 -29.34 24.46
N GLY G 99 -5.22 -28.36 25.17
CA GLY G 99 -3.98 -28.54 25.88
C GLY G 99 -4.17 -29.19 27.23
N GLY G 100 -3.05 -29.64 27.82
CA GLY G 100 -3.12 -30.28 29.11
C GLY G 100 -3.56 -29.34 30.22
N GLY G 101 -3.04 -28.12 30.21
CA GLY G 101 -3.42 -27.14 31.20
C GLY G 101 -2.26 -26.68 32.07
N THR G 102 -2.21 -25.39 32.35
CA THR G 102 -1.21 -24.80 33.22
C THR G 102 -1.90 -23.96 34.28
N LYS G 103 -1.39 -24.03 35.51
CA LYS G 103 -2.03 -23.40 36.65
C LYS G 103 -1.09 -22.38 37.28
N VAL G 104 -1.64 -21.26 37.75
CA VAL G 104 -0.89 -20.21 38.40
C VAL G 104 -1.39 -20.05 39.82
N GLU G 105 -0.45 -19.96 40.77
CA GLU G 105 -0.81 -19.92 42.18
C GLU G 105 0.05 -18.89 42.91
N ILE G 106 -0.44 -18.46 44.07
CA ILE G 106 0.21 -17.41 44.85
C ILE G 106 1.49 -17.96 45.47
N LYS G 107 2.49 -17.10 45.58
CA LYS G 107 3.73 -17.41 46.29
C LYS G 107 3.68 -16.78 47.68
N ARG G 108 4.22 -17.49 48.66
CA ARG G 108 4.32 -16.98 50.02
C ARG G 108 5.49 -17.67 50.72
N THR G 109 5.71 -17.27 51.96
CA THR G 109 6.80 -17.85 52.75
C THR G 109 6.53 -19.32 53.06
N VAL G 110 7.60 -20.10 53.14
CA VAL G 110 7.49 -21.52 53.46
C VAL G 110 7.06 -21.65 54.92
N ALA G 111 5.99 -22.41 55.15
CA ALA G 111 5.45 -22.60 56.49
C ALA G 111 5.35 -24.09 56.78
N ALA G 112 5.88 -24.50 57.93
CA ALA G 112 5.77 -25.88 58.33
C ALA G 112 4.32 -26.21 58.70
N PRO G 113 3.83 -27.40 58.37
CA PRO G 113 2.46 -27.76 58.73
C PRO G 113 2.32 -28.01 60.23
N SER G 114 1.09 -27.87 60.71
CA SER G 114 0.71 -28.31 62.04
C SER G 114 0.10 -29.69 61.91
N VAL G 115 0.69 -30.67 62.58
CA VAL G 115 0.35 -32.08 62.40
C VAL G 115 -0.38 -32.57 63.64
N PHE G 116 -1.63 -32.98 63.45
CA PHE G 116 -2.44 -33.57 64.51
C PHE G 116 -2.87 -34.97 64.11
N ILE G 117 -3.13 -35.80 65.12
CA ILE G 117 -3.59 -37.17 64.90
C ILE G 117 -4.87 -37.37 65.70
N PHE G 118 -5.85 -38.02 65.07
CA PHE G 118 -7.17 -38.25 65.66
C PHE G 118 -7.48 -39.73 65.61
N PRO G 119 -7.73 -40.38 66.75
CA PRO G 119 -8.05 -41.80 66.76
C PRO G 119 -9.51 -42.03 66.39
N PRO G 120 -9.90 -43.26 66.07
CA PRO G 120 -11.31 -43.52 65.77
C PRO G 120 -12.17 -43.40 67.02
N SER G 121 -13.40 -42.94 66.82
CA SER G 121 -14.34 -42.87 67.92
C SER G 121 -14.87 -44.27 68.25
N ASP G 122 -15.33 -44.42 69.49
CA ASP G 122 -15.87 -45.70 69.92
C ASP G 122 -17.12 -46.07 69.13
N GLU G 123 -17.96 -45.08 68.84
CA GLU G 123 -19.18 -45.35 68.09
C GLU G 123 -18.87 -45.90 66.71
N GLN G 124 -17.88 -45.33 66.02
CA GLN G 124 -17.47 -45.87 64.74
C GLN G 124 -16.85 -47.25 64.89
N LEU G 125 -16.12 -47.47 66.00
CA LEU G 125 -15.53 -48.79 66.24
C LEU G 125 -16.60 -49.84 66.44
N LYS G 126 -17.76 -49.46 66.96
CA LYS G 126 -18.86 -50.40 67.12
C LYS G 126 -19.40 -50.88 65.78
N SER G 127 -19.11 -50.17 64.68
CA SER G 127 -19.57 -50.55 63.36
C SER G 127 -18.66 -51.56 62.67
N GLY G 128 -17.56 -51.95 63.31
CA GLY G 128 -16.63 -52.88 62.71
C GLY G 128 -15.59 -52.25 61.81
N THR G 129 -15.60 -50.93 61.65
CA THR G 129 -14.68 -50.22 60.78
C THR G 129 -13.96 -49.15 61.58
N ALA G 130 -12.70 -48.91 61.26
CA ALA G 130 -11.87 -47.96 61.97
C ALA G 130 -11.22 -47.01 61.00
N SER G 131 -11.22 -45.73 61.35
CA SER G 131 -10.55 -44.68 60.57
C SER G 131 -9.70 -43.83 61.50
N VAL G 132 -8.42 -43.67 61.14
CA VAL G 132 -7.48 -42.85 61.89
C VAL G 132 -7.06 -41.69 60.99
N VAL G 133 -7.11 -40.47 61.53
CA VAL G 133 -6.95 -39.27 60.73
C VAL G 133 -5.64 -38.58 61.09
N CYS G 134 -4.85 -38.24 60.08
CA CYS G 134 -3.68 -37.38 60.26
C CYS G 134 -3.93 -36.10 59.48
N LEU G 135 -3.94 -34.98 60.21
CA LEU G 135 -4.29 -33.68 59.64
C LEU G 135 -3.07 -32.79 59.63
N LEU G 136 -2.75 -32.23 58.46
CA LEU G 136 -1.72 -31.21 58.32
C LEU G 136 -2.43 -29.90 57.99
N ASN G 137 -2.18 -28.87 58.78
CA ASN G 137 -2.87 -27.61 58.62
C ASN G 137 -1.89 -26.45 58.44
N ASN G 138 -2.25 -25.55 57.52
CA ASN G 138 -1.56 -24.27 57.33
C ASN G 138 -0.08 -24.47 56.97
N PHE G 139 0.14 -25.04 55.79
CA PHE G 139 1.48 -25.23 55.27
C PHE G 139 1.57 -24.75 53.83
N TYR G 140 2.81 -24.48 53.40
CA TYR G 140 3.13 -24.11 52.03
C TYR G 140 4.60 -24.40 51.82
N PRO G 141 5.02 -24.86 50.64
CA PRO G 141 4.23 -25.19 49.45
C PRO G 141 3.47 -26.51 49.54
N ARG G 142 2.92 -26.95 48.41
CA ARG G 142 2.05 -28.11 48.38
C ARG G 142 2.79 -29.41 48.60
N GLU G 143 4.08 -29.47 48.27
CA GLU G 143 4.82 -30.73 48.23
C GLU G 143 5.14 -31.18 49.66
N ALA G 144 4.25 -31.99 50.21
CA ALA G 144 4.46 -32.67 51.48
C ALA G 144 4.04 -34.12 51.32
N LYS G 145 4.71 -35.02 52.02
CA LYS G 145 4.42 -36.44 51.86
C LYS G 145 4.47 -37.14 53.21
N VAL G 146 3.54 -38.08 53.41
CA VAL G 146 3.29 -38.68 54.71
C VAL G 146 3.26 -40.20 54.57
N GLN G 147 3.89 -40.89 55.51
CA GLN G 147 3.80 -42.34 55.65
C GLN G 147 2.90 -42.70 56.83
N TRP G 148 2.35 -43.92 56.77
CA TRP G 148 1.55 -44.47 57.85
C TRP G 148 2.27 -45.67 58.45
N LYS G 149 2.34 -45.74 59.78
CA LYS G 149 3.07 -46.80 60.45
C LYS G 149 2.24 -47.35 61.61
N VAL G 150 1.97 -48.65 61.58
CA VAL G 150 1.30 -49.34 62.67
C VAL G 150 2.32 -50.26 63.32
N ASP G 151 2.69 -49.97 64.56
CA ASP G 151 3.69 -50.73 65.32
C ASP G 151 5.02 -50.80 64.59
N ASN G 152 5.49 -49.62 64.15
CA ASN G 152 6.82 -49.46 63.56
C ASN G 152 7.00 -50.29 62.29
N ALA G 153 5.93 -50.49 61.53
CA ALA G 153 6.00 -51.04 60.18
C ALA G 153 5.12 -50.18 59.29
N LEU G 154 5.46 -50.12 58.01
CA LEU G 154 4.77 -49.24 57.07
C LEU G 154 3.59 -49.95 56.42
N GLN G 155 2.47 -49.23 56.29
CA GLN G 155 1.31 -49.70 55.54
C GLN G 155 1.22 -48.93 54.22
N SER G 156 0.99 -49.64 53.13
CA SER G 156 0.82 -49.03 51.82
C SER G 156 -0.42 -49.61 51.16
N GLY G 157 -1.11 -48.78 50.38
CA GLY G 157 -2.35 -49.18 49.75
C GLY G 157 -3.57 -49.10 50.63
N ASN G 158 -3.47 -48.46 51.79
CA ASN G 158 -4.59 -48.33 52.72
C ASN G 158 -4.66 -46.92 53.30
N SER G 159 -4.47 -45.91 52.47
CA SER G 159 -4.54 -44.52 52.91
C SER G 159 -5.08 -43.65 51.78
N GLN G 160 -5.93 -42.69 52.13
CA GLN G 160 -6.50 -41.76 51.16
C GLN G 160 -6.37 -40.33 51.65
N GLU G 161 -5.98 -39.42 50.76
CA GLU G 161 -5.70 -38.05 51.15
C GLU G 161 -6.54 -37.07 50.33
N SER G 162 -6.87 -35.95 50.95
CA SER G 162 -7.62 -34.88 50.31
C SER G 162 -7.00 -33.54 50.69
N VAL G 163 -6.87 -32.66 49.69
CA VAL G 163 -6.23 -31.37 49.83
C VAL G 163 -7.20 -30.29 49.38
N THR G 164 -7.27 -29.19 50.12
CA THR G 164 -8.07 -28.05 49.72
C THR G 164 -7.26 -27.09 48.87
N GLU G 165 -7.95 -26.09 48.32
CA GLU G 165 -7.31 -25.07 47.51
C GLU G 165 -6.60 -24.05 48.40
N GLN G 166 -5.89 -23.12 47.78
CA GLN G 166 -5.24 -22.06 48.52
C GLN G 166 -6.28 -21.20 49.23
N ASP G 167 -5.97 -20.86 50.49
CA ASP G 167 -6.89 -20.03 51.27
C ASP G 167 -7.00 -18.64 50.68
N SER G 168 -8.16 -18.02 50.83
CA SER G 168 -8.38 -16.70 50.27
C SER G 168 -7.67 -15.61 51.08
N LYS G 169 -7.32 -15.89 52.33
CA LYS G 169 -6.69 -14.88 53.19
C LYS G 169 -5.17 -14.91 53.09
N ASP G 170 -4.56 -16.06 53.39
CA ASP G 170 -3.11 -16.18 53.43
C ASP G 170 -2.54 -17.05 52.33
N SER G 171 -3.37 -17.62 51.46
CA SER G 171 -2.93 -18.48 50.36
C SER G 171 -2.12 -19.67 50.89
N THR G 172 -2.81 -20.51 51.66
CA THR G 172 -2.18 -21.61 52.36
C THR G 172 -3.01 -22.88 52.18
N TYR G 173 -2.35 -24.03 52.25
CA TYR G 173 -2.98 -25.31 51.97
C TYR G 173 -3.42 -26.00 53.27
N SER G 174 -4.04 -27.16 53.12
CA SER G 174 -4.46 -27.99 54.23
C SER G 174 -4.76 -29.39 53.71
N LEU G 175 -4.20 -30.41 54.37
CA LEU G 175 -4.24 -31.77 53.90
C LEU G 175 -4.80 -32.68 54.97
N SER G 176 -5.59 -33.68 54.56
CA SER G 176 -6.14 -34.65 55.49
C SER G 176 -5.93 -36.04 54.92
N SER G 177 -5.29 -36.90 55.70
CA SER G 177 -5.05 -38.29 55.30
C SER G 177 -5.81 -39.21 56.25
N THR G 178 -6.39 -40.26 55.67
CA THR G 178 -7.21 -41.21 56.41
C THR G 178 -6.66 -42.61 56.21
N LEU G 179 -6.51 -43.34 57.30
CA LEU G 179 -6.10 -44.74 57.33
C LEU G 179 -7.31 -45.57 57.75
N THR G 180 -7.67 -46.54 56.91
CA THR G 180 -8.92 -47.27 57.05
C THR G 180 -8.65 -48.76 57.25
N LEU G 181 -9.32 -49.35 58.24
CA LEU G 181 -9.22 -50.79 58.49
C LEU G 181 -10.55 -51.28 59.06
N SER G 182 -10.59 -52.56 59.43
CA SER G 182 -11.72 -53.14 60.14
C SER G 182 -11.45 -53.11 61.64
N LYS G 183 -12.43 -53.58 62.43
CA LYS G 183 -12.32 -53.51 63.88
C LYS G 183 -11.25 -54.46 64.40
N ALA G 184 -11.27 -55.71 63.95
CA ALA G 184 -10.32 -56.70 64.45
C ALA G 184 -8.89 -56.30 64.10
N ASP G 185 -8.68 -55.84 62.87
CA ASP G 185 -7.34 -55.41 62.47
C ASP G 185 -6.90 -54.21 63.30
N TYR G 186 -7.85 -53.37 63.72
CA TYR G 186 -7.51 -52.27 64.61
C TYR G 186 -7.08 -52.76 65.97
N GLU G 187 -7.82 -53.72 66.53
CA GLU G 187 -7.52 -54.21 67.87
C GLU G 187 -6.27 -55.08 67.90
N LYS G 188 -5.81 -55.57 66.76
CA LYS G 188 -4.68 -56.48 66.73
C LYS G 188 -3.38 -55.84 67.21
N HIS G 189 -3.30 -54.51 67.24
CA HIS G 189 -2.06 -53.82 67.60
C HIS G 189 -2.38 -52.71 68.59
N LYS G 190 -1.34 -51.97 68.96
CA LYS G 190 -1.43 -50.95 70.01
C LYS G 190 -1.07 -49.55 69.52
N VAL G 191 0.04 -49.40 68.79
CA VAL G 191 0.58 -48.09 68.44
C VAL G 191 0.23 -47.77 66.99
N TYR G 192 -0.23 -46.54 66.76
CA TYR G 192 -0.52 -46.04 65.42
C TYR G 192 0.16 -44.69 65.24
N ALA G 193 0.71 -44.44 64.06
CA ALA G 193 1.49 -43.23 63.85
C ALA G 193 1.45 -42.80 62.39
N CYS G 194 1.58 -41.49 62.19
CA CYS G 194 1.74 -40.91 60.86
CA CYS G 194 1.74 -40.91 60.86
C CYS G 194 2.98 -40.04 60.86
N GLU G 195 3.82 -40.20 59.84
CA GLU G 195 5.06 -39.45 59.70
C GLU G 195 4.92 -38.47 58.53
N VAL G 196 5.33 -37.23 58.75
CA VAL G 196 5.18 -36.16 57.76
C VAL G 196 6.56 -35.63 57.38
N THR G 197 6.72 -35.33 56.10
CA THR G 197 7.93 -34.68 55.59
C THR G 197 7.52 -33.53 54.69
N HIS G 198 8.17 -32.38 54.87
CA HIS G 198 7.87 -31.16 54.13
C HIS G 198 9.12 -30.31 54.06
N GLN G 199 9.13 -29.37 53.10
CA GLN G 199 10.29 -28.50 52.92
C GLN G 199 10.53 -27.65 54.16
N GLY G 200 9.47 -27.16 54.78
CA GLY G 200 9.62 -26.34 55.98
C GLY G 200 10.05 -27.11 57.20
N LEU G 201 10.04 -28.44 57.15
CA LEU G 201 10.49 -29.27 58.25
C LEU G 201 11.88 -29.81 57.94
N SER G 202 12.82 -29.58 58.86
CA SER G 202 14.19 -30.05 58.67
C SER G 202 14.24 -31.58 58.62
N SER G 203 13.53 -32.24 59.53
CA SER G 203 13.45 -33.69 59.57
C SER G 203 11.98 -34.09 59.69
N PRO G 204 11.63 -35.29 59.24
CA PRO G 204 10.24 -35.73 59.33
C PRO G 204 9.77 -35.76 60.78
N VAL G 205 8.49 -35.46 60.97
CA VAL G 205 7.86 -35.43 62.29
C VAL G 205 6.87 -36.59 62.36
N THR G 206 7.01 -37.41 63.40
CA THR G 206 6.18 -38.60 63.57
C THR G 206 5.24 -38.38 64.75
N LYS G 207 3.94 -38.53 64.51
CA LYS G 207 2.93 -38.42 65.56
C LYS G 207 2.35 -39.80 65.82
N SER G 208 2.40 -40.25 67.07
CA SER G 208 2.01 -41.59 67.43
C SER G 208 1.09 -41.57 68.65
N PHE G 209 0.27 -42.60 68.76
CA PHE G 209 -0.60 -42.79 69.91
C PHE G 209 -0.86 -44.27 70.12
N ASN G 210 -0.96 -44.66 71.39
CA ASN G 210 -1.20 -46.05 71.76
C ASN G 210 -2.69 -46.34 71.82
N ARG G 211 -3.03 -47.62 71.63
CA ARG G 211 -4.43 -48.02 71.62
C ARG G 211 -5.07 -47.78 72.98
N GLY G 212 -4.42 -48.23 74.06
CA GLY G 212 -4.96 -48.08 75.38
C GLY G 212 -4.61 -46.76 76.03
N GLU G 213 -4.87 -45.66 75.34
CA GLU G 213 -4.55 -44.32 75.83
C GLU G 213 -5.83 -43.53 76.01
N CYS G 214 -5.96 -42.88 77.15
CA CYS G 214 -7.13 -42.05 77.44
C CYS G 214 -6.73 -40.58 77.56
C1 NAG H . -15.22 -11.08 11.93
C2 NAG H . -16.45 -10.20 11.73
C3 NAG H . -16.26 -8.87 12.47
C4 NAG H . -15.89 -9.12 13.93
C5 NAG H . -14.73 -10.10 14.05
C6 NAG H . -14.47 -10.53 15.47
C7 NAG H . -17.91 -10.05 9.77
C8 NAG H . -17.99 -9.77 8.30
N2 NAG H . -16.69 -9.96 10.32
O3 NAG H . -17.47 -8.13 12.39
O4 NAG H . -15.50 -7.88 14.52
O5 NAG H . -15.01 -11.29 13.31
O6 NAG H . -15.58 -11.26 15.99
O7 NAG H . -18.90 -10.34 10.43
C1 NAG H . -16.44 -7.47 15.54
C2 NAG H . -15.83 -6.31 16.32
C3 NAG H . -16.82 -5.80 17.36
C4 NAG H . -18.16 -5.46 16.72
C5 NAG H . -18.67 -6.66 15.92
C6 NAG H . -19.93 -6.35 15.14
C7 NAG H . -13.39 -6.57 16.34
C8 NAG H . -12.21 -7.01 17.14
N2 NAG H . -14.58 -6.69 16.94
O3 NAG H . -16.29 -4.65 18.00
O4 NAG H . -19.10 -5.12 17.71
O5 NAG H . -17.68 -7.07 14.95
O6 NAG H . -21.08 -6.92 15.77
O7 NAG H . -13.28 -6.12 15.20
C1 FUC H . -15.52 -11.29 17.43
C2 FUC H . -16.95 -11.27 17.95
C3 FUC H . -17.69 -12.53 17.58
C4 FUC H . -16.93 -13.74 18.10
C5 FUC H . -15.51 -13.72 17.57
C6 FUC H . -14.63 -14.79 18.19
O2 FUC H . -17.67 -10.12 17.49
O3 FUC H . -18.98 -12.55 18.18
O4 FUC H . -16.90 -13.71 19.51
O5 FUC H . -14.85 -12.46 17.86
#